data_3FZ0
#
_entry.id   3FZ0
#
_cell.length_a   124.690
_cell.length_b   116.040
_cell.length_c   204.760
_cell.angle_alpha   90.00
_cell.angle_beta   90.00
_cell.angle_gamma   90.00
#
_symmetry.space_group_name_H-M   'C 2 2 21'
#
loop_
_entity.id
_entity.type
_entity.pdbx_description
1 polymer 'Nucleoside hydrolase, putative'
2 non-polymer 'CALCIUM ION'
3 non-polymer 2-[BIS-(2-HYDROXY-ETHYL)-AMINO]-2-HYDROXYMETHYL-PROPANE-1,3-DIOL
4 water water
#
_entity_poly.entity_id   1
_entity_poly.type   'polypeptide(L)'
_entity_poly.pdbx_seq_one_letter_code
;GSHMVHRKLIIDTDCGGDDAIAIMLAMTQPDVEVIAITVVWGNVEVNQGMENIGKLLDLYDADIPFFRGAEGPLVGERET
VQWGGFGSDGFGDAGFPPSQRVALQPKRHAALEILKILEEAEPSDDVVYQLVALGPLTNVALALRLNPDLFSKLGTDTIP
GIVIMNGTSESKGNSNMAAEFNSHCDPEAGVVVLQHKGWKCPVQLVNWEVTVNSPMTWGFYDKLVNRESTPNGRVAVNQN
KWQEFIEKLFQRLEAFTRIHDDGTRADTGDAEATQDVTCVVPDAVAVLVAIRPESVLDSFLTYVTVELHGRETRGATCID
WYGTEQSMAKKGRWRNCNVITKVDNEMFLKALRDIVEYVA
;
_entity_poly.pdbx_strand_id   A,B,C,D
#
loop_
_chem_comp.id
_chem_comp.type
_chem_comp.name
_chem_comp.formula
BTB non-polymer 2-[BIS-(2-HYDROXY-ETHYL)-AMINO]-2-HYDROXYMETHYL-PROPANE-1,3-DIOL 'C8 H19 N O5'
CA non-polymer 'CALCIUM ION' 'Ca 2'
#
# COMPACT_ATOMS: atom_id res chain seq x y z
N VAL A 5 18.69 40.62 12.91
CA VAL A 5 18.28 40.19 11.53
C VAL A 5 16.83 40.54 11.24
N HIS A 6 16.64 41.22 10.12
CA HIS A 6 15.29 41.45 9.63
C HIS A 6 14.82 40.20 8.87
N ARG A 7 13.65 39.68 9.24
CA ARG A 7 13.11 38.51 8.60
C ARG A 7 12.05 38.91 7.61
N LYS A 8 12.09 38.30 6.43
CA LYS A 8 11.02 38.47 5.44
C LYS A 8 10.30 37.15 5.26
N LEU A 9 9.03 37.10 5.65
CA LEU A 9 8.34 35.82 5.55
C LEU A 9 7.32 35.71 4.40
N ILE A 10 7.29 34.52 3.81
CA ILE A 10 6.20 34.08 2.97
C ILE A 10 5.41 33.14 3.86
N ILE A 11 4.10 33.36 3.97
CA ILE A 11 3.30 32.48 4.80
C ILE A 11 2.31 31.73 3.94
N ASP A 12 2.44 30.41 3.94
CA ASP A 12 1.53 29.57 3.15
C ASP A 12 0.49 28.99 4.10
N THR A 13 -0.78 29.18 3.77
CA THR A 13 -1.82 28.97 4.79
C THR A 13 -3.16 28.49 4.23
N ASP A 14 -3.85 27.67 5.02
CA ASP A 14 -5.25 27.35 4.69
C ASP A 14 -6.29 28.15 5.44
N CYS A 15 -5.87 29.24 6.09
CA CYS A 15 -6.77 30.33 6.51
C CYS A 15 -7.82 30.02 7.58
N GLY A 16 -7.47 29.15 8.52
CA GLY A 16 -8.35 28.88 9.67
C GLY A 16 -8.05 29.82 10.83
N GLY A 17 -8.61 29.48 11.98
CA GLY A 17 -8.51 30.33 13.16
C GLY A 17 -7.12 30.41 13.72
N ASP A 18 -6.42 29.27 13.81
CA ASP A 18 -5.03 29.33 14.29
C ASP A 18 -4.09 29.92 13.26
N ASP A 19 -4.42 29.78 11.98
CA ASP A 19 -3.66 30.49 10.92
C ASP A 19 -3.70 31.98 11.15
N ALA A 20 -4.87 32.53 11.49
CA ALA A 20 -4.99 33.98 11.77
C ALA A 20 -4.15 34.44 12.96
N ILE A 21 -4.21 33.71 14.08
CA ILE A 21 -3.40 34.05 15.24
C ILE A 21 -1.92 34.03 14.83
N ALA A 22 -1.54 33.01 14.05
CA ALA A 22 -0.16 32.86 13.57
C ALA A 22 0.32 34.03 12.74
N ILE A 23 -0.54 34.50 11.83
CA ILE A 23 -0.22 35.61 10.96
C ILE A 23 -0.17 36.89 11.80
N MET A 24 -1.08 37.00 12.76
CA MET A 24 -1.09 38.14 13.67
C MET A 24 0.22 38.18 14.49
N LEU A 25 0.72 37.02 14.86
CA LEU A 25 1.98 36.96 15.60
C LEU A 25 3.11 37.47 14.68
N ALA A 26 3.19 36.94 13.46
CA ALA A 26 4.24 37.41 12.54
C ALA A 26 4.19 38.92 12.31
N MET A 27 2.99 39.46 12.17
CA MET A 27 2.82 40.87 11.88
C MET A 27 2.99 41.83 13.04
N THR A 28 3.14 41.32 14.25
CA THR A 28 3.26 42.17 15.45
C THR A 28 4.59 41.97 16.16
N GLN A 29 5.52 41.31 15.49
CA GLN A 29 6.81 41.05 16.07
C GLN A 29 7.83 42.02 15.45
N PRO A 30 8.75 42.57 16.25
CA PRO A 30 9.71 43.47 15.58
C PRO A 30 10.74 42.70 14.72
N ASP A 31 11.30 43.38 13.73
CA ASP A 31 12.27 42.81 12.81
C ASP A 31 11.70 41.65 11.99
N VAL A 32 10.37 41.61 11.89
CA VAL A 32 9.66 40.71 11.01
C VAL A 32 8.75 41.47 10.03
N GLU A 33 8.74 41.04 8.78
CA GLU A 33 7.88 41.57 7.78
C GLU A 33 7.30 40.42 6.96
N VAL A 34 5.97 40.31 6.95
CA VAL A 34 5.32 39.35 6.07
C VAL A 34 5.26 39.97 4.68
N ILE A 35 5.91 39.36 3.71
CA ILE A 35 5.94 39.96 2.37
C ILE A 35 4.96 39.30 1.39
N ALA A 36 4.44 38.12 1.70
CA ALA A 36 3.37 37.53 0.90
C ALA A 36 2.64 36.48 1.70
N ILE A 37 1.35 36.30 1.38
CA ILE A 37 0.54 35.26 1.97
C ILE A 37 -0.01 34.42 0.82
N THR A 38 0.34 33.14 0.81
CA THR A 38 -0.09 32.23 -0.24
C THR A 38 -1.13 31.28 0.32
N VAL A 39 -2.28 31.19 -0.35
CA VAL A 39 -3.44 30.47 0.17
C VAL A 39 -3.54 29.08 -0.44
N VAL A 40 -3.82 28.10 0.39
CA VAL A 40 -3.91 26.69 -0.03
C VAL A 40 -5.20 26.09 0.57
N TRP A 41 -5.77 25.11 -0.12
CA TRP A 41 -6.93 24.38 0.36
C TRP A 41 -6.58 23.70 1.69
N GLY A 42 -7.57 23.26 2.43
CA GLY A 42 -7.36 22.56 3.68
C GLY A 42 -8.60 22.55 4.56
N ASN A 43 -8.60 23.31 5.64
CA ASN A 43 -9.76 23.39 6.45
C ASN A 43 -10.89 24.24 5.85
N VAL A 44 -10.52 25.14 4.94
CA VAL A 44 -11.49 25.82 4.13
C VAL A 44 -10.99 25.86 2.72
N GLU A 45 -11.93 26.03 1.84
CA GLU A 45 -11.65 26.13 0.42
CA GLU A 45 -11.72 26.17 0.41
C GLU A 45 -10.94 27.44 0.12
N VAL A 46 -10.11 27.40 -0.93
CA VAL A 46 -9.30 28.55 -1.34
C VAL A 46 -10.05 29.87 -1.48
N ASN A 47 -11.24 29.83 -2.05
CA ASN A 47 -12.07 31.01 -2.18
C ASN A 47 -12.46 31.59 -0.83
N GLN A 48 -12.85 30.71 0.09
CA GLN A 48 -13.14 31.13 1.45
C GLN A 48 -11.88 31.66 2.12
N GLY A 49 -10.77 30.95 1.92
CA GLY A 49 -9.47 31.34 2.44
C GLY A 49 -9.08 32.74 2.06
N MET A 50 -9.17 33.06 0.78
CA MET A 50 -8.96 34.43 0.30
C MET A 50 -9.80 35.46 1.07
N GLU A 51 -11.08 35.15 1.29
CA GLU A 51 -11.97 36.06 2.02
C GLU A 51 -11.47 36.27 3.46
N ASN A 52 -11.04 35.18 4.08
CA ASN A 52 -10.52 35.23 5.44
C ASN A 52 -9.27 36.13 5.56
N ILE A 53 -8.28 35.91 4.70
CA ILE A 53 -7.06 36.71 4.70
C ILE A 53 -7.41 38.19 4.46
N GLY A 54 -8.35 38.46 3.57
CA GLY A 54 -8.78 39.81 3.32
C GLY A 54 -9.37 40.46 4.56
N LYS A 55 -10.24 39.76 5.26
CA LYS A 55 -10.79 40.27 6.54
C LYS A 55 -9.68 40.50 7.59
N LEU A 56 -8.68 39.62 7.64
CA LEU A 56 -7.58 39.77 8.58
C LEU A 56 -6.71 40.96 8.25
N LEU A 57 -6.45 41.18 6.97
CA LEU A 57 -5.62 42.32 6.57
C LEU A 57 -6.35 43.65 6.70
N ASP A 58 -7.69 43.65 6.55
CA ASP A 58 -8.49 44.86 6.79
C ASP A 58 -8.24 45.35 8.21
N LEU A 59 -8.28 44.42 9.16
CA LEU A 59 -8.02 44.74 10.56
C LEU A 59 -6.72 45.55 10.75
N TYR A 60 -5.67 45.14 10.03
CA TYR A 60 -4.36 45.78 10.13
C TYR A 60 -4.15 46.93 9.14
N ASP A 61 -5.05 47.10 8.18
CA ASP A 61 -4.83 48.03 7.07
C ASP A 61 -3.58 47.68 6.27
N ALA A 62 -3.21 46.42 6.24
CA ALA A 62 -1.95 46.02 5.63
C ALA A 62 -2.13 45.81 4.14
N ASP A 63 -1.13 46.25 3.36
CA ASP A 63 -1.14 46.10 1.91
C ASP A 63 -0.35 44.87 1.43
N ILE A 64 -0.18 43.89 2.31
CA ILE A 64 0.49 42.65 1.97
C ILE A 64 -0.26 41.92 0.85
N PRO A 65 0.44 41.54 -0.22
CA PRO A 65 -0.29 40.82 -1.28
C PRO A 65 -0.57 39.33 -0.93
N PHE A 66 -1.73 38.81 -1.31
CA PHE A 66 -2.09 37.40 -1.08
C PHE A 66 -2.63 36.73 -2.35
N PHE A 67 -2.34 35.43 -2.47
CA PHE A 67 -2.47 34.74 -3.73
C PHE A 67 -3.22 33.42 -3.61
N ARG A 68 -4.07 33.16 -4.60
CA ARG A 68 -4.79 31.90 -4.73
CA ARG A 68 -4.79 31.90 -4.72
C ARG A 68 -3.87 30.75 -5.14
N GLY A 69 -3.84 29.70 -4.34
CA GLY A 69 -3.08 28.49 -4.66
C GLY A 69 -3.95 27.27 -4.96
N ALA A 70 -3.42 26.08 -4.69
CA ALA A 70 -4.07 24.82 -5.07
C ALA A 70 -5.41 24.59 -4.36
N GLU A 71 -6.41 24.18 -5.13
CA GLU A 71 -7.72 23.81 -4.60
C GLU A 71 -7.84 22.40 -4.07
N GLY A 72 -6.84 21.57 -4.35
CA GLY A 72 -6.81 20.21 -3.89
C GLY A 72 -5.38 19.70 -3.85
N PRO A 73 -5.21 18.44 -3.43
CA PRO A 73 -3.88 17.86 -3.26
C PRO A 73 -3.08 17.84 -4.58
N LEU A 74 -1.77 17.70 -4.46
CA LEU A 74 -0.89 17.47 -5.58
C LEU A 74 -1.36 16.31 -6.47
N VAL A 75 -1.82 15.22 -5.84
CA VAL A 75 -2.26 14.03 -6.56
C VAL A 75 -3.56 13.40 -6.04
N GLY A 76 -4.63 13.50 -6.82
CA GLY A 76 -5.92 12.84 -6.52
C GLY A 76 -6.82 13.67 -5.65
N GLU A 77 -8.04 13.20 -5.42
CA GLU A 77 -9.00 13.86 -4.53
CA GLU A 77 -8.94 13.95 -4.54
C GLU A 77 -8.55 13.82 -3.05
N ARG A 78 -8.90 14.86 -2.29
CA ARG A 78 -8.64 14.92 -0.84
C ARG A 78 -9.17 13.69 -0.11
N GLU A 79 -8.37 13.18 0.81
CA GLU A 79 -8.75 12.00 1.55
C GLU A 79 -9.01 12.43 3.00
N THR A 80 -9.09 13.73 3.22
CA THR A 80 -9.44 14.29 4.51
C THR A 80 -10.76 15.02 4.42
N VAL A 81 -11.31 15.34 5.58
CA VAL A 81 -12.57 16.04 5.70
C VAL A 81 -12.31 17.42 6.32
N GLN A 82 -13.13 18.43 5.98
CA GLN A 82 -13.03 19.76 6.63
C GLN A 82 -13.51 19.65 8.08
N TRP A 83 -12.66 20.09 9.00
CA TRP A 83 -12.88 19.91 10.44
C TRP A 83 -14.12 20.65 10.95
N GLY A 84 -14.21 21.95 10.68
CA GLY A 84 -15.34 22.77 11.14
C GLY A 84 -15.28 23.26 12.58
N GLY A 85 -14.13 23.07 13.25
CA GLY A 85 -13.95 23.51 14.63
C GLY A 85 -14.03 25.02 14.81
N PHE A 86 -13.54 25.77 13.82
CA PHE A 86 -13.63 27.23 13.86
C PHE A 86 -14.92 27.78 13.25
N GLY A 87 -15.81 26.88 12.81
CA GLY A 87 -17.10 27.26 12.22
C GLY A 87 -17.16 26.98 10.72
N SER A 88 -18.30 27.25 10.10
CA SER A 88 -18.47 26.88 8.67
C SER A 88 -17.50 27.58 7.67
N ASP A 89 -16.99 28.76 8.00
CA ASP A 89 -16.04 29.44 7.15
C ASP A 89 -14.61 29.34 7.70
N GLY A 90 -14.42 28.56 8.76
CA GLY A 90 -13.13 28.37 9.43
C GLY A 90 -12.63 29.62 10.16
N PHE A 91 -13.51 30.61 10.31
CA PHE A 91 -13.09 31.92 10.75
C PHE A 91 -14.10 32.53 11.73
N GLY A 92 -14.88 31.69 12.40
CA GLY A 92 -15.84 32.15 13.40
C GLY A 92 -17.30 32.38 13.01
N ASP A 93 -17.63 32.24 11.73
CA ASP A 93 -18.96 32.69 11.21
C ASP A 93 -19.39 33.97 11.92
N ALA A 94 -18.53 34.99 11.89
CA ALA A 94 -18.59 36.08 12.84
C ALA A 94 -19.26 37.34 12.34
N GLY A 95 -19.49 37.39 11.02
CA GLY A 95 -20.07 38.55 10.36
C GLY A 95 -19.09 39.70 10.18
N PHE A 96 -17.81 39.38 9.99
CA PHE A 96 -16.83 40.38 9.60
C PHE A 96 -17.21 41.02 8.27
N PRO A 97 -17.01 42.34 8.13
CA PRO A 97 -17.38 42.91 6.82
C PRO A 97 -16.45 42.34 5.73
N PRO A 98 -17.04 41.92 4.58
CA PRO A 98 -16.29 41.42 3.44
C PRO A 98 -15.25 42.45 2.97
N SER A 99 -14.11 41.94 2.56
CA SER A 99 -12.94 42.73 2.21
C SER A 99 -12.89 43.09 0.75
N GLN A 100 -12.58 44.36 0.51
CA GLN A 100 -12.40 44.88 -0.84
C GLN A 100 -10.99 44.56 -1.36
N ARG A 101 -10.11 44.02 -0.49
CA ARG A 101 -8.75 43.65 -0.87
C ARG A 101 -8.67 42.44 -1.81
N VAL A 102 -9.60 41.50 -1.68
CA VAL A 102 -9.63 40.28 -2.48
C VAL A 102 -9.58 40.52 -4.00
N ALA A 103 -10.48 41.35 -4.53
CA ALA A 103 -10.56 41.60 -5.99
C ALA A 103 -9.31 42.29 -6.53
N LEU A 104 -8.58 43.01 -5.67
CA LEU A 104 -7.38 43.74 -6.06
C LEU A 104 -6.20 42.82 -6.30
N GLN A 105 -6.24 41.63 -5.75
CA GLN A 105 -5.08 40.74 -5.74
C GLN A 105 -4.71 40.17 -7.12
N PRO A 106 -3.41 40.02 -7.38
CA PRO A 106 -2.96 39.47 -8.67
C PRO A 106 -3.53 38.06 -8.95
N LYS A 107 -3.55 37.63 -10.20
CA LYS A 107 -4.17 36.34 -10.58
C LYS A 107 -3.19 35.16 -10.49
N ARG A 108 -1.90 35.47 -10.56
CA ARG A 108 -0.81 34.54 -10.35
C ARG A 108 -1.19 33.43 -9.33
N HIS A 109 -1.09 32.18 -9.75
CA HIS A 109 -1.12 31.01 -8.84
C HIS A 109 -0.02 31.17 -7.78
N ALA A 110 -0.39 30.86 -6.53
CA ALA A 110 0.52 31.00 -5.39
C ALA A 110 1.90 30.38 -5.63
N ALA A 111 1.94 29.23 -6.30
CA ALA A 111 3.21 28.54 -6.57
C ALA A 111 4.14 29.43 -7.39
N LEU A 112 3.61 30.10 -8.40
CA LEU A 112 4.44 30.94 -9.22
C LEU A 112 4.81 32.23 -8.48
N GLU A 113 4.04 32.59 -7.45
CA GLU A 113 4.40 33.74 -6.63
C GLU A 113 5.57 33.41 -5.69
N ILE A 114 5.55 32.22 -5.10
CA ILE A 114 6.71 31.78 -4.31
C ILE A 114 7.97 31.94 -5.18
N LEU A 115 7.92 31.50 -6.44
CA LEU A 115 9.09 31.53 -7.31
C LEU A 115 9.50 32.95 -7.65
N LYS A 116 8.51 33.81 -7.87
CA LYS A 116 8.82 35.20 -8.18
C LYS A 116 9.49 35.90 -6.98
N ILE A 117 8.93 35.74 -5.78
CA ILE A 117 9.55 36.25 -4.56
C ILE A 117 10.97 35.76 -4.38
N LEU A 118 11.21 34.45 -4.52
CA LEU A 118 12.55 33.88 -4.41
C LEU A 118 13.48 34.41 -5.47
N GLU A 119 12.94 34.69 -6.65
CA GLU A 119 13.73 35.17 -7.76
C GLU A 119 14.19 36.60 -7.49
N GLU A 120 13.32 37.41 -6.91
CA GLU A 120 13.61 38.80 -6.59
C GLU A 120 14.31 39.01 -5.25
N ALA A 121 14.34 37.97 -4.43
CA ALA A 121 14.93 38.02 -3.10
C ALA A 121 16.39 38.40 -3.15
N GLU A 122 16.79 39.25 -2.22
CA GLU A 122 18.19 39.65 -2.14
C GLU A 122 18.76 39.33 -0.75
N PRO A 123 19.23 38.08 -0.56
CA PRO A 123 19.80 37.66 0.72
C PRO A 123 21.11 38.35 1.05
N SER A 124 21.21 38.83 2.28
CA SER A 124 22.41 39.43 2.83
C SER A 124 22.48 39.02 4.30
N ASP A 125 23.47 39.53 5.01
CA ASP A 125 23.59 39.28 6.42
C ASP A 125 22.64 40.09 7.30
N ASP A 126 22.09 41.18 6.74
CA ASP A 126 21.00 41.94 7.37
C ASP A 126 19.60 41.42 7.13
N VAL A 127 19.36 40.66 6.06
CA VAL A 127 18.01 40.28 5.61
C VAL A 127 17.98 38.79 5.29
N VAL A 128 17.26 38.01 6.08
CA VAL A 128 17.08 36.59 5.79
C VAL A 128 15.59 36.30 5.45
N TYR A 129 15.32 35.43 4.45
CA TYR A 129 13.96 35.05 3.97
C TYR A 129 13.54 33.67 4.48
N GLN A 130 12.27 33.55 4.91
CA GLN A 130 11.79 32.31 5.48
C GLN A 130 10.43 32.00 4.94
N LEU A 131 10.18 30.72 4.71
CA LEU A 131 8.86 30.25 4.33
C LEU A 131 8.33 29.50 5.53
N VAL A 132 7.15 29.90 5.99
CA VAL A 132 6.43 29.18 7.04
C VAL A 132 5.17 28.58 6.43
N ALA A 133 5.03 27.26 6.51
CA ALA A 133 3.87 26.58 5.90
C ALA A 133 2.86 26.11 6.98
N LEU A 134 1.63 26.61 6.86
CA LEU A 134 0.60 26.38 7.90
C LEU A 134 -0.55 25.53 7.40
N GLY A 135 -0.38 24.86 6.26
CA GLY A 135 -1.47 24.07 5.72
C GLY A 135 -0.89 22.89 4.99
N PRO A 136 -1.72 22.20 4.20
CA PRO A 136 -1.20 21.20 3.28
C PRO A 136 -0.07 21.79 2.41
N LEU A 137 0.97 21.02 2.11
CA LEU A 137 2.14 21.56 1.41
C LEU A 137 2.00 21.70 -0.09
N THR A 138 0.80 21.50 -0.62
CA THR A 138 0.61 21.56 -2.09
C THR A 138 1.34 22.69 -2.84
N ASN A 139 1.11 23.95 -2.46
CA ASN A 139 1.77 25.09 -3.15
C ASN A 139 3.30 25.01 -3.12
N VAL A 140 3.86 24.62 -1.96
CA VAL A 140 5.29 24.60 -1.77
C VAL A 140 5.90 23.49 -2.65
N ALA A 141 5.24 22.30 -2.67
CA ALA A 141 5.70 21.17 -3.48
C ALA A 141 5.70 21.52 -4.97
N LEU A 142 4.67 22.26 -5.38
CA LEU A 142 4.44 22.58 -6.75
C LEU A 142 5.53 23.58 -7.21
N ALA A 143 5.83 24.56 -6.36
CA ALA A 143 6.90 25.50 -6.62
C ALA A 143 8.26 24.75 -6.63
N LEU A 144 8.46 23.83 -5.68
CA LEU A 144 9.70 23.02 -5.65
C LEU A 144 9.98 22.20 -6.93
N ARG A 145 8.94 21.57 -7.53
CA ARG A 145 9.18 20.77 -8.75
C ARG A 145 9.41 21.66 -9.97
N LEU A 146 8.82 22.85 -9.99
CA LEU A 146 9.06 23.78 -11.09
C LEU A 146 10.46 24.41 -11.13
N ASN A 147 10.97 24.89 -9.99
CA ASN A 147 12.28 25.52 -9.95
C ASN A 147 12.86 25.27 -8.58
N PRO A 148 13.51 24.08 -8.40
CA PRO A 148 14.07 23.70 -7.11
C PRO A 148 15.21 24.58 -6.63
N ASP A 149 16.03 25.09 -7.55
CA ASP A 149 17.26 25.83 -7.22
C ASP A 149 17.02 27.10 -6.43
N LEU A 150 15.90 27.77 -6.67
CA LEU A 150 15.63 29.06 -6.04
C LEU A 150 15.42 28.92 -4.54
N PHE A 151 15.14 27.71 -4.08
CA PHE A 151 14.80 27.50 -2.69
C PHE A 151 16.00 27.57 -1.78
N SER A 152 17.21 27.61 -2.36
CA SER A 152 18.43 27.80 -1.57
C SER A 152 18.57 29.27 -1.12
N LYS A 153 17.72 30.15 -1.64
CA LYS A 153 17.81 31.55 -1.22
C LYS A 153 17.16 31.74 0.16
N LEU A 154 16.42 30.73 0.61
CA LEU A 154 15.81 30.79 1.94
C LEU A 154 16.80 30.39 3.03
N GLY A 155 16.76 31.15 4.12
CA GLY A 155 17.53 30.82 5.30
C GLY A 155 18.98 31.27 5.25
N THR A 156 19.73 30.75 6.19
CA THR A 156 21.15 30.96 6.33
C THR A 156 21.73 29.60 6.66
N ASP A 157 23.05 29.50 6.88
CA ASP A 157 23.62 28.23 7.33
C ASP A 157 23.11 27.95 8.76
N THR A 158 22.66 29.01 9.42
CA THR A 158 22.26 29.00 10.83
C THR A 158 20.74 29.13 11.08
N ILE A 159 20.06 29.89 10.22
CA ILE A 159 18.62 30.20 10.32
C ILE A 159 17.84 29.36 9.31
N PRO A 160 16.85 28.62 9.77
CA PRO A 160 16.02 27.77 8.92
C PRO A 160 15.28 28.55 7.85
N GLY A 161 15.34 28.04 6.63
CA GLY A 161 14.60 28.59 5.52
C GLY A 161 13.16 28.18 5.49
N ILE A 162 12.84 26.97 5.96
CA ILE A 162 11.48 26.49 5.94
C ILE A 162 11.06 25.90 7.29
N VAL A 163 9.93 26.36 7.79
CA VAL A 163 9.35 25.83 9.01
C VAL A 163 7.94 25.44 8.63
N ILE A 164 7.51 24.24 9.00
CA ILE A 164 6.19 23.73 8.60
C ILE A 164 5.40 23.28 9.85
N MET A 165 4.12 23.63 9.93
CA MET A 165 3.25 22.98 10.89
C MET A 165 2.69 21.73 10.18
N ASN A 166 3.16 20.57 10.63
CA ASN A 166 3.00 19.32 9.87
C ASN A 166 3.41 18.09 10.70
N GLY A 167 2.64 17.02 10.55
CA GLY A 167 3.02 15.70 11.03
C GLY A 167 2.91 15.51 12.53
N THR A 168 3.46 14.39 13.00
CA THR A 168 3.47 14.04 14.41
C THR A 168 4.91 13.63 14.79
N SER A 169 5.20 13.57 16.09
CA SER A 169 6.44 12.97 16.55
C SER A 169 6.19 11.63 17.23
N GLU A 170 4.92 11.27 17.43
CA GLU A 170 4.56 10.11 18.22
C GLU A 170 3.41 9.34 17.56
N SER A 171 3.15 9.69 16.30
CA SER A 171 1.96 9.24 15.58
C SER A 171 0.60 9.23 16.35
N LYS A 172 0.38 10.21 17.21
CA LYS A 172 -1.00 10.52 17.68
C LYS A 172 -1.73 11.30 16.59
N GLY A 173 -2.25 10.60 15.60
CA GLY A 173 -2.87 11.24 14.44
C GLY A 173 -4.20 11.88 14.77
N ASN A 174 -4.45 13.08 14.26
CA ASN A 174 -5.71 13.72 14.56
C ASN A 174 -6.64 13.73 13.33
N SER A 175 -6.15 13.14 12.23
CA SER A 175 -6.90 13.02 11.00
C SER A 175 -7.27 11.53 10.72
N ASN A 176 -6.29 10.65 10.69
CA ASN A 176 -6.55 9.22 10.87
C ASN A 176 -5.79 8.79 12.15
N MET A 177 -5.70 7.49 12.44
CA MET A 177 -5.04 7.05 13.65
C MET A 177 -3.57 7.48 13.78
N ALA A 178 -2.87 7.59 12.65
CA ALA A 178 -1.42 7.87 12.62
C ALA A 178 -1.02 9.25 12.17
N ALA A 179 -1.85 9.87 11.34
CA ALA A 179 -1.45 11.10 10.60
C ALA A 179 -2.10 12.38 11.12
N GLU A 180 -1.31 13.45 11.10
CA GLU A 180 -1.80 14.79 11.39
C GLU A 180 -2.47 15.36 10.13
N PHE A 181 -3.46 16.24 10.31
CA PHE A 181 -4.27 16.81 9.21
C PHE A 181 -3.49 17.29 7.97
N ASN A 182 -2.58 18.24 8.20
CA ASN A 182 -1.85 18.87 7.09
C ASN A 182 -1.09 17.81 6.32
N SER A 183 -0.46 16.91 7.02
CA SER A 183 0.29 15.83 6.40
C SER A 183 -0.66 14.89 5.64
N HIS A 184 -1.70 14.42 6.33
CA HIS A 184 -2.70 13.56 5.70
C HIS A 184 -3.35 14.22 4.50
N CYS A 185 -3.57 15.54 4.57
CA CYS A 185 -4.13 16.31 3.42
C CYS A 185 -3.37 16.09 2.12
N ASP A 186 -2.04 16.11 2.23
CA ASP A 186 -1.19 15.99 1.08
C ASP A 186 0.14 15.31 1.41
N PRO A 187 0.13 13.98 1.45
CA PRO A 187 1.32 13.22 1.79
C PRO A 187 2.40 13.38 0.72
N GLU A 188 1.97 13.34 -0.55
CA GLU A 188 2.88 13.52 -1.69
C GLU A 188 3.63 14.83 -1.59
N ALA A 189 2.91 15.92 -1.31
CA ALA A 189 3.57 17.20 -1.13
C ALA A 189 4.62 17.18 -0.02
N GLY A 190 4.33 16.50 1.09
CA GLY A 190 5.27 16.34 2.23
C GLY A 190 6.55 15.62 1.85
N VAL A 191 6.44 14.54 1.08
CA VAL A 191 7.60 13.86 0.52
C VAL A 191 8.45 14.83 -0.30
N VAL A 192 7.81 15.63 -1.15
CA VAL A 192 8.54 16.57 -2.01
C VAL A 192 9.34 17.56 -1.18
N VAL A 193 8.72 18.08 -0.13
CA VAL A 193 9.41 19.06 0.72
C VAL A 193 10.57 18.41 1.49
N LEU A 194 10.32 17.24 2.08
CA LEU A 194 11.32 16.55 2.90
C LEU A 194 12.48 15.89 2.12
N GLN A 195 12.22 15.47 0.88
CA GLN A 195 13.23 14.82 0.06
C GLN A 195 14.06 15.83 -0.74
N HIS A 196 13.66 17.09 -0.73
CA HIS A 196 14.35 18.13 -1.49
C HIS A 196 15.84 18.28 -1.11
N LYS A 197 16.71 18.26 -2.12
CA LYS A 197 18.13 18.50 -1.92
C LYS A 197 18.43 19.99 -2.10
N GLY A 198 19.13 20.57 -1.12
CA GLY A 198 19.56 21.94 -1.27
C GLY A 198 18.99 22.99 -0.32
N TRP A 199 18.23 22.58 0.70
CA TRP A 199 17.88 23.47 1.79
C TRP A 199 19.16 23.82 2.51
N LYS A 200 19.33 25.08 2.89
CA LYS A 200 20.51 25.51 3.64
C LYS A 200 20.53 24.90 5.06
N CYS A 201 19.35 24.65 5.61
CA CYS A 201 19.14 24.08 6.93
C CYS A 201 18.06 23.05 6.79
N PRO A 202 18.12 22.02 7.61
CA PRO A 202 17.03 21.02 7.62
C PRO A 202 15.68 21.68 7.86
N VAL A 203 14.64 21.10 7.27
CA VAL A 203 13.27 21.47 7.49
C VAL A 203 12.98 21.38 8.99
N GLN A 204 12.38 22.43 9.57
CA GLN A 204 11.97 22.34 10.98
C GLN A 204 10.54 21.81 11.04
N LEU A 205 10.31 20.70 11.74
CA LEU A 205 9.00 20.08 11.76
C LEU A 205 8.24 20.42 13.03
N VAL A 206 7.38 21.42 12.94
CA VAL A 206 6.55 21.77 14.08
C VAL A 206 5.31 20.87 14.12
N ASN A 207 5.41 19.78 14.86
CA ASN A 207 4.45 18.69 14.76
C ASN A 207 3.35 18.86 15.79
N TRP A 208 2.30 18.05 15.65
CA TRP A 208 1.11 18.13 16.49
C TRP A 208 1.42 18.03 18.00
N GLU A 209 2.18 17.02 18.42
CA GLU A 209 2.38 16.80 19.87
C GLU A 209 3.11 17.97 20.52
N VAL A 210 4.11 18.54 19.86
CA VAL A 210 4.82 19.63 20.47
C VAL A 210 3.88 20.86 20.61
N THR A 211 2.96 21.04 19.67
CA THR A 211 1.99 22.15 19.80
C THR A 211 0.96 21.87 20.93
N VAL A 212 0.55 20.60 21.10
CA VAL A 212 -0.31 20.23 22.20
C VAL A 212 0.35 20.53 23.55
N ASN A 213 1.68 20.36 23.61
CA ASN A 213 2.49 20.59 24.80
C ASN A 213 2.80 22.08 25.06
N SER A 214 2.42 22.95 24.11
CA SER A 214 2.54 24.41 24.29
C SER A 214 1.23 25.15 23.93
N PRO A 215 0.17 24.90 24.71
CA PRO A 215 -1.13 25.50 24.42
C PRO A 215 -1.33 26.81 25.20
N MET A 216 -2.49 27.43 25.01
CA MET A 216 -2.92 28.42 25.99
C MET A 216 -4.06 27.88 26.84
N THR A 217 -4.12 28.34 28.07
CA THR A 217 -5.22 28.07 28.97
C THR A 217 -6.46 28.87 28.54
N TRP A 218 -7.64 28.32 28.75
CA TRP A 218 -8.85 29.13 28.56
C TRP A 218 -8.87 30.37 29.44
N GLY A 219 -8.35 30.22 30.66
CA GLY A 219 -8.10 31.35 31.56
C GLY A 219 -7.19 32.42 30.97
N PHE A 220 -6.08 32.00 30.39
CA PHE A 220 -5.19 32.92 29.69
C PHE A 220 -5.93 33.62 28.55
N TYR A 221 -6.68 32.83 27.78
CA TYR A 221 -7.49 33.34 26.69
C TYR A 221 -8.47 34.41 27.18
N ASP A 222 -9.14 34.17 28.30
CA ASP A 222 -10.07 35.16 28.87
C ASP A 222 -9.40 36.53 29.08
N LYS A 223 -8.18 36.50 29.63
CA LYS A 223 -7.37 37.72 29.85
C LYS A 223 -6.89 38.34 28.54
N LEU A 224 -6.55 37.49 27.57
CA LEU A 224 -6.12 37.93 26.24
C LEU A 224 -7.15 38.85 25.54
N VAL A 225 -8.40 38.42 25.47
CA VAL A 225 -9.48 39.22 24.85
C VAL A 225 -10.16 40.20 25.83
N ASN A 226 -9.53 40.40 26.98
CA ASN A 226 -9.86 41.42 28.01
C ASN A 226 -11.11 41.21 28.87
N ARG A 227 -11.78 40.07 28.70
CA ARG A 227 -12.87 39.62 29.60
C ARG A 227 -12.64 39.92 31.10
N GLN A 239 -11.73 46.87 25.88
CA GLN A 239 -11.45 45.93 24.82
C GLN A 239 -10.99 46.69 23.56
N ASN A 240 -9.99 46.14 22.87
CA ASN A 240 -9.47 46.78 21.67
C ASN A 240 -9.79 46.01 20.39
N LYS A 241 -9.54 46.63 19.24
CA LYS A 241 -9.89 46.05 17.96
C LYS A 241 -9.26 44.66 17.75
N TRP A 242 -8.04 44.47 18.24
CA TRP A 242 -7.35 43.18 18.19
C TRP A 242 -8.08 42.12 19.02
N GLN A 243 -8.44 42.47 20.25
CA GLN A 243 -9.12 41.54 21.16
C GLN A 243 -10.53 41.20 20.68
N GLU A 244 -11.24 42.21 20.22
CA GLU A 244 -12.58 42.02 19.68
C GLU A 244 -12.56 41.01 18.54
N PHE A 245 -11.62 41.19 17.61
CA PHE A 245 -11.48 40.29 16.48
C PHE A 245 -11.14 38.88 16.92
N ILE A 246 -10.22 38.73 17.87
CA ILE A 246 -9.84 37.40 18.38
C ILE A 246 -11.04 36.70 19.05
N GLU A 247 -11.80 37.44 19.85
CA GLU A 247 -12.99 36.87 20.49
C GLU A 247 -13.97 36.33 19.46
N LYS A 248 -14.20 37.09 18.39
CA LYS A 248 -15.12 36.69 17.33
C LYS A 248 -14.60 35.50 16.52
N LEU A 249 -13.30 35.50 16.27
CA LEU A 249 -12.68 34.45 15.49
C LEU A 249 -12.74 33.06 16.17
N PHE A 250 -12.60 33.05 17.49
CA PHE A 250 -12.53 31.83 18.27
C PHE A 250 -13.86 31.40 18.92
N GLN A 251 -14.94 32.17 18.68
CA GLN A 251 -16.23 31.95 19.36
C GLN A 251 -16.85 30.56 19.14
N ARG A 252 -16.74 30.02 17.92
CA ARG A 252 -17.25 28.67 17.66
C ARG A 252 -16.35 27.62 18.28
N LEU A 253 -15.04 27.72 18.02
CA LEU A 253 -14.07 26.83 18.64
C LEU A 253 -14.30 26.77 20.13
N GLU A 254 -14.52 27.94 20.73
CA GLU A 254 -14.76 28.01 22.17
C GLU A 254 -16.03 27.23 22.57
N ALA A 255 -17.13 27.42 21.83
CA ALA A 255 -18.38 26.73 22.16
C ALA A 255 -18.27 25.21 21.94
N PHE A 256 -17.48 24.82 20.94
CA PHE A 256 -17.32 23.40 20.62
C PHE A 256 -16.43 22.64 21.62
N THR A 257 -15.33 23.27 22.04
CA THR A 257 -14.30 22.55 22.79
C THR A 257 -14.21 22.94 24.27
N ARG A 258 -14.55 24.19 24.60
CA ARG A 258 -14.47 24.62 26.00
C ARG A 258 -15.77 24.27 26.70
N VAL A 277 -9.38 22.18 29.58
CA VAL A 277 -8.84 23.40 30.18
C VAL A 277 -7.88 24.14 29.23
N THR A 278 -7.32 23.42 28.23
CA THR A 278 -6.36 24.05 27.31
C THR A 278 -6.84 24.19 25.86
N CYS A 279 -6.34 25.22 25.20
CA CYS A 279 -6.64 25.49 23.81
C CYS A 279 -5.35 25.43 23.01
N VAL A 280 -5.28 24.50 22.08
CA VAL A 280 -4.08 24.29 21.25
C VAL A 280 -4.19 25.19 20.03
N VAL A 281 -3.13 25.94 19.76
CA VAL A 281 -3.09 26.86 18.63
C VAL A 281 -1.88 26.56 17.76
N PRO A 282 -1.86 25.42 17.05
CA PRO A 282 -0.66 24.88 16.38
C PRO A 282 0.10 25.80 15.41
N ASP A 283 -0.60 26.49 14.52
CA ASP A 283 0.11 27.35 13.55
C ASP A 283 0.90 28.48 14.25
N ALA A 284 0.36 29.00 15.36
CA ALA A 284 1.02 30.09 16.08
C ALA A 284 2.35 29.59 16.64
N VAL A 285 2.40 28.31 17.02
CA VAL A 285 3.61 27.73 17.58
C VAL A 285 4.67 27.65 16.49
N ALA A 286 4.25 27.25 15.30
CA ALA A 286 5.13 27.20 14.13
C ALA A 286 5.74 28.58 13.80
N VAL A 287 4.93 29.63 13.80
CA VAL A 287 5.42 30.97 13.48
C VAL A 287 6.40 31.37 14.58
N LEU A 288 6.10 30.98 15.80
CA LEU A 288 7.00 31.32 16.88
C LEU A 288 8.39 30.68 16.70
N VAL A 289 8.40 29.39 16.35
CA VAL A 289 9.65 28.68 16.07
C VAL A 289 10.46 29.32 14.92
N ALA A 290 9.77 29.76 13.86
CA ALA A 290 10.45 30.41 12.74
C ALA A 290 11.15 31.70 13.15
N ILE A 291 10.48 32.50 13.98
CA ILE A 291 11.00 33.86 14.19
C ILE A 291 11.74 34.06 15.50
N ARG A 292 11.50 33.19 16.47
CA ARG A 292 12.28 33.16 17.69
C ARG A 292 12.84 31.77 17.86
N PRO A 293 13.97 31.47 17.20
CA PRO A 293 14.53 30.09 17.26
C PRO A 293 14.89 29.67 18.69
N GLU A 294 15.11 30.64 19.58
CA GLU A 294 15.47 30.37 20.99
C GLU A 294 14.30 29.75 21.77
N SER A 295 13.11 29.75 21.16
CA SER A 295 11.94 29.14 21.77
C SER A 295 11.94 27.61 21.63
N VAL A 296 12.83 27.07 20.82
CA VAL A 296 12.99 25.64 20.71
C VAL A 296 13.84 25.18 21.87
N LEU A 297 13.22 24.52 22.85
CA LEU A 297 13.94 24.09 24.02
C LEU A 297 14.52 22.69 23.83
N ASP A 298 13.91 21.92 22.93
CA ASP A 298 14.39 20.57 22.63
C ASP A 298 14.02 20.13 21.22
N SER A 299 14.90 19.39 20.56
CA SER A 299 14.61 18.88 19.24
C SER A 299 15.53 17.73 18.91
N PHE A 300 15.23 17.02 17.81
CA PHE A 300 15.99 15.88 17.39
C PHE A 300 16.16 15.90 15.87
N LEU A 301 17.40 16.09 15.43
CA LEU A 301 17.74 16.12 14.03
C LEU A 301 17.99 14.71 13.45
N THR A 302 17.18 14.31 12.48
CA THR A 302 17.37 12.98 11.93
C THR A 302 16.77 12.88 10.54
N TYR A 303 16.51 11.67 10.06
CA TYR A 303 15.83 11.46 8.77
C TYR A 303 14.31 11.27 8.95
N VAL A 304 13.54 12.05 8.23
CA VAL A 304 12.10 12.01 8.33
C VAL A 304 11.53 11.99 6.92
N THR A 305 10.44 11.22 6.75
CA THR A 305 9.67 11.21 5.52
C THR A 305 8.16 10.93 5.80
N VAL A 306 7.33 10.94 4.75
CA VAL A 306 5.89 10.77 4.91
C VAL A 306 5.44 9.51 4.17
N GLU A 307 4.65 8.68 4.84
CA GLU A 307 4.15 7.47 4.23
C GLU A 307 3.15 7.82 3.13
N LEU A 308 3.32 7.27 1.92
CA LEU A 308 2.33 7.47 0.83
C LEU A 308 1.34 6.34 0.64
N HIS A 309 1.75 5.12 1.02
CA HIS A 309 1.08 3.89 0.55
C HIS A 309 0.29 3.07 1.57
N GLY A 310 0.35 3.40 2.86
CA GLY A 310 -0.39 2.64 3.88
C GLY A 310 -1.90 2.81 3.77
N ARG A 311 -2.65 1.83 4.23
CA ARG A 311 -4.09 1.95 4.38
C ARG A 311 -4.43 2.85 5.58
N GLU A 312 -4.01 2.45 6.78
CA GLU A 312 -4.30 3.19 7.97
C GLU A 312 -3.26 4.31 8.24
N THR A 313 -2.07 4.20 7.63
CA THR A 313 -0.95 5.09 7.88
C THR A 313 -0.58 6.06 6.75
N ARG A 314 -1.42 6.20 5.71
CA ARG A 314 -1.19 7.22 4.67
C ARG A 314 -1.13 8.60 5.36
N GLY A 315 -0.08 9.35 5.08
CA GLY A 315 0.13 10.62 5.76
C GLY A 315 0.94 10.57 7.06
N ALA A 316 1.21 9.37 7.58
CA ALA A 316 2.05 9.22 8.79
C ALA A 316 3.43 9.86 8.60
N THR A 317 3.97 10.37 9.70
CA THR A 317 5.33 10.88 9.78
C THR A 317 6.27 9.75 10.20
N CYS A 318 7.22 9.41 9.34
CA CYS A 318 8.17 8.38 9.64
C CYS A 318 9.50 9.01 10.02
N ILE A 319 10.00 8.64 11.20
CA ILE A 319 11.13 9.24 11.82
C ILE A 319 12.17 8.15 12.16
N ASP A 320 13.40 8.36 11.72
CA ASP A 320 14.44 7.41 12.00
C ASP A 320 15.03 7.70 13.39
N TRP A 321 14.38 7.20 14.44
CA TRP A 321 14.82 7.44 15.80
C TRP A 321 16.21 6.87 16.13
N TYR A 322 16.54 5.72 15.57
CA TYR A 322 17.77 5.06 15.92
C TYR A 322 18.79 5.04 14.82
N GLY A 323 18.47 5.60 13.65
CA GLY A 323 19.46 5.75 12.59
C GLY A 323 20.81 6.38 13.03
N THR A 324 21.92 5.81 12.57
CA THR A 324 23.26 6.36 12.74
C THR A 324 23.80 6.89 11.40
N GLU A 325 24.99 7.49 11.43
CA GLU A 325 25.62 8.03 10.22
C GLU A 325 25.87 6.93 9.16
N GLN A 326 26.34 5.76 9.61
CA GLN A 326 26.56 4.63 8.69
C GLN A 326 25.23 3.99 8.25
N SER A 327 24.37 3.67 9.21
CA SER A 327 23.05 3.14 8.84
C SER A 327 22.29 4.02 7.82
N MET A 328 22.33 5.35 7.96
CA MET A 328 21.63 6.23 7.00
C MET A 328 22.29 6.26 5.62
N ALA A 329 23.62 6.15 5.60
CA ALA A 329 24.35 6.25 4.34
C ALA A 329 24.03 5.01 3.51
N LYS A 330 24.05 3.85 4.18
CA LYS A 330 23.70 2.59 3.56
C LYS A 330 22.34 2.65 2.86
N LYS A 331 21.39 3.36 3.44
CA LYS A 331 20.03 3.39 2.91
C LYS A 331 19.67 4.70 2.21
N GLY A 332 20.68 5.50 1.86
CA GLY A 332 20.45 6.75 1.12
C GLY A 332 19.71 7.82 1.90
N ARG A 333 19.74 7.73 3.21
CA ARG A 333 19.10 8.69 4.08
C ARG A 333 20.15 9.68 4.54
N TRP A 334 19.69 10.84 4.99
CA TRP A 334 20.56 11.82 5.63
C TRP A 334 19.70 12.59 6.63
N ARG A 335 20.34 13.38 7.49
CA ARG A 335 19.61 14.16 8.49
C ARG A 335 18.91 15.36 7.85
N ASN A 336 17.68 15.17 7.39
CA ASN A 336 17.01 16.20 6.60
C ASN A 336 15.96 16.99 7.37
N CYS A 337 15.80 16.70 8.66
CA CYS A 337 14.64 17.22 9.37
C CYS A 337 14.84 17.34 10.87
N ASN A 338 14.54 18.52 11.38
CA ASN A 338 14.67 18.78 12.78
C ASN A 338 13.29 18.66 13.43
N VAL A 339 13.10 17.60 14.22
CA VAL A 339 11.80 17.31 14.82
C VAL A 339 11.75 18.09 16.11
N ILE A 340 10.87 19.07 16.17
CA ILE A 340 10.82 19.93 17.38
C ILE A 340 10.06 19.19 18.47
N THR A 341 10.67 19.03 19.65
CA THR A 341 10.03 18.25 20.72
C THR A 341 9.62 19.04 21.95
N LYS A 342 10.18 20.23 22.12
CA LYS A 342 9.68 21.15 23.13
C LYS A 342 9.86 22.61 22.79
N VAL A 343 8.77 23.34 22.96
CA VAL A 343 8.75 24.79 22.76
C VAL A 343 8.53 25.48 24.11
N ASP A 344 9.18 26.63 24.27
CA ASP A 344 9.12 27.43 25.49
C ASP A 344 7.75 28.09 25.60
N ASN A 345 6.90 27.55 26.47
CA ASN A 345 5.49 27.99 26.58
C ASN A 345 5.39 29.46 27.02
N GLU A 346 6.28 29.83 27.92
CA GLU A 346 6.40 31.19 28.43
C GLU A 346 6.65 32.20 27.28
N MET A 347 7.56 31.85 26.35
CA MET A 347 7.83 32.71 25.20
C MET A 347 6.62 32.81 24.28
N PHE A 348 5.91 31.68 24.14
CA PHE A 348 4.71 31.60 23.33
C PHE A 348 3.62 32.53 23.86
N LEU A 349 3.31 32.42 25.15
CA LEU A 349 2.26 33.24 25.75
C LEU A 349 2.58 34.74 25.64
N LYS A 350 3.85 35.09 25.83
CA LYS A 350 4.29 36.47 25.72
C LYS A 350 4.07 36.99 24.31
N ALA A 351 4.31 36.15 23.31
CA ALA A 351 4.11 36.53 21.92
C ALA A 351 2.63 36.72 21.58
N LEU A 352 1.76 35.87 22.15
CA LEU A 352 0.32 36.06 22.02
C LEU A 352 -0.08 37.37 22.70
N ARG A 353 0.51 37.62 23.88
CA ARG A 353 0.26 38.83 24.66
C ARG A 353 0.65 40.03 23.81
N ASP A 354 1.77 39.92 23.09
CA ASP A 354 2.22 40.99 22.22
C ASP A 354 1.26 41.30 21.06
N ILE A 355 0.49 40.32 20.61
CA ILE A 355 -0.52 40.59 19.58
C ILE A 355 -1.53 41.64 20.02
N VAL A 356 -2.08 41.50 21.23
CA VAL A 356 -3.15 42.40 21.69
C VAL A 356 -2.66 43.75 22.24
N GLU A 357 -1.35 43.91 22.39
CA GLU A 357 -0.75 45.18 22.82
C GLU A 357 -0.06 45.95 21.70
N TYR A 358 -0.25 45.53 20.45
CA TYR A 358 0.46 46.09 19.32
C TYR A 358 -0.05 47.48 19.04
N VAL A 359 0.88 48.40 18.81
CA VAL A 359 0.57 49.69 18.21
C VAL A 359 1.43 49.87 16.97
N ALA A 360 0.78 50.14 15.83
CA ALA A 360 1.45 50.11 14.51
C ALA A 360 2.66 51.03 14.38
N VAL B 5 -5.54 -18.22 43.27
CA VAL B 5 -5.65 -18.26 41.76
C VAL B 5 -4.36 -18.74 41.13
N HIS B 6 -4.43 -19.90 40.49
CA HIS B 6 -3.30 -20.53 39.83
CA HIS B 6 -3.24 -20.43 39.85
C HIS B 6 -3.33 -20.17 38.36
N ARG B 7 -2.21 -19.77 37.80
CA ARG B 7 -2.15 -19.46 36.39
C ARG B 7 -1.46 -20.62 35.65
N LYS B 8 -2.03 -21.00 34.51
CA LYS B 8 -1.38 -21.97 33.62
C LYS B 8 -1.05 -21.20 32.37
N LEU B 9 0.23 -21.12 32.02
CA LEU B 9 0.63 -20.35 30.84
C LEU B 9 1.11 -21.18 29.67
N ILE B 10 0.74 -20.74 28.48
CA ILE B 10 1.35 -21.16 27.23
C ILE B 10 2.27 -20.00 26.88
N ILE B 11 3.53 -20.29 26.60
CA ILE B 11 4.43 -19.23 26.22
C ILE B 11 4.91 -19.49 24.79
N ASP B 12 4.59 -18.57 23.91
CA ASP B 12 5.01 -18.67 22.52
C ASP B 12 6.19 -17.76 22.36
N THR B 13 7.27 -18.27 21.77
CA THR B 13 8.54 -17.59 21.87
C THR B 13 9.49 -17.87 20.69
N ASP B 14 10.32 -16.87 20.39
CA ASP B 14 11.40 -17.06 19.43
C ASP B 14 12.79 -17.21 20.09
N CYS B 15 12.80 -17.45 21.40
CA CYS B 15 13.92 -18.12 22.06
C CYS B 15 15.24 -17.35 22.11
N GLY B 16 15.14 -16.02 22.21
CA GLY B 16 16.30 -15.17 22.43
C GLY B 16 16.61 -14.97 23.92
N GLY B 17 17.63 -14.15 24.19
CA GLY B 17 18.09 -13.88 25.55
C GLY B 17 16.97 -13.38 26.45
N ASP B 18 16.23 -12.37 26.01
CA ASP B 18 15.12 -11.86 26.83
C ASP B 18 13.93 -12.81 26.93
N ASP B 19 13.72 -13.64 25.91
CA ASP B 19 12.77 -14.75 26.05
C ASP B 19 13.16 -15.71 27.19
N ALA B 20 14.44 -16.02 27.32
CA ALA B 20 14.89 -16.91 28.39
C ALA B 20 14.63 -16.31 29.76
N ILE B 21 15.00 -15.03 29.97
CA ILE B 21 14.72 -14.33 31.23
C ILE B 21 13.20 -14.33 31.51
N ALA B 22 12.40 -14.09 30.48
CA ALA B 22 10.93 -14.10 30.64
C ALA B 22 10.39 -15.47 31.11
N ILE B 23 10.90 -16.54 30.50
CA ILE B 23 10.45 -17.89 30.85
C ILE B 23 10.93 -18.22 32.28
N MET B 24 12.15 -17.79 32.60
CA MET B 24 12.68 -17.91 33.94
C MET B 24 11.79 -17.22 34.96
N LEU B 25 11.26 -16.06 34.57
CA LEU B 25 10.42 -15.29 35.47
C LEU B 25 9.10 -16.04 35.69
N ALA B 26 8.45 -16.45 34.61
CA ALA B 26 7.25 -17.32 34.71
C ALA B 26 7.47 -18.56 35.57
N MET B 27 8.64 -19.20 35.45
CA MET B 27 8.88 -20.45 36.14
C MET B 27 9.27 -20.34 37.60
N THR B 28 9.47 -19.13 38.10
CA THR B 28 10.00 -18.94 39.47
C THR B 28 9.03 -18.10 40.28
N GLN B 29 7.82 -17.95 39.79
CA GLN B 29 6.83 -17.12 40.44
C GLN B 29 5.82 -18.07 41.08
N PRO B 30 5.34 -17.75 42.29
CA PRO B 30 4.39 -18.72 42.86
C PRO B 30 3.02 -18.65 42.20
N ASP B 31 2.25 -19.74 42.26
CA ASP B 31 0.90 -19.81 41.66
C ASP B 31 0.89 -19.67 40.14
N VAL B 32 2.05 -19.92 39.53
CA VAL B 32 2.20 -19.91 38.08
C VAL B 32 2.82 -21.24 37.67
N GLU B 33 2.26 -21.80 36.61
CA GLU B 33 2.79 -23.01 35.98
C GLU B 33 2.82 -22.85 34.44
N VAL B 34 4.03 -22.93 33.87
CA VAL B 34 4.18 -22.96 32.41
C VAL B 34 3.84 -24.38 31.98
N ILE B 35 2.75 -24.52 31.21
CA ILE B 35 2.30 -25.86 30.79
C ILE B 35 2.74 -26.23 29.37
N ALA B 36 3.17 -25.25 28.58
CA ALA B 36 3.69 -25.52 27.22
C ALA B 36 4.45 -24.35 26.67
N ILE B 37 5.51 -24.65 25.92
CA ILE B 37 6.32 -23.64 25.26
C ILE B 37 6.22 -23.94 23.77
N THR B 38 5.77 -22.95 23.02
CA THR B 38 5.63 -23.11 21.59
C THR B 38 6.64 -22.18 20.92
N VAL B 39 7.40 -22.74 19.98
CA VAL B 39 8.54 -22.04 19.41
C VAL B 39 8.15 -21.43 18.06
N VAL B 40 8.56 -20.18 17.85
CA VAL B 40 8.28 -19.52 16.57
C VAL B 40 9.58 -18.95 16.04
N TRP B 41 9.69 -18.83 14.71
CA TRP B 41 10.78 -18.09 14.05
C TRP B 41 10.81 -16.63 14.56
N GLY B 42 11.91 -15.93 14.32
CA GLY B 42 12.08 -14.54 14.72
C GLY B 42 13.55 -14.15 14.77
N ASN B 43 14.09 -14.03 15.98
CA ASN B 43 15.51 -13.74 16.11
C ASN B 43 16.45 -14.93 15.92
N VAL B 44 15.91 -16.13 16.09
CA VAL B 44 16.59 -17.35 15.68
C VAL B 44 15.64 -18.29 14.98
N GLU B 45 16.22 -19.13 14.14
CA GLU B 45 15.46 -20.13 13.45
C GLU B 45 14.87 -21.19 14.42
N VAL B 46 13.67 -21.69 14.09
CA VAL B 46 12.97 -22.67 14.94
C VAL B 46 13.84 -23.85 15.43
N ASN B 47 14.69 -24.39 14.56
CA ASN B 47 15.62 -25.43 14.98
C ASN B 47 16.57 -25.00 16.10
N GLN B 48 17.12 -23.80 15.99
CA GLN B 48 18.00 -23.27 16.99
C GLN B 48 17.15 -22.93 18.21
N GLY B 49 15.95 -22.39 18.02
CA GLY B 49 15.07 -22.10 19.14
C GLY B 49 14.82 -23.32 20.03
N MET B 50 14.42 -24.42 19.39
CA MET B 50 14.24 -25.69 20.06
C MET B 50 15.46 -26.04 20.94
N GLU B 51 16.66 -25.89 20.39
CA GLU B 51 17.88 -26.18 21.13
C GLU B 51 18.03 -25.26 22.34
N ASN B 52 17.68 -23.98 22.15
CA ASN B 52 17.72 -22.99 23.26
C ASN B 52 16.76 -23.34 24.39
N ILE B 53 15.48 -23.58 24.08
CA ILE B 53 14.50 -24.01 25.08
C ILE B 53 14.98 -25.27 25.81
N GLY B 54 15.52 -26.24 25.08
CA GLY B 54 16.04 -27.45 25.66
C GLY B 54 17.14 -27.19 26.65
N LYS B 55 18.06 -26.28 26.32
CA LYS B 55 19.14 -25.90 27.25
C LYS B 55 18.58 -25.18 28.47
N LEU B 56 17.59 -24.30 28.27
CA LEU B 56 16.95 -23.63 29.40
C LEU B 56 16.20 -24.61 30.33
N LEU B 57 15.47 -25.58 29.78
CA LEU B 57 14.78 -26.55 30.63
C LEU B 57 15.70 -27.56 31.32
N ASP B 58 16.84 -27.90 30.70
CA ASP B 58 17.90 -28.66 31.40
C ASP B 58 18.27 -28.00 32.72
N LEU B 59 18.53 -26.68 32.66
CA LEU B 59 18.88 -25.91 33.83
C LEU B 59 17.91 -26.17 35.00
N TYR B 60 16.62 -26.19 34.70
CA TYR B 60 15.58 -26.36 35.70
C TYR B 60 15.20 -27.81 35.98
N ASP B 61 15.70 -28.71 35.15
CA ASP B 61 15.20 -30.08 35.11
C ASP B 61 13.72 -30.19 34.90
N ALA B 62 13.14 -29.29 34.13
CA ALA B 62 11.68 -29.23 33.98
C ALA B 62 11.23 -30.13 32.84
N ASP B 63 10.13 -30.86 33.07
CA ASP B 63 9.56 -31.68 32.02
C ASP B 63 8.43 -30.99 31.23
N ILE B 64 8.47 -29.67 31.15
CA ILE B 64 7.55 -28.89 30.30
C ILE B 64 7.69 -29.26 28.81
N PRO B 65 6.59 -29.61 28.13
CA PRO B 65 6.73 -29.95 26.72
C PRO B 65 6.88 -28.72 25.83
N PHE B 66 7.70 -28.83 24.78
CA PHE B 66 7.90 -27.74 23.82
C PHE B 66 7.75 -28.18 22.36
N PHE B 67 7.32 -27.25 21.49
CA PHE B 67 6.84 -27.63 20.17
C PHE B 67 7.35 -26.73 19.06
N ARG B 68 7.69 -27.33 17.91
CA ARG B 68 8.17 -26.59 16.73
CA ARG B 68 8.15 -26.60 16.71
C ARG B 68 6.98 -25.92 16.06
N GLY B 69 7.10 -24.61 15.84
CA GLY B 69 6.10 -23.81 15.16
C GLY B 69 6.55 -23.35 13.78
N ALA B 70 6.00 -22.22 13.33
CA ALA B 70 6.21 -21.71 11.99
C ALA B 70 7.64 -21.25 11.76
N GLU B 71 8.17 -21.56 10.59
CA GLU B 71 9.55 -21.19 10.24
C GLU B 71 9.63 -19.85 9.52
N GLY B 72 8.47 -19.32 9.15
CA GLY B 72 8.38 -18.03 8.51
C GLY B 72 7.01 -17.42 8.72
N PRO B 73 6.82 -16.20 8.23
CA PRO B 73 5.57 -15.48 8.43
C PRO B 73 4.36 -16.23 7.88
N LEU B 74 3.19 -15.87 8.41
CA LEU B 74 1.93 -16.37 7.88
C LEU B 74 1.87 -16.22 6.37
N VAL B 75 2.34 -15.09 5.85
CA VAL B 75 2.24 -14.78 4.40
C VAL B 75 3.54 -14.18 3.85
N GLY B 76 4.21 -14.90 2.96
CA GLY B 76 5.41 -14.43 2.26
C GLY B 76 6.71 -14.57 3.03
N GLU B 77 7.83 -14.24 2.36
CA GLU B 77 9.15 -14.27 2.99
C GLU B 77 9.28 -13.21 4.08
N ARG B 78 10.13 -13.47 5.09
CA ARG B 78 10.38 -12.50 6.17
C ARG B 78 10.93 -11.22 5.57
N GLU B 79 10.50 -10.10 6.12
CA GLU B 79 10.92 -8.77 5.66
C GLU B 79 11.81 -8.13 6.74
N THR B 80 12.12 -8.92 7.76
CA THR B 80 13.03 -8.51 8.82
C THR B 80 14.33 -9.35 8.73
N VAL B 81 15.32 -8.87 9.45
CA VAL B 81 16.64 -9.49 9.55
C VAL B 81 16.80 -9.96 11.00
N GLN B 82 17.54 -11.06 11.19
CA GLN B 82 17.94 -11.52 12.54
C GLN B 82 18.91 -10.53 13.18
N TRP B 83 18.57 -10.09 14.38
CA TRP B 83 19.29 -9.04 15.08
C TRP B 83 20.75 -9.41 15.42
N GLY B 84 20.97 -10.56 16.06
CA GLY B 84 22.29 -10.96 16.49
C GLY B 84 22.85 -10.31 17.77
N GLY B 85 22.03 -9.56 18.50
CA GLY B 85 22.45 -8.90 19.75
C GLY B 85 22.85 -9.88 20.85
N PHE B 86 22.13 -10.98 20.95
CA PHE B 86 22.47 -12.00 21.91
C PHE B 86 23.50 -12.98 21.42
N GLY B 87 23.98 -12.81 20.19
CA GLY B 87 24.95 -13.74 19.57
C GLY B 87 24.41 -14.55 18.39
N SER B 88 25.29 -15.33 17.74
CA SER B 88 24.87 -16.06 16.55
C SER B 88 23.71 -17.06 16.76
N ASP B 89 23.55 -17.58 17.99
CA ASP B 89 22.48 -18.52 18.30
C ASP B 89 21.37 -17.87 19.11
N GLY B 90 21.44 -16.54 19.24
CA GLY B 90 20.53 -15.76 20.11
C GLY B 90 20.52 -16.12 21.59
N PHE B 91 21.60 -16.76 22.06
CA PHE B 91 21.58 -17.42 23.37
C PHE B 91 22.95 -17.39 24.08
N GLY B 92 23.81 -16.48 23.63
CA GLY B 92 25.10 -16.23 24.21
C GLY B 92 26.30 -16.83 23.52
N ASP B 93 26.12 -17.65 22.48
CA ASP B 93 27.20 -18.53 21.96
C ASP B 93 28.06 -19.07 23.12
N ALA B 94 27.40 -19.65 24.10
CA ALA B 94 28.00 -19.83 25.42
C ALA B 94 28.57 -21.20 25.71
N GLY B 95 28.35 -22.15 24.80
CA GLY B 95 28.81 -23.51 24.95
C GLY B 95 28.04 -24.28 25.99
N PHE B 96 26.76 -23.94 26.19
CA PHE B 96 25.87 -24.80 26.99
C PHE B 96 25.87 -26.26 26.44
N PRO B 97 25.81 -27.25 27.34
CA PRO B 97 25.71 -28.63 26.79
C PRO B 97 24.40 -28.80 26.05
N PRO B 98 24.45 -29.43 24.86
CA PRO B 98 23.25 -29.69 24.07
C PRO B 98 22.28 -30.52 24.90
N SER B 99 21.00 -30.31 24.67
CA SER B 99 19.93 -30.92 25.45
C SER B 99 19.41 -32.20 24.80
N GLN B 100 19.18 -33.22 25.63
CA GLN B 100 18.57 -34.47 25.17
C GLN B 100 17.04 -34.37 25.14
N ARG B 101 16.51 -33.27 25.66
CA ARG B 101 15.09 -33.05 25.71
C ARG B 101 14.46 -32.85 24.31
N VAL B 102 15.23 -32.26 23.40
CA VAL B 102 14.72 -31.88 22.07
C VAL B 102 14.11 -33.07 21.33
N ALA B 103 14.87 -34.16 21.17
CA ALA B 103 14.43 -35.36 20.44
C ALA B 103 13.21 -36.06 21.04
N LEU B 104 13.02 -35.90 22.35
CA LEU B 104 11.89 -36.51 23.05
C LEU B 104 10.57 -35.82 22.78
N GLN B 105 10.60 -34.57 22.30
CA GLN B 105 9.38 -33.78 22.20
C GLN B 105 8.49 -34.34 21.11
N PRO B 106 7.16 -34.24 21.27
CA PRO B 106 6.15 -34.62 20.24
C PRO B 106 6.29 -33.84 18.92
N LYS B 107 5.86 -34.46 17.81
CA LYS B 107 5.98 -33.84 16.48
C LYS B 107 4.98 -32.73 16.16
N ARG B 108 3.84 -32.77 16.82
CA ARG B 108 2.81 -31.74 16.70
C ARG B 108 3.34 -30.30 16.38
N HIS B 109 2.87 -29.70 15.28
CA HIS B 109 3.03 -28.26 15.06
C HIS B 109 2.55 -27.49 16.30
N ALA B 110 3.26 -26.41 16.63
CA ALA B 110 2.91 -25.53 17.74
C ALA B 110 1.47 -25.00 17.72
N ALA B 111 0.98 -24.65 16.53
CA ALA B 111 -0.40 -24.20 16.36
C ALA B 111 -1.40 -25.27 16.83
N LEU B 112 -1.14 -26.53 16.50
CA LEU B 112 -2.08 -27.61 16.85
C LEU B 112 -2.00 -27.93 18.31
N GLU B 113 -0.85 -27.62 18.92
CA GLU B 113 -0.65 -27.79 20.35
C GLU B 113 -1.41 -26.74 21.18
N ILE B 114 -1.37 -25.47 20.75
CA ILE B 114 -2.22 -24.46 21.36
C ILE B 114 -3.69 -24.96 21.40
N LEU B 115 -4.18 -25.51 20.29
CA LEU B 115 -5.58 -25.94 20.19
C LEU B 115 -5.86 -27.13 21.09
N LYS B 116 -4.86 -28.00 21.24
CA LYS B 116 -4.99 -29.18 22.08
C LYS B 116 -5.06 -28.78 23.55
N ILE B 117 -4.15 -27.92 23.99
CA ILE B 117 -4.20 -27.36 25.33
C ILE B 117 -5.52 -26.64 25.61
N LEU B 118 -5.97 -25.80 24.69
CA LEU B 118 -7.24 -25.10 24.89
C LEU B 118 -8.39 -26.07 24.99
N GLU B 119 -8.31 -27.14 24.21
CA GLU B 119 -9.39 -28.12 24.14
C GLU B 119 -9.47 -28.85 25.46
N GLU B 120 -8.32 -29.20 26.01
CA GLU B 120 -8.23 -29.93 27.30
C GLU B 120 -8.36 -29.06 28.56
N ALA B 121 -8.18 -27.74 28.41
CA ALA B 121 -8.25 -26.76 29.49
C ALA B 121 -9.51 -26.85 30.28
N GLU B 122 -9.35 -26.75 31.60
CA GLU B 122 -10.46 -26.81 32.53
C GLU B 122 -10.49 -25.55 33.44
N PRO B 123 -10.86 -24.39 32.86
CA PRO B 123 -10.85 -23.17 33.66
C PRO B 123 -11.90 -23.20 34.76
N SER B 124 -11.59 -22.57 35.88
CA SER B 124 -12.52 -22.46 37.00
C SER B 124 -12.27 -21.11 37.70
N ASP B 125 -12.94 -20.88 38.82
CA ASP B 125 -12.64 -19.75 39.70
C ASP B 125 -11.17 -19.78 40.11
N ASP B 126 -10.64 -21.00 40.35
CA ASP B 126 -9.28 -21.25 40.84
C ASP B 126 -8.18 -21.46 39.79
N VAL B 127 -8.53 -21.61 38.51
CA VAL B 127 -7.55 -21.89 37.48
C VAL B 127 -7.83 -21.05 36.25
N VAL B 128 -6.82 -20.32 35.81
CA VAL B 128 -6.99 -19.46 34.66
C VAL B 128 -5.83 -19.71 33.71
N TYR B 129 -6.16 -19.83 32.42
CA TYR B 129 -5.17 -20.07 31.40
C TYR B 129 -4.85 -18.77 30.70
N GLN B 130 -3.56 -18.53 30.42
CA GLN B 130 -3.11 -17.32 29.74
C GLN B 130 -2.09 -17.68 28.66
N LEU B 131 -2.13 -16.93 27.56
CA LEU B 131 -1.17 -17.11 26.50
C LEU B 131 -0.36 -15.86 26.51
N VAL B 132 0.95 -16.00 26.63
CA VAL B 132 1.85 -14.87 26.52
C VAL B 132 2.73 -15.09 25.30
N ALA B 133 2.73 -14.13 24.38
CA ALA B 133 3.42 -14.29 23.10
C ALA B 133 4.62 -13.39 23.10
N LEU B 134 5.80 -13.98 22.91
CA LEU B 134 7.05 -13.23 22.98
C LEU B 134 7.80 -13.16 21.67
N GLY B 135 7.12 -13.46 20.57
CA GLY B 135 7.76 -13.37 19.27
C GLY B 135 6.76 -12.95 18.21
N PRO B 136 7.12 -13.17 16.93
CA PRO B 136 6.15 -12.92 15.90
C PRO B 136 4.93 -13.77 16.21
N LEU B 137 3.75 -13.24 15.88
CA LEU B 137 2.49 -13.93 16.20
C LEU B 137 2.04 -15.09 15.29
N THR B 138 2.92 -15.60 14.45
CA THR B 138 2.53 -16.58 13.46
C THR B 138 1.76 -17.79 14.01
N ASN B 139 2.31 -18.47 15.03
CA ASN B 139 1.64 -19.63 15.59
C ASN B 139 0.27 -19.27 16.15
N VAL B 140 0.19 -18.17 16.86
CA VAL B 140 -1.09 -17.75 17.44
C VAL B 140 -2.17 -17.49 16.36
N ALA B 141 -1.79 -16.75 15.32
CA ALA B 141 -2.71 -16.44 14.25
C ALA B 141 -3.19 -17.71 13.60
N LEU B 142 -2.27 -18.64 13.39
CA LEU B 142 -2.55 -19.89 12.67
C LEU B 142 -3.56 -20.71 13.48
N ALA B 143 -3.30 -20.83 14.80
CA ALA B 143 -4.23 -21.47 15.70
C ALA B 143 -5.59 -20.77 15.70
N LEU B 144 -5.56 -19.44 15.81
CA LEU B 144 -6.81 -18.66 15.72
C LEU B 144 -7.68 -18.90 14.49
N ARG B 145 -7.10 -18.92 13.29
CA ARG B 145 -7.92 -19.15 12.06
C ARG B 145 -8.45 -20.60 11.98
N LEU B 146 -7.77 -21.56 12.59
CA LEU B 146 -8.23 -22.95 12.56
C LEU B 146 -9.42 -23.25 13.48
N ASN B 147 -9.43 -22.64 14.67
CA ASN B 147 -10.49 -22.90 15.64
C ASN B 147 -10.59 -21.72 16.56
N PRO B 148 -11.23 -20.64 16.07
CA PRO B 148 -11.31 -19.39 16.84
C PRO B 148 -12.04 -19.50 18.19
N ASP B 149 -13.09 -20.32 18.24
CA ASP B 149 -13.93 -20.50 19.45
C ASP B 149 -13.19 -20.90 20.72
N LEU B 150 -12.19 -21.78 20.59
CA LEU B 150 -11.46 -22.28 21.75
C LEU B 150 -10.74 -21.19 22.52
N PHE B 151 -10.47 -20.06 21.87
CA PHE B 151 -9.69 -18.99 22.49
C PHE B 151 -10.42 -18.23 23.59
N SER B 152 -11.72 -18.46 23.69
CA SER B 152 -12.50 -17.85 24.74
C SER B 152 -12.23 -18.56 26.08
N LYS B 153 -11.56 -19.71 26.03
CA LYS B 153 -11.19 -20.44 27.24
C LYS B 153 -10.07 -19.75 28.02
N LEU B 154 -9.39 -18.81 27.37
CA LEU B 154 -8.29 -18.04 27.99
C LEU B 154 -8.84 -16.84 28.76
N GLY B 155 -8.30 -16.63 29.95
CA GLY B 155 -8.58 -15.46 30.76
C GLY B 155 -9.84 -15.57 31.55
N THR B 156 -10.25 -14.44 32.10
CA THR B 156 -11.46 -14.30 32.89
C THR B 156 -12.11 -13.03 32.37
N ASP B 157 -13.25 -12.62 32.93
CA ASP B 157 -13.80 -11.29 32.59
C ASP B 157 -12.85 -10.20 33.10
N THR B 158 -11.96 -10.58 34.02
CA THR B 158 -11.09 -9.67 34.75
C THR B 158 -9.61 -9.88 34.36
N ILE B 159 -9.22 -11.14 34.17
CA ILE B 159 -7.83 -11.49 33.92
C ILE B 159 -7.65 -11.70 32.43
N PRO B 160 -6.68 -11.02 31.81
CA PRO B 160 -6.36 -11.09 30.40
C PRO B 160 -5.96 -12.49 29.97
N GLY B 161 -6.58 -12.98 28.91
CA GLY B 161 -6.23 -14.24 28.27
C GLY B 161 -5.00 -14.20 27.39
N ILE B 162 -4.71 -13.03 26.85
CA ILE B 162 -3.53 -12.91 25.98
C ILE B 162 -2.73 -11.64 26.27
N VAL B 163 -1.45 -11.84 26.48
CA VAL B 163 -0.52 -10.72 26.63
C VAL B 163 0.57 -10.90 25.60
N ILE B 164 0.84 -9.85 24.83
CA ILE B 164 1.82 -9.95 23.73
C ILE B 164 2.96 -8.94 23.85
N MET B 165 4.18 -9.38 23.61
CA MET B 165 5.28 -8.39 23.48
C MET B 165 5.36 -8.04 22.00
N ASN B 166 4.91 -6.83 21.68
CA ASN B 166 4.52 -6.47 20.30
C ASN B 166 4.27 -4.97 20.11
N GLY B 167 4.73 -4.43 18.98
CA GLY B 167 4.38 -3.09 18.59
C GLY B 167 4.98 -1.94 19.35
N THR B 168 4.47 -0.75 19.07
CA THR B 168 4.93 0.48 19.70
C THR B 168 3.72 1.26 20.24
N SER B 169 3.97 2.23 21.11
CA SER B 169 2.94 3.16 21.51
C SER B 169 3.18 4.54 20.94
N GLU B 170 4.31 4.74 20.28
CA GLU B 170 4.75 6.08 19.86
C GLU B 170 5.42 5.99 18.50
N SER B 171 5.26 4.85 17.85
CA SER B 171 5.99 4.48 16.65
C SER B 171 7.49 4.83 16.59
N LYS B 172 8.18 4.68 17.73
CA LYS B 172 9.62 4.53 17.73
C LYS B 172 9.96 3.10 17.33
N GLY B 173 9.98 2.83 16.03
CA GLY B 173 10.22 1.48 15.50
C GLY B 173 11.68 1.09 15.66
N ASN B 174 11.94 -0.18 15.97
CA ASN B 174 13.33 -0.63 16.13
C ASN B 174 13.68 -1.60 14.99
N SER B 175 12.70 -1.89 14.14
CA SER B 175 12.91 -2.73 12.96
C SER B 175 12.94 -1.92 11.65
N ASN B 176 11.86 -1.20 11.36
CA ASN B 176 11.96 -0.06 10.42
C ASN B 176 11.66 1.22 11.20
N MET B 177 11.53 2.36 10.53
CA MET B 177 11.32 3.64 11.24
C MET B 177 10.09 3.64 12.17
N ALA B 178 9.07 2.82 11.87
CA ALA B 178 7.80 2.90 12.58
C ALA B 178 7.46 1.66 13.39
N ALA B 179 8.02 0.51 12.98
CA ALA B 179 7.53 -0.80 13.48
C ALA B 179 8.54 -1.49 14.36
N GLU B 180 8.03 -2.09 15.45
CA GLU B 180 8.79 -2.95 16.35
C GLU B 180 9.03 -4.33 15.67
N PHE B 181 10.18 -4.95 15.95
CA PHE B 181 10.55 -6.27 15.41
C PHE B 181 9.44 -7.35 15.26
N ASN B 182 8.80 -7.74 16.35
CA ASN B 182 7.84 -8.86 16.31
C ASN B 182 6.66 -8.51 15.40
N SER B 183 6.17 -7.28 15.54
CA SER B 183 5.10 -6.77 14.70
C SER B 183 5.52 -6.78 13.24
N HIS B 184 6.67 -6.17 12.95
CA HIS B 184 7.21 -6.12 11.59
C HIS B 184 7.43 -7.53 11.02
N CYS B 185 7.83 -8.47 11.85
CA CYS B 185 8.08 -9.86 11.43
C CYS B 185 6.85 -10.46 10.85
N ASP B 186 5.70 -10.16 11.44
CA ASP B 186 4.49 -10.74 10.93
C ASP B 186 3.32 -9.84 11.21
N PRO B 187 3.12 -8.85 10.33
CA PRO B 187 2.03 -7.89 10.49
C PRO B 187 0.68 -8.59 10.32
N GLU B 188 0.55 -9.45 9.32
CA GLU B 188 -0.70 -10.19 9.08
C GLU B 188 -1.13 -10.96 10.34
N ALA B 189 -0.19 -11.62 10.99
CA ALA B 189 -0.50 -12.34 12.23
C ALA B 189 -1.06 -11.40 13.30
N GLY B 190 -0.50 -10.20 13.40
CA GLY B 190 -0.93 -9.20 14.37
C GLY B 190 -2.35 -8.72 14.12
N VAL B 191 -2.70 -8.55 12.84
CA VAL B 191 -4.06 -8.21 12.47
C VAL B 191 -5.04 -9.30 12.93
N VAL B 192 -4.68 -10.57 12.71
CA VAL B 192 -5.53 -11.68 13.07
C VAL B 192 -5.77 -11.67 14.59
N VAL B 193 -4.70 -11.45 15.36
CA VAL B 193 -4.79 -11.44 16.81
C VAL B 193 -5.69 -10.30 17.33
N LEU B 194 -5.43 -9.08 16.86
CA LEU B 194 -6.18 -7.88 17.28
C LEU B 194 -7.61 -7.78 16.73
N GLN B 195 -7.89 -8.32 15.55
CA GLN B 195 -9.24 -8.32 14.97
C GLN B 195 -10.13 -9.47 15.46
N HIS B 196 -9.58 -10.41 16.22
CA HIS B 196 -10.33 -11.59 16.65
C HIS B 196 -11.51 -11.24 17.56
N LYS B 197 -12.67 -11.83 17.27
CA LYS B 197 -13.87 -11.63 18.08
C LYS B 197 -13.97 -12.75 19.11
N GLY B 198 -14.13 -12.38 20.37
CA GLY B 198 -14.40 -13.35 21.39
C GLY B 198 -13.33 -13.54 22.46
N TRP B 199 -12.37 -12.64 22.54
CA TRP B 199 -11.48 -12.59 23.69
C TRP B 199 -12.33 -12.16 24.88
N LYS B 200 -12.09 -12.77 26.04
CA LYS B 200 -12.78 -12.38 27.27
C LYS B 200 -12.33 -11.00 27.76
N CYS B 201 -11.07 -10.66 27.48
CA CYS B 201 -10.50 -9.37 27.82
C CYS B 201 -9.72 -8.87 26.64
N PRO B 202 -9.67 -7.53 26.45
CA PRO B 202 -8.84 -6.97 25.38
C PRO B 202 -7.42 -7.50 25.45
N VAL B 203 -6.80 -7.70 24.29
CA VAL B 203 -5.37 -8.01 24.15
C VAL B 203 -4.58 -6.96 24.93
N GLN B 204 -3.62 -7.38 25.75
CA GLN B 204 -2.69 -6.46 26.42
C GLN B 204 -1.44 -6.28 25.57
N LEU B 205 -1.20 -5.05 25.13
CA LEU B 205 -0.09 -4.78 24.23
C LEU B 205 1.12 -4.29 25.00
N VAL B 206 2.06 -5.19 25.28
CA VAL B 206 3.29 -4.78 25.94
C VAL B 206 4.28 -4.34 24.84
N ASN B 207 4.29 -3.04 24.61
CA ASN B 207 4.97 -2.45 23.47
C ASN B 207 6.39 -2.06 23.82
N TRP B 208 7.16 -1.73 22.79
CA TRP B 208 8.56 -1.37 22.92
C TRP B 208 8.83 -0.25 23.94
N GLU B 209 8.15 0.88 23.81
CA GLU B 209 8.44 2.07 24.64
C GLU B 209 8.16 1.82 26.12
N VAL B 210 7.11 1.10 26.45
CA VAL B 210 6.89 0.81 27.85
C VAL B 210 7.97 -0.13 28.41
N THR B 211 8.55 -0.99 27.58
CA THR B 211 9.65 -1.84 28.07
C THR B 211 10.95 -1.06 28.18
N VAL B 212 11.19 -0.13 27.26
CA VAL B 212 12.35 0.74 27.38
C VAL B 212 12.29 1.54 28.71
N ASN B 213 11.06 1.88 29.10
CA ASN B 213 10.79 2.64 30.32
C ASN B 213 10.92 1.84 31.60
N SER B 214 11.05 0.53 31.47
CA SER B 214 11.21 -0.37 32.62
C SER B 214 12.39 -1.33 32.41
N PRO B 215 13.62 -0.79 32.37
CA PRO B 215 14.78 -1.62 32.09
C PRO B 215 15.48 -2.06 33.35
N MET B 216 16.56 -2.82 33.21
CA MET B 216 17.46 -2.93 34.36
C MET B 216 18.71 -2.10 34.07
N THR B 217 19.30 -1.58 35.12
CA THR B 217 20.61 -0.96 35.06
C THR B 217 21.69 -2.05 34.92
N TRP B 218 22.79 -1.73 34.22
CA TRP B 218 23.94 -2.61 34.22
C TRP B 218 24.48 -2.86 35.64
N GLY B 219 24.42 -1.84 36.49
CA GLY B 219 24.78 -1.95 37.94
C GLY B 219 23.90 -2.99 38.65
N PHE B 220 22.60 -2.95 38.40
CA PHE B 220 21.69 -3.93 38.96
C PHE B 220 22.07 -5.32 38.43
N TYR B 221 22.23 -5.42 37.10
CA TYR B 221 22.67 -6.65 36.46
C TYR B 221 23.90 -7.26 37.14
N ASP B 222 24.90 -6.41 37.42
CA ASP B 222 26.13 -6.88 38.03
C ASP B 222 25.82 -7.59 39.36
N LYS B 223 24.87 -7.05 40.12
CA LYS B 223 24.48 -7.64 41.40
C LYS B 223 23.64 -8.89 41.21
N LEU B 224 22.79 -8.88 40.19
CA LEU B 224 21.99 -10.04 39.81
C LEU B 224 22.87 -11.29 39.67
N VAL B 225 24.01 -11.16 39.00
CA VAL B 225 24.83 -12.33 38.64
C VAL B 225 26.02 -12.56 39.57
N ASN B 226 25.99 -11.87 40.72
CA ASN B 226 26.97 -11.94 41.80
C ASN B 226 28.36 -11.44 41.45
N ARG B 227 28.45 -10.53 40.50
CA ARG B 227 29.70 -9.85 40.34
C ARG B 227 29.90 -8.91 41.51
N GLU B 228 31.11 -8.91 42.04
CA GLU B 228 31.43 -7.90 42.99
C GLU B 228 32.74 -7.27 42.63
N SER B 229 32.99 -6.12 43.24
CA SER B 229 34.34 -5.60 43.51
C SER B 229 34.26 -4.10 43.69
N THR B 230 34.80 -3.66 44.81
CA THR B 230 35.66 -4.48 45.68
C THR B 230 35.17 -5.91 46.07
N PRO B 231 36.08 -6.91 46.07
CA PRO B 231 37.45 -7.00 45.50
C PRO B 231 37.61 -7.97 44.26
N ASN B 232 38.45 -7.67 43.23
CA ASN B 232 39.25 -6.44 42.98
C ASN B 232 40.15 -6.56 41.70
N GLY B 233 39.54 -6.56 40.49
CA GLY B 233 38.20 -6.06 40.23
C GLY B 233 37.16 -7.04 39.71
N ARG B 234 36.15 -6.50 39.04
CA ARG B 234 34.85 -7.18 38.77
C ARG B 234 34.99 -8.66 38.42
N VAL B 235 34.47 -9.50 39.30
CA VAL B 235 34.45 -10.95 39.11
C VAL B 235 33.30 -11.53 39.91
N ALA B 236 32.75 -12.62 39.39
CA ALA B 236 31.73 -13.40 40.08
C ALA B 236 32.37 -14.24 41.18
N VAL B 237 31.80 -14.21 42.38
CA VAL B 237 32.43 -14.96 43.46
C VAL B 237 31.73 -16.30 43.83
N ASN B 238 30.43 -16.27 44.10
CA ASN B 238 29.77 -17.54 44.49
C ASN B 238 28.40 -17.68 43.80
N GLN B 239 28.47 -17.72 42.46
CA GLN B 239 27.32 -17.85 41.63
C GLN B 239 26.57 -19.13 41.80
N ASN B 240 25.25 -19.02 41.93
CA ASN B 240 24.40 -20.18 41.79
C ASN B 240 24.26 -20.50 40.27
N LYS B 241 23.57 -21.61 39.93
CA LYS B 241 23.56 -22.09 38.56
C LYS B 241 22.67 -21.19 37.72
N TRP B 242 21.72 -20.47 38.37
CA TRP B 242 20.89 -19.44 37.72
C TRP B 242 21.72 -18.21 37.33
N GLN B 243 22.52 -17.69 38.23
CA GLN B 243 23.35 -16.52 37.91
C GLN B 243 24.39 -16.86 36.85
N GLU B 244 25.03 -18.01 36.99
CA GLU B 244 26.04 -18.44 36.00
C GLU B 244 25.46 -18.49 34.58
N PHE B 245 24.28 -19.11 34.48
CA PHE B 245 23.57 -19.21 33.22
C PHE B 245 23.21 -17.84 32.65
N ILE B 246 22.66 -16.94 33.49
CA ILE B 246 22.33 -15.60 33.06
C ILE B 246 23.57 -14.86 32.60
N GLU B 247 24.67 -14.95 33.34
CA GLU B 247 25.92 -14.32 32.88
C GLU B 247 26.36 -14.80 31.50
N LYS B 248 26.24 -16.09 31.24
CA LYS B 248 26.65 -16.66 29.96
C LYS B 248 25.68 -16.27 28.83
N LEU B 249 24.39 -16.25 29.15
CA LEU B 249 23.34 -15.91 28.20
C LEU B 249 23.45 -14.48 27.66
N PHE B 250 23.88 -13.55 28.52
CA PHE B 250 23.89 -12.12 28.20
C PHE B 250 25.29 -11.62 27.79
N GLN B 251 26.27 -12.51 27.74
CA GLN B 251 27.67 -12.07 27.54
C GLN B 251 27.91 -11.32 26.23
N ARG B 252 27.25 -11.74 25.15
CA ARG B 252 27.39 -11.07 23.85
C ARG B 252 26.67 -9.74 23.88
N LEU B 253 25.37 -9.77 24.22
CA LEU B 253 24.59 -8.55 24.42
C LEU B 253 25.39 -7.54 25.24
N GLU B 254 25.92 -8.00 26.37
CA GLU B 254 26.74 -7.13 27.22
C GLU B 254 27.94 -6.50 26.46
N ALA B 255 28.67 -7.31 25.67
CA ALA B 255 29.83 -6.77 24.94
C ALA B 255 29.40 -5.83 23.81
N PHE B 256 28.23 -6.05 23.25
CA PHE B 256 27.76 -5.27 22.13
C PHE B 256 27.22 -3.91 22.59
N THR B 257 26.52 -3.87 23.73
CA THR B 257 25.77 -2.67 24.09
C THR B 257 26.32 -1.96 25.32
N ARG B 258 26.91 -2.70 26.24
CA ARG B 258 27.45 -2.05 27.42
C ARG B 258 28.88 -1.55 27.15
N VAL B 277 23.81 2.85 29.93
CA VAL B 277 23.70 2.53 31.36
C VAL B 277 22.54 1.53 31.61
N THR B 278 21.55 1.50 30.72
CA THR B 278 20.41 0.58 30.92
C THR B 278 20.36 -0.56 29.91
N CYS B 279 19.80 -1.68 30.36
CA CYS B 279 19.58 -2.85 29.56
C CYS B 279 18.07 -3.16 29.52
N VAL B 280 17.50 -3.14 28.33
CA VAL B 280 16.06 -3.34 28.12
C VAL B 280 15.81 -4.82 27.93
N VAL B 281 14.86 -5.37 28.69
CA VAL B 281 14.53 -6.81 28.63
C VAL B 281 13.04 -7.02 28.29
N PRO B 282 12.62 -6.70 27.06
CA PRO B 282 11.18 -6.57 26.75
C PRO B 282 10.31 -7.76 27.09
N ASP B 283 10.71 -8.97 26.69
CA ASP B 283 9.84 -10.15 26.97
C ASP B 283 9.59 -10.39 28.45
N ALA B 284 10.55 -10.04 29.30
CA ALA B 284 10.37 -10.23 30.75
C ALA B 284 9.30 -9.30 31.27
N VAL B 285 9.23 -8.10 30.69
CA VAL B 285 8.22 -7.12 31.09
C VAL B 285 6.82 -7.65 30.74
N ALA B 286 6.69 -8.28 29.58
CA ALA B 286 5.42 -8.82 29.14
C ALA B 286 4.97 -9.96 30.09
N VAL B 287 5.86 -10.92 30.36
CA VAL B 287 5.55 -11.97 31.34
C VAL B 287 5.12 -11.37 32.70
N LEU B 288 5.80 -10.32 33.16
CA LEU B 288 5.40 -9.67 34.41
C LEU B 288 3.96 -9.11 34.34
N VAL B 289 3.63 -8.49 33.21
CA VAL B 289 2.30 -7.92 33.04
C VAL B 289 1.25 -9.03 33.13
N ALA B 290 1.53 -10.18 32.52
CA ALA B 290 0.59 -11.30 32.50
C ALA B 290 0.30 -11.85 33.86
N ILE B 291 1.34 -11.99 34.67
CA ILE B 291 1.14 -12.69 35.93
C ILE B 291 0.97 -11.76 37.16
N ARG B 292 1.45 -10.52 37.06
CA ARG B 292 1.23 -9.55 38.12
C ARG B 292 0.57 -8.31 37.54
N PRO B 293 -0.77 -8.38 37.35
CA PRO B 293 -1.50 -7.28 36.67
C PRO B 293 -1.37 -5.94 37.40
N GLU B 294 -1.04 -5.99 38.70
CA GLU B 294 -0.87 -4.80 39.52
C GLU B 294 0.42 -4.04 39.16
N SER B 295 1.29 -4.66 38.37
CA SER B 295 2.49 -4.00 37.84
C SER B 295 2.19 -2.97 36.75
N VAL B 296 0.97 -3.00 36.21
CA VAL B 296 0.57 -2.03 35.21
C VAL B 296 0.17 -0.77 35.97
N LEU B 297 0.98 0.26 35.91
CA LEU B 297 0.67 1.54 36.57
C LEU B 297 -0.22 2.43 35.71
N ASP B 298 -0.10 2.30 34.39
CA ASP B 298 -0.85 3.15 33.46
C ASP B 298 -1.06 2.41 32.15
N SER B 299 -2.25 2.60 31.59
CA SER B 299 -2.60 2.06 30.27
C SER B 299 -3.75 2.81 29.61
N PHE B 300 -3.98 2.50 28.34
CA PHE B 300 -4.99 3.16 27.56
C PHE B 300 -5.75 2.15 26.69
N LEU B 301 -7.01 1.92 27.05
CA LEU B 301 -7.86 0.98 26.32
C LEU B 301 -8.50 1.67 25.13
N THR B 302 -8.21 1.17 23.93
CA THR B 302 -8.80 1.78 22.71
C THR B 302 -8.75 0.78 21.56
N TYR B 303 -8.99 1.24 20.33
CA TYR B 303 -8.83 0.43 19.13
C TYR B 303 -7.42 0.50 18.57
N VAL B 304 -6.83 -0.67 18.36
CA VAL B 304 -5.50 -0.83 17.81
C VAL B 304 -5.53 -1.84 16.66
N THR B 305 -4.75 -1.55 15.63
CA THR B 305 -4.50 -2.51 14.55
C THR B 305 -3.07 -2.42 14.03
N VAL B 306 -2.68 -3.32 13.14
CA VAL B 306 -1.35 -3.26 12.50
C VAL B 306 -1.46 -2.92 11.00
N GLU B 307 -0.69 -1.95 10.53
CA GLU B 307 -0.58 -1.62 9.08
C GLU B 307 0.01 -2.78 8.29
N LEU B 308 -0.66 -3.16 7.20
CA LEU B 308 -0.15 -4.22 6.35
C LEU B 308 0.47 -3.72 5.04
N HIS B 309 0.09 -2.52 4.60
CA HIS B 309 0.36 -2.12 3.22
C HIS B 309 1.33 -0.94 3.01
N GLY B 310 1.80 -0.31 4.05
CA GLY B 310 2.69 0.83 3.85
C GLY B 310 4.06 0.41 3.34
N ARG B 311 4.78 1.34 2.75
CA ARG B 311 6.14 1.10 2.30
C ARG B 311 7.11 1.23 3.46
N GLU B 312 7.10 2.38 4.15
CA GLU B 312 7.93 2.60 5.36
CA GLU B 312 7.95 2.50 5.35
C GLU B 312 7.20 2.20 6.65
N THR B 313 5.88 1.97 6.58
CA THR B 313 5.10 1.70 7.79
C THR B 313 4.52 0.27 7.93
N ARG B 314 4.91 -0.65 7.05
CA ARG B 314 4.44 -2.03 7.20
C ARG B 314 4.87 -2.50 8.59
N GLY B 315 3.94 -3.07 9.36
CA GLY B 315 4.20 -3.52 10.73
C GLY B 315 3.90 -2.47 11.80
N ALA B 316 3.64 -1.22 11.41
CA ALA B 316 3.35 -0.16 12.37
C ALA B 316 2.13 -0.50 13.19
N THR B 317 2.16 -0.07 14.46
CA THR B 317 1.05 -0.11 15.35
C THR B 317 0.23 1.18 15.18
N CYS B 318 -1.02 1.01 14.76
CA CYS B 318 -2.00 2.09 14.67
C CYS B 318 -2.95 2.11 15.85
N ILE B 319 -3.03 3.25 16.53
CA ILE B 319 -3.76 3.41 17.76
C ILE B 319 -4.75 4.58 17.64
N ASP B 320 -6.03 4.34 17.98
CA ASP B 320 -7.08 5.36 17.91
C ASP B 320 -7.01 6.19 19.20
N TRP B 321 -6.14 7.17 19.25
CA TRP B 321 -5.95 7.98 20.46
C TRP B 321 -7.16 8.87 20.88
N TYR B 322 -8.00 9.31 19.92
CA TYR B 322 -9.04 10.32 20.19
C TYR B 322 -10.46 9.82 19.89
N GLY B 323 -10.55 8.58 19.41
CA GLY B 323 -11.80 7.97 19.05
C GLY B 323 -12.73 7.87 20.23
N THR B 324 -14.00 8.18 19.98
CA THR B 324 -15.02 8.07 21.01
C THR B 324 -15.82 6.80 20.74
N GLU B 325 -16.69 6.45 21.68
CA GLU B 325 -17.70 5.44 21.45
C GLU B 325 -18.42 5.70 20.10
N GLN B 326 -18.80 6.94 19.80
CA GLN B 326 -19.49 7.22 18.52
C GLN B 326 -18.62 6.99 17.27
N SER B 327 -17.40 7.54 17.26
CA SER B 327 -16.55 7.50 16.08
C SER B 327 -16.10 6.07 15.78
N MET B 328 -15.90 5.28 16.82
CA MET B 328 -15.56 3.85 16.63
C MET B 328 -16.77 3.07 16.11
N ALA B 329 -17.95 3.35 16.66
CA ALA B 329 -19.15 2.66 16.19
C ALA B 329 -19.31 2.84 14.68
N LYS B 330 -19.22 4.09 14.21
CA LYS B 330 -19.33 4.42 12.78
C LYS B 330 -18.26 3.77 11.87
N LYS B 331 -17.12 3.37 12.45
CA LYS B 331 -16.06 2.75 11.64
C LYS B 331 -15.90 1.24 11.85
N GLY B 332 -16.85 0.58 12.53
CA GLY B 332 -16.65 -0.82 12.87
C GLY B 332 -15.41 -1.01 13.72
N ARG B 333 -15.06 0.01 14.50
CA ARG B 333 -14.06 -0.18 15.57
C ARG B 333 -14.74 -0.48 16.90
N TRP B 334 -13.95 -1.00 17.83
CA TRP B 334 -14.35 -1.26 19.22
C TRP B 334 -13.06 -1.23 20.02
N ARG B 335 -13.16 -1.14 21.35
CA ARG B 335 -11.96 -1.09 22.19
C ARG B 335 -11.38 -2.49 22.40
N ASN B 336 -10.50 -2.88 21.47
CA ASN B 336 -9.99 -4.24 21.41
C ASN B 336 -8.64 -4.45 22.04
N CYS B 337 -8.00 -3.37 22.47
CA CYS B 337 -6.61 -3.47 22.92
C CYS B 337 -6.26 -2.51 24.06
N ASN B 338 -5.62 -3.05 25.10
CA ASN B 338 -5.13 -2.24 26.21
C ASN B 338 -3.65 -1.95 26.01
N VAL B 339 -3.35 -0.70 25.68
CA VAL B 339 -1.98 -0.27 25.38
C VAL B 339 -1.35 0.05 26.72
N ILE B 340 -0.37 -0.76 27.15
CA ILE B 340 0.30 -0.57 28.43
C ILE B 340 1.32 0.57 28.29
N THR B 341 1.22 1.61 29.14
CA THR B 341 2.08 2.79 28.99
C THR B 341 3.05 3.02 30.13
N LYS B 342 2.77 2.44 31.29
CA LYS B 342 3.71 2.37 32.40
C LYS B 342 3.64 1.09 33.23
N VAL B 343 4.82 0.49 33.42
CA VAL B 343 5.01 -0.68 34.27
C VAL B 343 5.85 -0.32 35.50
N ASP B 344 5.48 -0.91 36.63
CA ASP B 344 6.13 -0.68 37.93
C ASP B 344 7.54 -1.26 37.86
N ASN B 345 8.54 -0.38 37.75
CA ASN B 345 9.96 -0.83 37.64
C ASN B 345 10.43 -1.62 38.88
N GLU B 346 10.06 -1.12 40.05
CA GLU B 346 10.35 -1.75 41.32
C GLU B 346 9.85 -3.22 41.36
N MET B 347 8.60 -3.48 40.91
CA MET B 347 8.06 -4.84 40.89
C MET B 347 8.80 -5.70 39.88
N PHE B 348 9.20 -5.10 38.76
CA PHE B 348 10.01 -5.76 37.75
C PHE B 348 11.40 -6.24 38.25
N LEU B 349 12.14 -5.35 38.92
CA LEU B 349 13.43 -5.69 39.48
C LEU B 349 13.30 -6.80 40.53
N LYS B 350 12.25 -6.72 41.34
CA LYS B 350 12.05 -7.72 42.39
C LYS B 350 11.82 -9.10 41.76
N ALA B 351 11.04 -9.13 40.69
CA ALA B 351 10.77 -10.39 39.96
C ALA B 351 12.06 -10.96 39.37
N LEU B 352 12.95 -10.09 38.87
CA LEU B 352 14.23 -10.52 38.35
C LEU B 352 15.09 -11.05 39.50
N ARG B 353 15.05 -10.31 40.61
CA ARG B 353 15.73 -10.72 41.83
C ARG B 353 15.24 -12.12 42.22
N ASP B 354 13.95 -12.36 42.09
CA ASP B 354 13.36 -13.64 42.49
C ASP B 354 13.82 -14.81 41.62
N ILE B 355 14.18 -14.54 40.36
CA ILE B 355 14.75 -15.58 39.53
C ILE B 355 16.02 -16.19 40.17
N VAL B 356 16.94 -15.35 40.64
CA VAL B 356 18.24 -15.86 41.09
C VAL B 356 18.18 -16.47 42.51
N GLU B 357 17.04 -16.28 43.17
CA GLU B 357 16.86 -16.73 44.56
C GLU B 357 15.94 -17.97 44.62
N TYR B 358 15.60 -18.51 43.47
CA TYR B 358 14.62 -19.58 43.40
C TYR B 358 15.17 -20.92 43.92
N VAL B 359 14.40 -21.55 44.80
CA VAL B 359 14.71 -22.90 45.24
C VAL B 359 13.46 -23.74 44.90
N ALA B 360 13.67 -24.80 44.14
CA ALA B 360 12.53 -25.59 43.56
C ALA B 360 11.56 -26.15 44.60
N VAL C 5 -10.05 20.42 -41.22
CA VAL C 5 -9.55 20.58 -39.82
C VAL C 5 -8.02 20.63 -39.86
N HIS C 6 -7.43 21.79 -39.55
CA HIS C 6 -6.01 21.95 -39.30
C HIS C 6 -5.67 21.67 -37.82
N ARG C 7 -4.72 20.78 -37.58
CA ARG C 7 -4.33 20.42 -36.25
C ARG C 7 -3.03 21.13 -35.83
N LYS C 8 -3.01 21.67 -34.61
CA LYS C 8 -1.80 22.25 -34.05
C LYS C 8 -1.45 21.38 -32.87
N LEU C 9 -0.29 20.73 -32.91
CA LEU C 9 0.07 19.80 -31.85
C LEU C 9 1.21 20.25 -30.96
N ILE C 10 1.04 19.99 -29.66
CA ILE C 10 2.12 20.07 -28.69
C ILE C 10 2.49 18.62 -28.47
N ILE C 11 3.76 18.30 -28.66
CA ILE C 11 4.22 16.93 -28.45
C ILE C 11 5.14 16.89 -27.24
N ASP C 12 4.69 16.17 -26.19
CA ASP C 12 5.50 15.99 -25.00
C ASP C 12 6.20 14.62 -25.10
N THR C 13 7.51 14.58 -24.83
CA THR C 13 8.32 13.44 -25.27
C THR C 13 9.60 13.22 -24.48
N ASP C 14 9.97 11.96 -24.32
CA ASP C 14 11.24 11.61 -23.71
C ASP C 14 12.28 11.20 -24.73
N CYS C 15 12.01 11.52 -26.00
CA CYS C 15 13.06 11.61 -27.02
C CYS C 15 13.84 10.34 -27.34
N GLY C 16 13.14 9.20 -27.32
CA GLY C 16 13.70 7.94 -27.80
C GLY C 16 13.45 7.71 -29.28
N GLY C 17 13.84 6.53 -29.73
CA GLY C 17 13.75 6.15 -31.12
C GLY C 17 12.37 6.15 -31.66
N ASP C 18 11.42 5.57 -30.94
CA ASP C 18 10.04 5.62 -31.41
C ASP C 18 9.42 7.03 -31.28
N ASP C 19 9.85 7.79 -30.27
CA ASP C 19 9.44 9.20 -30.20
C ASP C 19 9.79 9.96 -31.49
N ALA C 20 11.00 9.73 -32.03
CA ALA C 20 11.45 10.37 -33.26
C ALA C 20 10.58 10.01 -34.47
N ILE C 21 10.30 8.72 -34.67
CA ILE C 21 9.39 8.27 -35.72
C ILE C 21 8.05 8.96 -35.55
N ALA C 22 7.54 9.03 -34.33
CA ALA C 22 6.24 9.64 -34.07
C ALA C 22 6.27 11.09 -34.51
N ILE C 23 7.31 11.82 -34.12
CA ILE C 23 7.43 13.25 -34.44
C ILE C 23 7.53 13.43 -35.96
N MET C 24 8.35 12.59 -36.59
CA MET C 24 8.44 12.54 -38.04
C MET C 24 7.05 12.34 -38.67
N LEU C 25 6.25 11.47 -38.07
CA LEU C 25 4.89 11.20 -38.59
C LEU C 25 4.04 12.48 -38.55
N ALA C 26 3.94 13.11 -37.38
CA ALA C 26 3.27 14.39 -37.24
C ALA C 26 3.74 15.44 -38.23
N MET C 27 5.06 15.51 -38.45
CA MET C 27 5.64 16.53 -39.32
C MET C 27 5.55 16.31 -40.83
N THR C 28 5.09 15.13 -41.22
CA THR C 28 4.96 14.78 -42.62
C THR C 28 3.51 14.57 -43.07
N GLN C 29 2.57 14.95 -42.22
CA GLN C 29 1.19 14.66 -42.48
C GLN C 29 0.54 15.98 -42.87
N PRO C 30 -0.35 15.96 -43.88
CA PRO C 30 -0.99 17.25 -44.24
C PRO C 30 -2.03 17.70 -43.20
N ASP C 31 -2.24 19.02 -43.14
CA ASP C 31 -3.16 19.65 -42.17
C ASP C 31 -2.79 19.40 -40.72
N VAL C 32 -1.52 19.08 -40.47
CA VAL C 32 -0.94 19.00 -39.14
C VAL C 32 0.26 19.95 -39.07
N GLU C 33 0.43 20.61 -37.92
CA GLU C 33 1.58 21.45 -37.64
C GLU C 33 1.95 21.22 -36.19
N VAL C 34 3.19 20.79 -35.96
CA VAL C 34 3.72 20.68 -34.61
C VAL C 34 4.15 22.08 -34.19
N ILE C 35 3.52 22.62 -33.15
CA ILE C 35 3.87 24.00 -32.74
C ILE C 35 4.83 24.08 -31.56
N ALA C 36 5.03 22.98 -30.81
CA ALA C 36 6.02 22.94 -29.74
C ALA C 36 6.36 21.51 -29.38
N ILE C 37 7.61 21.30 -28.97
CA ILE C 37 8.00 19.99 -28.47
C ILE C 37 8.48 20.15 -27.04
N THR C 38 7.85 19.48 -26.11
CA THR C 38 8.21 19.62 -24.70
C THR C 38 8.93 18.35 -24.26
N VAL C 39 10.10 18.51 -23.66
CA VAL C 39 10.92 17.36 -23.32
C VAL C 39 10.72 16.92 -21.87
N VAL C 40 10.61 15.62 -21.66
CA VAL C 40 10.45 15.06 -20.32
C VAL C 40 11.48 13.93 -20.10
N TRP C 41 11.86 13.70 -18.83
CA TRP C 41 12.74 12.59 -18.48
C TRP C 41 12.04 11.30 -18.84
N GLY C 42 12.79 10.21 -18.98
CA GLY C 42 12.18 8.90 -19.21
C GLY C 42 13.24 7.88 -19.65
N ASN C 43 13.30 7.62 -20.95
CA ASN C 43 14.30 6.69 -21.43
C ASN C 43 15.67 7.32 -21.60
N VAL C 44 15.67 8.64 -21.73
CA VAL C 44 16.91 9.41 -21.64
C VAL C 44 16.68 10.65 -20.78
N GLU C 45 17.75 11.10 -20.15
CA GLU C 45 17.71 12.32 -19.35
C GLU C 45 17.46 13.58 -20.25
N VAL C 46 16.82 14.58 -19.65
CA VAL C 46 16.33 15.76 -20.35
C VAL C 46 17.37 16.43 -21.23
N ASN C 47 18.59 16.53 -20.71
CA ASN C 47 19.70 17.09 -21.47
C ASN C 47 20.01 16.32 -22.74
N GLN C 48 19.97 15.00 -22.65
CA GLN C 48 20.22 14.16 -23.80
C GLN C 48 19.02 14.27 -24.74
N GLY C 49 17.83 14.39 -24.17
CA GLY C 49 16.59 14.52 -24.95
C GLY C 49 16.62 15.75 -25.82
N MET C 50 16.96 16.88 -25.21
CA MET C 50 17.17 18.16 -25.91
C MET C 50 18.11 17.98 -27.10
N GLU C 51 19.22 17.26 -26.89
CA GLU C 51 20.16 17.01 -27.98
C GLU C 51 19.53 16.21 -29.10
N ASN C 52 18.74 15.19 -28.73
CA ASN C 52 18.06 14.35 -29.68
C ASN C 52 17.06 15.15 -30.56
N ILE C 53 16.21 15.94 -29.91
CA ILE C 53 15.23 16.76 -30.62
C ILE C 53 15.95 17.69 -31.59
N GLY C 54 17.07 18.25 -31.12
CA GLY C 54 17.87 19.17 -31.92
C GLY C 54 18.35 18.51 -33.18
N LYS C 55 18.81 17.26 -33.05
CA LYS C 55 19.33 16.53 -34.23
C LYS C 55 18.18 16.16 -35.19
N LEU C 56 16.99 15.91 -34.64
CA LEU C 56 15.85 15.56 -35.47
C LEU C 56 15.34 16.79 -36.22
N LEU C 57 15.37 17.95 -35.56
CA LEU C 57 14.89 19.16 -36.23
C LEU C 57 15.89 19.66 -37.29
N ASP C 58 17.18 19.44 -37.03
CA ASP C 58 18.23 19.70 -38.03
C ASP C 58 17.89 19.04 -39.35
N LEU C 59 17.54 17.74 -39.28
CA LEU C 59 17.16 16.97 -40.44
C LEU C 59 16.09 17.67 -41.28
N TYR C 60 15.09 18.27 -40.60
CA TYR C 60 13.96 18.90 -41.27
C TYR C 60 14.15 20.39 -41.55
N ASP C 61 15.24 20.96 -41.01
CA ASP C 61 15.47 22.40 -40.85
CA ASP C 61 15.42 22.41 -41.00
C ASP C 61 14.24 23.15 -40.35
N ALA C 62 13.57 22.54 -39.39
CA ALA C 62 12.38 23.09 -38.79
C ALA C 62 12.73 24.04 -37.64
N ASP C 63 12.01 25.16 -37.56
CA ASP C 63 12.22 26.13 -36.48
C ASP C 63 11.20 25.99 -35.34
N ILE C 64 10.67 24.77 -35.16
CA ILE C 64 9.78 24.46 -34.05
C ILE C 64 10.53 24.63 -32.71
N PRO C 65 9.92 25.38 -31.77
CA PRO C 65 10.62 25.56 -30.50
C PRO C 65 10.50 24.32 -29.62
N PHE C 66 11.54 24.00 -28.83
CA PHE C 66 11.48 22.88 -27.91
C PHE C 66 12.02 23.24 -26.51
N PHE C 67 11.49 22.59 -25.49
CA PHE C 67 11.64 23.07 -24.11
C PHE C 67 12.04 21.98 -23.10
N ARG C 68 12.85 22.39 -22.14
CA ARG C 68 13.29 21.53 -21.05
C ARG C 68 12.19 21.38 -20.01
N GLY C 69 11.90 20.14 -19.64
CA GLY C 69 10.89 19.89 -18.64
C GLY C 69 11.45 19.18 -17.44
N ALA C 70 10.59 18.39 -16.78
CA ALA C 70 10.98 17.71 -15.55
C ALA C 70 12.10 16.65 -15.69
N GLU C 71 13.05 16.69 -14.77
CA GLU C 71 14.16 15.74 -14.79
C GLU C 71 13.87 14.45 -14.01
N GLY C 72 12.70 14.40 -13.38
CA GLY C 72 12.29 13.26 -12.58
C GLY C 72 10.79 13.33 -12.36
N PRO C 73 10.25 12.31 -11.68
CA PRO C 73 8.84 12.21 -11.40
C PRO C 73 8.29 13.41 -10.62
N LEU C 74 6.98 13.62 -10.75
CA LEU C 74 6.26 14.56 -9.88
C LEU C 74 6.62 14.37 -8.39
N VAL C 75 6.69 13.10 -7.94
CA VAL C 75 6.91 12.82 -6.53
C VAL C 75 7.91 11.67 -6.36
N GLY C 76 9.03 11.94 -5.72
CA GLY C 76 10.03 10.92 -5.35
C GLY C 76 11.00 10.58 -6.46
N GLU C 77 12.06 9.82 -6.13
CA GLU C 77 13.04 9.24 -7.09
C GLU C 77 12.33 8.32 -8.11
N ARG C 78 12.83 8.27 -9.34
CA ARG C 78 12.33 7.30 -10.34
C ARG C 78 12.41 5.87 -9.80
N GLU C 79 11.40 5.07 -10.11
CA GLU C 79 11.34 3.68 -9.67
C GLU C 79 11.46 2.78 -10.90
N THR C 80 11.68 3.41 -12.05
CA THR C 80 12.03 2.71 -13.28
C THR C 80 13.53 2.83 -13.59
N VAL C 81 13.96 2.03 -14.57
CA VAL C 81 15.33 1.99 -15.09
C VAL C 81 15.28 2.44 -16.55
N GLN C 82 16.36 3.08 -17.05
CA GLN C 82 16.47 3.43 -18.49
C GLN C 82 16.67 2.15 -19.29
N TRP C 83 15.82 1.97 -20.31
CA TRP C 83 15.77 0.72 -21.09
C TRP C 83 17.08 0.40 -21.84
N GLY C 84 17.57 1.36 -22.63
CA GLY C 84 18.77 1.18 -23.46
C GLY C 84 18.57 0.41 -24.75
N GLY C 85 17.32 0.20 -25.17
CA GLY C 85 17.00 -0.51 -26.40
C GLY C 85 17.40 0.23 -27.66
N PHE C 86 17.28 1.55 -27.63
CA PHE C 86 17.73 2.39 -28.73
C PHE C 86 19.22 2.80 -28.67
N GLY C 87 19.91 2.37 -27.62
CA GLY C 87 21.35 2.69 -27.43
C GLY C 87 21.54 3.61 -26.23
N SER C 88 22.80 3.88 -25.89
CA SER C 88 23.10 4.70 -24.70
C SER C 88 22.53 6.15 -24.69
N ASP C 89 22.31 6.72 -25.87
CA ASP C 89 21.68 8.05 -25.95
C ASP C 89 20.18 7.99 -26.34
N GLY C 90 19.63 6.76 -26.38
CA GLY C 90 18.28 6.50 -26.85
C GLY C 90 17.99 6.89 -28.29
N PHE C 91 19.03 7.02 -29.10
CA PHE C 91 18.90 7.65 -30.41
C PHE C 91 19.88 7.04 -31.42
N GLY C 92 20.28 5.79 -31.14
CA GLY C 92 21.12 5.04 -32.07
C GLY C 92 22.62 5.05 -31.83
N ASP C 93 23.12 5.86 -30.88
CA ASP C 93 24.59 6.15 -30.76
C ASP C 93 25.26 6.29 -32.15
N ALA C 94 24.69 7.17 -32.99
CA ALA C 94 24.83 7.09 -34.44
C ALA C 94 25.84 8.07 -35.00
N GLY C 95 26.31 8.99 -34.16
CA GLY C 95 27.24 10.04 -34.58
C GLY C 95 26.60 11.14 -35.41
N PHE C 96 25.32 11.42 -35.18
CA PHE C 96 24.67 12.60 -35.76
C PHE C 96 25.43 13.85 -35.35
N PRO C 97 25.59 14.82 -36.27
CA PRO C 97 26.26 16.06 -35.85
C PRO C 97 25.42 16.75 -34.77
N PRO C 98 26.07 17.24 -33.70
CA PRO C 98 25.38 17.97 -32.63
C PRO C 98 24.72 19.21 -33.18
N SER C 99 23.57 19.54 -32.59
CA SER C 99 22.71 20.61 -33.09
C SER C 99 23.01 21.95 -32.44
N GLN C 100 23.04 22.98 -33.28
CA GLN C 100 23.14 24.37 -32.81
C GLN C 100 21.78 24.92 -32.35
N ARG C 101 20.71 24.17 -32.56
CA ARG C 101 19.36 24.62 -32.19
C ARG C 101 19.14 24.65 -30.68
N VAL C 102 19.87 23.81 -29.95
CA VAL C 102 19.68 23.61 -28.50
C VAL C 102 19.89 24.92 -27.69
N ALA C 103 21.05 25.53 -27.87
CA ALA C 103 21.39 26.78 -27.17
C ALA C 103 20.47 27.99 -27.52
N LEU C 104 19.79 27.93 -28.65
CA LEU C 104 18.86 28.95 -29.09
C LEU C 104 17.53 28.89 -28.38
N GLN C 105 17.20 27.74 -27.80
CA GLN C 105 15.86 27.56 -27.23
C GLN C 105 15.65 28.41 -25.98
N PRO C 106 14.41 28.85 -25.73
CA PRO C 106 14.03 29.59 -24.53
C PRO C 106 14.23 28.77 -23.25
N LYS C 107 14.44 29.44 -22.11
CA LYS C 107 14.70 28.77 -20.82
C LYS C 107 13.46 28.23 -20.13
N ARG C 108 12.31 28.82 -20.42
CA ARG C 108 11.00 28.40 -19.93
C ARG C 108 10.86 26.87 -19.72
N HIS C 109 10.50 26.46 -18.49
CA HIS C 109 10.12 25.10 -18.19
C HIS C 109 8.99 24.67 -19.13
N ALA C 110 9.09 23.44 -19.63
CA ALA C 110 8.09 22.86 -20.50
C ALA C 110 6.63 23.02 -20.01
N ALA C 111 6.42 22.83 -18.70
CA ALA C 111 5.12 23.02 -18.09
C ALA C 111 4.58 24.43 -18.35
N LEU C 112 5.43 25.45 -18.18
CA LEU C 112 4.95 26.81 -18.35
C LEU C 112 4.75 27.16 -19.83
N GLU C 113 5.40 26.39 -20.70
CA GLU C 113 5.22 26.56 -22.13
C GLU C 113 3.88 26.00 -22.61
N ILE C 114 3.49 24.84 -22.05
CA ILE C 114 2.17 24.28 -22.32
C ILE C 114 1.13 25.35 -21.99
N LEU C 115 1.29 25.98 -20.83
CA LEU C 115 0.35 27.02 -20.38
C LEU C 115 0.33 28.24 -21.28
N LYS C 116 1.51 28.63 -21.78
CA LYS C 116 1.62 29.79 -22.65
C LYS C 116 0.93 29.52 -23.98
N ILE C 117 1.22 28.37 -24.57
CA ILE C 117 0.56 27.97 -25.84
C ILE C 117 -0.97 27.90 -25.69
N LEU C 118 -1.44 27.34 -24.58
CA LEU C 118 -2.86 27.22 -24.31
C LEU C 118 -3.50 28.59 -24.11
N GLU C 119 -2.73 29.48 -23.49
CA GLU C 119 -3.17 30.83 -23.23
C GLU C 119 -3.32 31.60 -24.54
N GLU C 120 -2.34 31.49 -25.43
CA GLU C 120 -2.38 32.16 -26.74
C GLU C 120 -3.29 31.48 -27.80
N ALA C 121 -3.73 30.24 -27.56
CA ALA C 121 -4.52 29.45 -28.55
C ALA C 121 -5.87 30.09 -28.91
N GLU C 122 -6.29 30.09 -30.19
CA GLU C 122 -7.70 30.46 -30.53
C GLU C 122 -8.47 29.26 -31.10
N PRO C 123 -9.05 28.44 -30.22
CA PRO C 123 -9.66 27.21 -30.73
C PRO C 123 -11.00 27.51 -31.41
N SER C 124 -11.23 26.80 -32.50
CA SER C 124 -12.45 26.81 -33.23
C SER C 124 -12.60 25.38 -33.71
N ASP C 125 -13.61 25.11 -34.52
CA ASP C 125 -13.79 23.78 -35.10
C ASP C 125 -12.94 23.56 -36.34
N ASP C 126 -12.39 24.64 -36.91
CA ASP C 126 -11.43 24.59 -38.01
C ASP C 126 -9.97 24.36 -37.55
N VAL C 127 -9.60 24.88 -36.39
CA VAL C 127 -8.24 24.87 -35.89
C VAL C 127 -8.20 24.24 -34.51
N VAL C 128 -7.72 23.01 -34.44
CA VAL C 128 -7.75 22.31 -33.19
C VAL C 128 -6.36 22.12 -32.68
N TYR C 129 -6.28 22.29 -31.37
CA TYR C 129 -5.08 22.05 -30.65
C TYR C 129 -5.19 20.72 -29.97
N GLN C 130 -4.10 19.98 -30.00
CA GLN C 130 -4.04 18.65 -29.41
C GLN C 130 -2.72 18.46 -28.71
N LEU C 131 -2.76 17.86 -27.53
CA LEU C 131 -1.56 17.48 -26.81
C LEU C 131 -1.41 15.99 -27.01
N VAL C 132 -0.24 15.58 -27.52
CA VAL C 132 0.09 14.18 -27.60
C VAL C 132 1.25 13.91 -26.63
N ALA C 133 1.02 13.02 -25.67
CA ALA C 133 2.07 12.74 -24.66
C ALA C 133 2.72 11.39 -24.94
N LEU C 134 4.04 11.41 -25.11
CA LEU C 134 4.79 10.21 -25.53
C LEU C 134 5.79 9.74 -24.47
N GLY C 135 5.64 10.27 -23.26
CA GLY C 135 6.54 9.92 -22.19
C GLY C 135 5.86 9.91 -20.84
N PRO C 136 6.65 9.86 -19.78
CA PRO C 136 6.01 10.03 -18.49
C PRO C 136 5.21 11.35 -18.50
N LEU C 137 4.09 11.37 -17.78
CA LEU C 137 3.20 12.54 -17.79
C LEU C 137 3.59 13.70 -16.86
N THR C 138 4.81 13.70 -16.32
CA THR C 138 5.21 14.79 -15.42
C THR C 138 4.93 16.23 -15.87
N ASN C 139 5.42 16.64 -17.03
CA ASN C 139 5.16 18.00 -17.50
C ASN C 139 3.66 18.34 -17.60
N VAL C 140 2.86 17.40 -18.12
CA VAL C 140 1.45 17.63 -18.31
C VAL C 140 0.76 17.81 -16.94
N ALA C 141 1.11 16.94 -15.98
CA ALA C 141 0.49 16.98 -14.65
C ALA C 141 0.79 18.30 -13.98
N LEU C 142 2.04 18.73 -14.16
CA LEU C 142 2.54 19.92 -13.50
C LEU C 142 1.82 21.11 -14.09
N ALA C 143 1.65 21.13 -15.42
CA ALA C 143 0.87 22.17 -16.07
C ALA C 143 -0.60 22.15 -15.61
N LEU C 144 -1.23 20.99 -15.56
CA LEU C 144 -2.58 20.83 -15.08
C LEU C 144 -2.80 21.36 -13.65
N ARG C 145 -1.86 21.10 -12.72
CA ARG C 145 -1.94 21.59 -11.33
CA ARG C 145 -2.07 21.59 -11.37
C ARG C 145 -1.88 23.11 -11.26
N LEU C 146 -1.12 23.71 -12.17
CA LEU C 146 -0.93 25.14 -12.11
C LEU C 146 -2.07 25.98 -12.70
N ASN C 147 -2.68 25.51 -13.78
CA ASN C 147 -3.77 26.23 -14.41
C ASN C 147 -4.71 25.27 -15.14
N PRO C 148 -5.55 24.55 -14.38
CA PRO C 148 -6.37 23.49 -14.95
C PRO C 148 -7.37 23.95 -16.01
N ASP C 149 -7.91 25.16 -15.87
CA ASP C 149 -8.91 25.73 -16.80
C ASP C 149 -8.49 25.85 -18.24
N LEU C 150 -7.21 26.12 -18.49
CA LEU C 150 -6.73 26.35 -19.85
C LEU C 150 -6.79 25.08 -20.70
N PHE C 151 -6.90 23.91 -20.05
CA PHE C 151 -6.88 22.63 -20.74
C PHE C 151 -8.19 22.34 -21.50
N SER C 152 -9.20 23.20 -21.32
CA SER C 152 -10.42 23.02 -22.07
C SER C 152 -10.27 23.62 -23.48
N LYS C 153 -9.18 24.32 -23.72
CA LYS C 153 -8.91 24.88 -25.03
C LYS C 153 -8.43 23.80 -25.98
N LEU C 154 -8.13 22.61 -25.49
CA LEU C 154 -7.73 21.49 -26.35
C LEU C 154 -8.94 20.70 -26.84
N GLY C 155 -8.93 20.36 -28.12
CA GLY C 155 -9.87 19.45 -28.68
C GLY C 155 -11.14 20.13 -29.11
N THR C 156 -12.13 19.32 -29.43
CA THR C 156 -13.45 19.79 -29.81
C THR C 156 -14.41 18.96 -28.96
N ASP C 157 -15.72 19.10 -29.16
CA ASP C 157 -16.66 18.11 -28.59
C ASP C 157 -16.50 16.74 -29.26
N THR C 158 -15.81 16.74 -30.40
CA THR C 158 -15.68 15.59 -31.28
C THR C 158 -14.24 15.07 -31.38
N ILE C 159 -13.27 15.99 -31.39
CA ILE C 159 -11.85 15.67 -31.55
C ILE C 159 -11.16 15.70 -30.19
N PRO C 160 -10.46 14.61 -29.82
CA PRO C 160 -9.75 14.51 -28.53
C PRO C 160 -8.66 15.55 -28.36
N GLY C 161 -8.65 16.18 -27.19
CA GLY C 161 -7.64 17.16 -26.85
C GLY C 161 -6.36 16.56 -26.36
N ILE C 162 -6.44 15.37 -25.78
CA ILE C 162 -5.24 14.72 -25.29
C ILE C 162 -5.19 13.25 -25.67
N VAL C 163 -4.05 12.85 -26.24
CA VAL C 163 -3.79 11.46 -26.59
C VAL C 163 -2.44 11.08 -25.95
N ILE C 164 -2.40 9.96 -25.24
CA ILE C 164 -1.22 9.61 -24.46
C ILE C 164 -0.77 8.18 -24.82
N MET C 165 0.53 7.98 -25.01
CA MET C 165 1.02 6.63 -25.10
C MET C 165 1.38 6.27 -23.67
N ASN C 166 0.57 5.38 -23.12
CA ASN C 166 0.51 5.16 -21.67
C ASN C 166 -0.31 3.90 -21.30
N GLY C 167 0.19 3.13 -20.36
CA GLY C 167 -0.62 2.10 -19.72
C GLY C 167 -0.73 0.80 -20.50
N THR C 168 -1.55 -0.09 -19.96
CA THR C 168 -1.89 -1.34 -20.60
C THR C 168 -3.40 -1.47 -20.68
N SER C 169 -3.89 -2.40 -21.50
CA SER C 169 -5.31 -2.74 -21.49
C SER C 169 -5.51 -4.14 -20.92
N GLU C 170 -4.40 -4.83 -20.65
CA GLU C 170 -4.43 -6.24 -20.24
C GLU C 170 -3.42 -6.53 -19.15
N SER C 171 -2.85 -5.47 -18.59
CA SER C 171 -1.76 -5.52 -17.63
C SER C 171 -0.62 -6.49 -17.96
N LYS C 172 -0.31 -6.59 -19.25
CA LYS C 172 1.00 -7.10 -19.69
C LYS C 172 2.02 -5.99 -19.54
N GLY C 173 2.51 -5.78 -18.32
CA GLY C 173 3.45 -4.70 -18.01
C GLY C 173 4.81 -4.99 -18.58
N ASN C 174 5.46 -3.98 -19.11
CA ASN C 174 6.79 -4.15 -19.70
C ASN C 174 7.86 -3.48 -18.84
N SER C 175 7.42 -2.92 -17.70
CA SER C 175 8.29 -2.26 -16.74
C SER C 175 8.36 -3.04 -15.40
N ASN C 176 7.22 -3.27 -14.76
CA ASN C 176 7.13 -4.37 -13.78
C ASN C 176 6.11 -5.41 -14.32
N MET C 177 5.62 -6.34 -13.51
CA MET C 177 4.68 -7.33 -14.05
C MET C 177 3.37 -6.75 -14.63
N ALA C 178 2.92 -5.58 -14.13
CA ALA C 178 1.59 -5.08 -14.41
C ALA C 178 1.59 -3.78 -15.17
N ALA C 179 2.65 -2.98 -14.97
CA ALA C 179 2.69 -1.60 -15.46
C ALA C 179 3.58 -1.38 -16.71
N GLU C 180 3.09 -0.52 -17.60
CA GLU C 180 3.84 -0.06 -18.76
C GLU C 180 4.80 1.03 -18.28
N PHE C 181 5.91 1.21 -19.01
CA PHE C 181 7.04 2.13 -18.67
C PHE C 181 6.67 3.57 -18.33
N ASN C 182 5.96 4.24 -19.23
CA ASN C 182 5.57 5.63 -19.04
C ASN C 182 4.68 5.77 -17.81
N SER C 183 3.78 4.82 -17.63
CA SER C 183 2.87 4.86 -16.51
C SER C 183 3.63 4.60 -15.21
N HIS C 184 4.46 3.56 -15.20
CA HIS C 184 5.27 3.21 -14.03
C HIS C 184 6.24 4.35 -13.70
N CYS C 185 6.77 5.02 -14.72
CA CYS C 185 7.67 6.17 -14.49
C CYS C 185 7.03 7.24 -13.62
N ASP C 186 5.76 7.51 -13.85
CA ASP C 186 5.09 8.54 -13.09
C ASP C 186 3.61 8.23 -12.91
N PRO C 187 3.28 7.41 -11.91
CA PRO C 187 1.88 7.05 -11.68
C PRO C 187 1.09 8.23 -11.13
N GLU C 188 1.70 9.00 -10.25
CA GLU C 188 1.06 10.22 -9.77
C GLU C 188 0.62 11.13 -10.92
N ALA C 189 1.50 11.38 -11.86
CA ALA C 189 1.14 12.25 -13.00
C ALA C 189 -0.03 11.70 -13.80
N GLY C 190 -0.07 10.38 -13.96
CA GLY C 190 -1.17 9.69 -14.64
C GLY C 190 -2.51 9.87 -13.98
N VAL C 191 -2.54 9.80 -12.64
CA VAL C 191 -3.76 10.08 -11.88
C VAL C 191 -4.21 11.52 -12.13
N VAL C 192 -3.29 12.48 -12.06
CA VAL C 192 -3.62 13.87 -12.32
C VAL C 192 -4.27 14.06 -13.72
N VAL C 193 -3.71 13.39 -14.72
CA VAL C 193 -4.24 13.52 -16.07
C VAL C 193 -5.65 12.91 -16.20
N LEU C 194 -5.83 11.72 -15.65
CA LEU C 194 -7.05 10.97 -15.80
C LEU C 194 -8.14 11.46 -14.85
N GLN C 195 -7.74 12.03 -13.72
CA GLN C 195 -8.74 12.57 -12.78
C GLN C 195 -9.19 13.99 -13.10
N HIS C 196 -8.55 14.63 -14.08
CA HIS C 196 -8.81 16.04 -14.35
C HIS C 196 -10.23 16.24 -14.85
N LYS C 197 -10.89 17.25 -14.29
CA LYS C 197 -12.25 17.63 -14.71
C LYS C 197 -12.18 18.74 -15.73
N GLY C 198 -12.81 18.56 -16.87
CA GLY C 198 -12.89 19.63 -17.85
C GLY C 198 -12.30 19.36 -19.21
N TRP C 199 -11.84 18.13 -19.47
CA TRP C 199 -11.47 17.75 -20.83
C TRP C 199 -12.77 17.81 -21.67
N LYS C 200 -12.69 18.28 -22.91
CA LYS C 200 -13.84 18.32 -23.79
C LYS C 200 -14.22 16.90 -24.26
N CYS C 201 -13.21 16.03 -24.39
CA CYS C 201 -13.34 14.65 -24.80
C CYS C 201 -12.51 13.84 -23.83
N PRO C 202 -12.93 12.61 -23.55
CA PRO C 202 -12.14 11.72 -22.68
C PRO C 202 -10.73 11.56 -23.20
N VAL C 203 -9.81 11.26 -22.30
CA VAL C 203 -8.41 11.01 -22.64
C VAL C 203 -8.35 9.79 -23.53
N GLN C 204 -7.58 9.81 -24.61
CA GLN C 204 -7.40 8.63 -25.45
C GLN C 204 -6.21 7.83 -24.99
N LEU C 205 -6.40 6.59 -24.58
CA LEU C 205 -5.29 5.84 -23.95
C LEU C 205 -4.70 4.87 -24.96
N VAL C 206 -3.59 5.29 -25.59
CA VAL C 206 -2.92 4.41 -26.53
C VAL C 206 -1.96 3.55 -25.73
N ASN C 207 -2.43 2.36 -25.35
CA ASN C 207 -1.74 1.49 -24.41
C ASN C 207 -0.81 0.56 -25.13
N TRP C 208 0.01 -0.16 -24.36
CA TRP C 208 1.02 -1.08 -24.87
C TRP C 208 0.47 -2.16 -25.80
N GLU C 209 -0.58 -2.86 -25.36
CA GLU C 209 -1.05 -4.01 -26.13
C GLU C 209 -1.58 -3.59 -27.48
N VAL C 210 -2.22 -2.43 -27.55
CA VAL C 210 -2.77 -2.04 -28.84
C VAL C 210 -1.64 -1.68 -29.80
N THR C 211 -0.52 -1.15 -29.27
CA THR C 211 0.63 -0.88 -30.13
C THR C 211 1.37 -2.16 -30.56
N VAL C 212 1.43 -3.16 -29.69
CA VAL C 212 1.99 -4.45 -30.01
C VAL C 212 1.23 -5.07 -31.19
N ASN C 213 -0.08 -4.84 -31.21
CA ASN C 213 -1.02 -5.37 -32.20
CA ASN C 213 -0.88 -5.47 -32.25
C ASN C 213 -0.99 -4.61 -33.53
N SER C 214 -0.26 -3.50 -33.55
CA SER C 214 -0.07 -2.71 -34.77
C SER C 214 1.40 -2.36 -34.99
N PRO C 215 2.27 -3.39 -35.18
CA PRO C 215 3.72 -3.16 -35.32
C PRO C 215 4.13 -3.05 -36.79
N MET C 216 5.42 -2.87 -37.03
CA MET C 216 5.88 -3.06 -38.38
C MET C 216 6.70 -4.34 -38.44
N THR C 217 6.69 -4.99 -39.59
CA THR C 217 7.54 -6.13 -39.85
C THR C 217 8.97 -5.64 -40.09
N TRP C 218 9.95 -6.46 -39.74
CA TRP C 218 11.33 -6.15 -40.11
C TRP C 218 11.49 -6.10 -41.63
N GLY C 219 10.72 -6.93 -42.34
CA GLY C 219 10.68 -6.88 -43.80
C GLY C 219 10.20 -5.54 -44.31
N PHE C 220 9.07 -5.06 -43.75
CA PHE C 220 8.54 -3.73 -44.06
C PHE C 220 9.60 -2.66 -43.79
N TYR C 221 10.21 -2.73 -42.60
CA TYR C 221 11.33 -1.88 -42.23
C TYR C 221 12.46 -1.87 -43.29
N ASP C 222 12.84 -3.03 -43.80
CA ASP C 222 13.90 -3.12 -44.79
C ASP C 222 13.54 -2.29 -46.02
N LYS C 223 12.26 -2.35 -46.41
CA LYS C 223 11.76 -1.57 -47.54
C LYS C 223 11.64 -0.08 -47.23
N LEU C 224 11.22 0.23 -46.01
CA LEU C 224 11.14 1.61 -45.53
C LEU C 224 12.47 2.34 -45.71
N VAL C 225 13.54 1.61 -45.35
CA VAL C 225 14.92 2.10 -45.33
C VAL C 225 15.64 1.71 -46.62
N ASN C 226 14.87 1.22 -47.58
CA ASN C 226 15.34 0.94 -48.94
C ASN C 226 16.43 -0.12 -48.95
N ARG C 227 16.02 -1.38 -48.89
CA ARG C 227 16.96 -2.51 -48.89
C ARG C 227 16.48 -3.62 -49.85
N ASN C 238 21.95 4.10 -52.44
CA ASN C 238 20.80 4.81 -53.01
C ASN C 238 19.64 5.04 -52.03
N GLN C 239 19.94 5.83 -50.99
CA GLN C 239 18.94 6.24 -49.99
C GLN C 239 18.55 7.69 -50.20
N ASN C 240 17.59 8.15 -49.38
CA ASN C 240 17.25 9.56 -49.24
C ASN C 240 17.55 9.95 -47.79
N LYS C 241 17.59 11.25 -47.49
CA LYS C 241 17.98 11.66 -46.12
C LYS C 241 17.12 11.12 -44.96
N TRP C 242 15.83 10.89 -45.19
CA TRP C 242 14.92 10.38 -44.14
C TRP C 242 15.23 8.93 -43.79
N GLN C 243 15.43 8.12 -44.82
CA GLN C 243 15.72 6.70 -44.69
C GLN C 243 17.08 6.52 -44.01
N GLU C 244 18.08 7.27 -44.45
CA GLU C 244 19.41 7.20 -43.84
C GLU C 244 19.29 7.44 -42.34
N PHE C 245 18.60 8.51 -41.96
CA PHE C 245 18.44 8.88 -40.57
C PHE C 245 17.66 7.80 -39.77
N ILE C 246 16.59 7.26 -40.35
CA ILE C 246 15.87 6.15 -39.71
C ILE C 246 16.76 4.89 -39.56
N GLU C 247 17.59 4.57 -40.56
CA GLU C 247 18.46 3.41 -40.45
C GLU C 247 19.40 3.60 -39.27
N LYS C 248 19.99 4.78 -39.16
CA LYS C 248 20.93 5.07 -38.08
C LYS C 248 20.26 5.12 -36.70
N LEU C 249 19.05 5.63 -36.65
CA LEU C 249 18.34 5.76 -35.39
C LEU C 249 17.97 4.41 -34.75
N PHE C 250 17.64 3.44 -35.60
CA PHE C 250 17.13 2.13 -35.18
C PHE C 250 18.21 1.04 -35.11
N GLN C 251 19.46 1.39 -35.46
CA GLN C 251 20.53 0.40 -35.65
C GLN C 251 20.81 -0.45 -34.41
N ARG C 252 20.80 0.18 -33.23
CA ARG C 252 21.00 -0.57 -31.97
C ARG C 252 19.76 -1.41 -31.67
N LEU C 253 18.58 -0.80 -31.68
CA LEU C 253 17.34 -1.55 -31.49
C LEU C 253 17.32 -2.77 -32.38
N GLU C 254 17.68 -2.59 -33.65
CA GLU C 254 17.71 -3.69 -34.61
C GLU C 254 18.67 -4.79 -34.16
N ALA C 255 19.88 -4.43 -33.75
CA ALA C 255 20.87 -5.44 -33.34
C ALA C 255 20.43 -6.17 -32.07
N PHE C 256 19.73 -5.47 -31.19
CA PHE C 256 19.31 -6.02 -29.91
C PHE C 256 18.11 -6.94 -30.03
N THR C 257 17.14 -6.60 -30.88
CA THR C 257 15.86 -7.34 -30.93
C THR C 257 15.64 -8.17 -32.19
N ARG C 258 16.20 -7.75 -33.32
CA ARG C 258 16.04 -8.53 -34.55
C ARG C 258 17.08 -9.63 -34.63
N VAL C 277 10.04 -11.27 -35.44
CA VAL C 277 9.72 -10.81 -36.80
C VAL C 277 9.12 -9.39 -36.83
N THR C 278 8.58 -8.92 -35.70
CA THR C 278 7.93 -7.61 -35.65
C THR C 278 8.62 -6.59 -34.76
N CYS C 279 8.53 -5.34 -35.17
CA CYS C 279 9.10 -4.23 -34.45
C CYS C 279 7.98 -3.28 -34.01
N VAL C 280 7.88 -3.07 -32.71
CA VAL C 280 6.79 -2.32 -32.12
C VAL C 280 7.24 -0.89 -31.98
N VAL C 281 6.46 0.06 -32.50
CA VAL C 281 6.79 1.48 -32.48
C VAL C 281 5.69 2.30 -31.78
N PRO C 282 5.52 2.10 -30.46
CA PRO C 282 4.34 2.61 -29.73
C PRO C 282 4.03 4.09 -29.90
N ASP C 283 5.02 4.97 -29.81
CA ASP C 283 4.73 6.43 -29.87
C ASP C 283 4.16 6.83 -31.24
N ALA C 284 4.57 6.13 -32.29
CA ALA C 284 4.09 6.44 -33.63
C ALA C 284 2.62 6.11 -33.74
N VAL C 285 2.19 5.04 -33.05
CA VAL C 285 0.78 4.65 -33.08
C VAL C 285 -0.05 5.73 -32.41
N ALA C 286 0.49 6.31 -31.33
CA ALA C 286 -0.23 7.34 -30.58
C ALA C 286 -0.45 8.55 -31.45
N VAL C 287 0.61 9.02 -32.11
CA VAL C 287 0.49 10.15 -33.00
C VAL C 287 -0.50 9.83 -34.09
N LEU C 288 -0.48 8.61 -34.62
CA LEU C 288 -1.50 8.25 -35.62
C LEU C 288 -2.92 8.39 -35.11
N VAL C 289 -3.19 7.91 -33.90
CA VAL C 289 -4.54 7.99 -33.31
C VAL C 289 -4.98 9.46 -33.13
N ALA C 290 -4.03 10.32 -32.73
CA ALA C 290 -4.33 11.75 -32.57
C ALA C 290 -4.74 12.44 -33.88
N ILE C 291 -4.04 12.14 -34.98
CA ILE C 291 -4.26 12.90 -36.20
C ILE C 291 -5.12 12.21 -37.21
N ARG C 292 -5.21 10.88 -37.13
CA ARG C 292 -6.21 10.16 -37.94
C ARG C 292 -7.12 9.32 -37.05
N PRO C 293 -8.17 9.95 -36.49
CA PRO C 293 -9.07 9.25 -35.55
C PRO C 293 -9.76 8.04 -36.21
N GLU C 294 -9.90 8.04 -37.54
CA GLU C 294 -10.46 6.92 -38.27
C GLU C 294 -9.61 5.64 -38.21
N SER C 295 -8.36 5.77 -37.76
CA SER C 295 -7.49 4.60 -37.54
C SER C 295 -7.86 3.78 -36.31
N VAL C 296 -8.68 4.33 -35.43
CA VAL C 296 -9.18 3.58 -34.29
C VAL C 296 -10.30 2.66 -34.74
N LEU C 297 -10.01 1.35 -34.86
CA LEU C 297 -11.01 0.40 -35.34
C LEU C 297 -11.88 -0.13 -34.21
N ASP C 298 -11.37 -0.08 -32.98
CA ASP C 298 -12.11 -0.56 -31.82
C ASP C 298 -11.60 0.13 -30.54
N SER C 299 -12.53 0.45 -29.65
CA SER C 299 -12.15 1.05 -28.37
C SER C 299 -13.25 0.83 -27.34
N PHE C 300 -12.94 1.13 -26.08
CA PHE C 300 -13.88 0.98 -25.00
C PHE C 300 -13.83 2.19 -24.06
N LEU C 301 -14.94 2.89 -23.96
CA LEU C 301 -15.04 4.11 -23.15
C LEU C 301 -15.55 3.80 -21.74
N THR C 302 -14.76 4.13 -20.73
CA THR C 302 -15.10 3.74 -19.37
C THR C 302 -14.28 4.58 -18.42
N TYR C 303 -14.23 4.16 -17.16
CA TYR C 303 -13.44 4.81 -16.14
C TYR C 303 -12.10 4.08 -15.98
N VAL C 304 -11.04 4.88 -16.01
CA VAL C 304 -9.68 4.40 -15.92
C VAL C 304 -8.92 5.24 -14.93
N THR C 305 -8.08 4.59 -14.10
CA THR C 305 -7.16 5.29 -13.23
C THR C 305 -5.84 4.52 -13.12
N VAL C 306 -4.86 5.07 -12.40
CA VAL C 306 -3.55 4.42 -12.24
C VAL C 306 -3.32 4.08 -10.76
N GLU C 307 -2.88 2.86 -10.49
CA GLU C 307 -2.56 2.44 -9.12
C GLU C 307 -1.33 3.20 -8.60
N LEU C 308 -1.43 3.78 -7.40
CA LEU C 308 -0.29 4.47 -6.78
C LEU C 308 0.42 3.67 -5.73
N HIS C 309 -0.27 2.71 -5.10
CA HIS C 309 0.15 2.19 -3.79
C HIS C 309 0.52 0.70 -3.72
N GLY C 310 0.43 -0.02 -4.83
CA GLY C 310 0.69 -1.46 -4.82
C GLY C 310 2.19 -1.70 -4.81
N ARG C 311 2.58 -2.88 -4.36
CA ARG C 311 3.98 -3.27 -4.33
C ARG C 311 4.38 -3.77 -5.73
N GLU C 312 3.61 -4.68 -6.30
CA GLU C 312 3.88 -5.24 -7.63
CA GLU C 312 3.93 -5.21 -7.63
C GLU C 312 3.09 -4.51 -8.71
N THR C 313 2.10 -3.74 -8.28
CA THR C 313 1.19 -3.06 -9.22
C THR C 313 1.29 -1.51 -9.26
N ARG C 314 2.29 -0.89 -8.62
CA ARG C 314 2.46 0.54 -8.80
C ARG C 314 2.62 0.84 -10.31
N GLY C 315 1.85 1.82 -10.79
CA GLY C 315 1.80 2.15 -12.20
C GLY C 315 0.80 1.34 -13.01
N ALA C 316 0.15 0.33 -12.43
CA ALA C 316 -0.83 -0.42 -13.19
C ALA C 316 -1.94 0.50 -13.70
N THR C 317 -2.51 0.11 -14.83
CA THR C 317 -3.68 0.75 -15.38
C THR C 317 -4.91 0.00 -14.88
N CYS C 318 -5.80 0.70 -14.20
CA CYS C 318 -7.03 0.07 -13.67
C CYS C 318 -8.16 0.53 -14.54
N ILE C 319 -8.86 -0.43 -15.14
CA ILE C 319 -9.90 -0.15 -16.10
C ILE C 319 -11.21 -0.74 -15.62
N ASP C 320 -12.26 0.09 -15.60
CA ASP C 320 -13.58 -0.36 -15.16
C ASP C 320 -14.35 -1.07 -16.29
N TRP C 321 -13.94 -2.30 -16.58
CA TRP C 321 -14.59 -3.09 -17.62
C TRP C 321 -16.11 -3.26 -17.46
N TYR C 322 -16.57 -3.52 -16.25
CA TYR C 322 -17.97 -3.88 -16.03
C TYR C 322 -18.79 -2.75 -15.44
N GLY C 323 -18.14 -1.61 -15.20
CA GLY C 323 -18.82 -0.44 -14.63
C GLY C 323 -20.08 -0.09 -15.37
N THR C 324 -21.18 0.12 -14.64
CA THR C 324 -22.36 0.75 -15.22
C THR C 324 -22.53 2.21 -14.73
N GLU C 325 -23.47 2.92 -15.35
CA GLU C 325 -23.98 4.24 -14.93
C GLU C 325 -24.35 4.22 -13.42
N GLN C 326 -25.04 3.18 -12.98
CA GLN C 326 -25.37 3.04 -11.55
C GLN C 326 -24.12 2.80 -10.64
N SER C 327 -23.26 1.86 -11.02
CA SER C 327 -22.07 1.54 -10.21
C SER C 327 -21.05 2.69 -10.15
N MET C 328 -20.84 3.37 -11.27
CA MET C 328 -19.90 4.49 -11.33
C MET C 328 -20.33 5.71 -10.51
N ALA C 329 -21.63 6.01 -10.52
CA ALA C 329 -22.10 7.14 -9.76
C ALA C 329 -21.82 6.93 -8.27
N LYS C 330 -22.17 5.76 -7.74
CA LYS C 330 -21.89 5.42 -6.34
C LYS C 330 -20.42 5.61 -5.98
N LYS C 331 -19.51 5.23 -6.89
CA LYS C 331 -18.08 5.23 -6.61
C LYS C 331 -17.36 6.53 -6.98
N GLY C 332 -18.10 7.60 -7.32
CA GLY C 332 -17.50 8.84 -7.79
C GLY C 332 -16.73 8.69 -9.11
N ARG C 333 -17.19 7.75 -9.93
CA ARG C 333 -16.52 7.42 -11.19
C ARG C 333 -17.30 7.98 -12.36
N TRP C 334 -16.64 8.15 -13.49
CA TRP C 334 -17.29 8.62 -14.68
C TRP C 334 -16.47 8.15 -15.89
N ARG C 335 -17.03 8.19 -17.09
CA ARG C 335 -16.34 7.63 -18.23
C ARG C 335 -15.34 8.72 -18.67
N ASN C 336 -14.08 8.55 -18.23
CA ASN C 336 -13.05 9.57 -18.40
C ASN C 336 -12.01 9.20 -19.44
N CYS C 337 -12.09 7.99 -19.98
CA CYS C 337 -10.98 7.49 -20.77
C CYS C 337 -11.42 6.49 -21.80
N ASN C 338 -10.97 6.73 -23.02
CA ASN C 338 -11.23 5.83 -24.15
C ASN C 338 -10.02 4.91 -24.33
N VAL C 339 -10.21 3.64 -23.98
CA VAL C 339 -9.15 2.64 -24.03
C VAL C 339 -9.13 2.14 -25.45
N ILE C 340 -8.08 2.46 -26.20
CA ILE C 340 -7.97 2.07 -27.61
C ILE C 340 -7.56 0.58 -27.67
N THR C 341 -8.33 -0.26 -28.38
CA THR C 341 -8.07 -1.70 -28.37
C THR C 341 -7.64 -2.26 -29.75
N LYS C 342 -7.91 -1.52 -30.81
CA LYS C 342 -7.40 -1.90 -32.13
C LYS C 342 -7.18 -0.72 -33.02
N VAL C 343 -5.96 -0.63 -33.53
CA VAL C 343 -5.64 0.35 -34.55
C VAL C 343 -5.48 -0.31 -35.93
N ASP C 344 -5.83 0.45 -36.98
CA ASP C 344 -5.79 -0.01 -38.37
C ASP C 344 -4.33 -0.04 -38.81
N ASN C 345 -3.77 -1.26 -38.87
CA ASN C 345 -2.36 -1.46 -39.23
C ASN C 345 -2.00 -0.92 -40.61
N GLU C 346 -2.90 -1.15 -41.55
CA GLU C 346 -2.76 -0.66 -42.92
C GLU C 346 -2.57 0.86 -42.95
N MET C 347 -3.43 1.60 -42.25
CA MET C 347 -3.27 3.08 -42.11
C MET C 347 -1.95 3.49 -41.47
N PHE C 348 -1.51 2.72 -40.48
CA PHE C 348 -0.25 2.94 -39.80
C PHE C 348 0.95 2.79 -40.75
N LEU C 349 1.01 1.68 -41.48
CA LEU C 349 2.11 1.44 -42.41
C LEU C 349 2.18 2.52 -43.50
N LYS C 350 1.03 2.97 -43.95
CA LYS C 350 0.96 4.02 -44.97
C LYS C 350 1.53 5.32 -44.43
N ALA C 351 1.24 5.60 -43.16
CA ALA C 351 1.73 6.80 -42.52
C ALA C 351 3.25 6.77 -42.36
N LEU C 352 3.80 5.61 -41.97
CA LEU C 352 5.27 5.44 -41.95
C LEU C 352 5.83 5.57 -43.37
N ARG C 353 5.13 4.99 -44.34
CA ARG C 353 5.55 5.06 -45.73
C ARG C 353 5.61 6.53 -46.15
N ASP C 354 4.66 7.32 -45.64
CA ASP C 354 4.60 8.74 -45.99
C ASP C 354 5.76 9.55 -45.43
N ILE C 355 6.35 9.09 -44.32
CA ILE C 355 7.55 9.73 -43.77
C ILE C 355 8.70 9.79 -44.80
N VAL C 356 9.00 8.63 -45.41
CA VAL C 356 10.17 8.53 -46.27
C VAL C 356 9.93 9.09 -47.66
N GLU C 357 8.68 9.43 -47.97
CA GLU C 357 8.34 10.03 -49.26
C GLU C 357 8.06 11.54 -49.18
N TYR C 358 8.24 12.13 -48.01
CA TYR C 358 7.93 13.53 -47.80
C TYR C 358 8.83 14.44 -48.66
N VAL C 359 8.19 15.42 -49.31
CA VAL C 359 8.90 16.56 -49.88
C VAL C 359 8.33 17.83 -49.26
N ALA C 360 9.21 18.68 -48.70
CA ALA C 360 8.79 19.84 -47.87
C ALA C 360 7.82 20.79 -48.60
N HIS D 6 -7.12 -43.42 -12.57
CA HIS D 6 -8.26 -43.02 -11.69
C HIS D 6 -7.86 -41.81 -10.86
N ARG D 7 -8.69 -40.76 -10.92
CA ARG D 7 -8.46 -39.54 -10.16
C ARG D 7 -9.28 -39.53 -8.88
N LYS D 8 -8.64 -39.15 -7.77
CA LYS D 8 -9.37 -38.91 -6.52
C LYS D 8 -9.30 -37.43 -6.24
N LEU D 9 -10.45 -36.75 -6.19
CA LEU D 9 -10.44 -35.30 -6.02
C LEU D 9 -10.92 -34.82 -4.66
N ILE D 10 -10.24 -33.81 -4.14
CA ILE D 10 -10.73 -32.98 -3.05
C ILE D 10 -11.21 -31.72 -3.73
N ILE D 11 -12.48 -31.37 -3.52
CA ILE D 11 -13.03 -30.16 -4.09
C ILE D 11 -13.32 -29.18 -2.97
N ASP D 12 -12.60 -28.05 -3.00
CA ASP D 12 -12.83 -26.96 -2.07
C ASP D 12 -13.70 -25.91 -2.73
N THR D 13 -14.77 -25.48 -2.05
CA THR D 13 -15.84 -24.77 -2.73
C THR D 13 -16.58 -23.83 -1.80
N ASP D 14 -17.09 -22.74 -2.37
CA ASP D 14 -18.01 -21.82 -1.66
C ASP D 14 -19.47 -22.01 -2.08
N CYS D 15 -19.74 -23.13 -2.75
CA CYS D 15 -21.11 -23.68 -2.86
C CYS D 15 -22.16 -22.81 -3.58
N GLY D 16 -21.74 -22.12 -4.65
CA GLY D 16 -22.69 -21.42 -5.52
C GLY D 16 -23.19 -22.30 -6.66
N GLY D 17 -23.91 -21.67 -7.59
CA GLY D 17 -24.54 -22.38 -8.68
C GLY D 17 -23.52 -23.01 -9.59
N ASP D 18 -22.48 -22.26 -9.99
CA ASP D 18 -21.43 -22.88 -10.83
C ASP D 18 -20.57 -23.91 -10.05
N ASP D 19 -20.42 -23.73 -8.74
CA ASP D 19 -19.81 -24.78 -7.94
C ASP D 19 -20.59 -26.10 -8.07
N ALA D 20 -21.92 -26.04 -8.00
CA ALA D 20 -22.77 -27.25 -8.18
C ALA D 20 -22.61 -27.92 -9.54
N ILE D 21 -22.66 -27.15 -10.63
CA ILE D 21 -22.38 -27.72 -11.95
C ILE D 21 -20.99 -28.37 -11.98
N ALA D 22 -19.98 -27.69 -11.41
CA ALA D 22 -18.61 -28.24 -11.39
C ALA D 22 -18.54 -29.58 -10.62
N ILE D 23 -19.19 -29.65 -9.46
CA ILE D 23 -19.19 -30.87 -8.68
C ILE D 23 -19.93 -31.98 -9.45
N MET D 24 -21.05 -31.61 -10.07
CA MET D 24 -21.82 -32.53 -10.89
C MET D 24 -20.96 -33.10 -12.01
N LEU D 25 -20.15 -32.24 -12.64
CA LEU D 25 -19.25 -32.66 -13.70
C LEU D 25 -18.23 -33.70 -13.17
N ALA D 26 -17.56 -33.40 -12.07
CA ALA D 26 -16.63 -34.35 -11.43
C ALA D 26 -17.29 -35.70 -11.07
N MET D 27 -18.52 -35.65 -10.58
CA MET D 27 -19.22 -36.86 -10.16
C MET D 27 -19.85 -37.69 -11.29
N THR D 28 -19.82 -37.19 -12.52
CA THR D 28 -20.45 -37.89 -13.63
C THR D 28 -19.44 -38.29 -14.70
N GLN D 29 -18.16 -38.15 -14.39
CA GLN D 29 -17.10 -38.43 -15.33
C GLN D 29 -16.48 -39.78 -14.97
N PRO D 30 -16.16 -40.63 -15.98
CA PRO D 30 -15.58 -41.92 -15.59
C PRO D 30 -14.12 -41.80 -15.13
N ASP D 31 -13.68 -42.73 -14.29
CA ASP D 31 -12.33 -42.71 -13.73
C ASP D 31 -12.04 -41.51 -12.81
N VAL D 32 -13.11 -40.87 -12.32
CA VAL D 32 -13.04 -39.79 -11.33
C VAL D 32 -13.90 -40.13 -10.13
N GLU D 33 -13.37 -39.86 -8.94
CA GLU D 33 -14.10 -40.03 -7.69
C GLU D 33 -13.80 -38.85 -6.79
N VAL D 34 -14.85 -38.10 -6.43
CA VAL D 34 -14.74 -37.01 -5.46
C VAL D 34 -14.70 -37.67 -4.08
N ILE D 35 -13.62 -37.47 -3.34
CA ILE D 35 -13.47 -38.19 -2.07
C ILE D 35 -13.79 -37.30 -0.86
N ALA D 36 -13.79 -35.98 -1.05
CA ALA D 36 -14.17 -35.04 0.00
C ALA D 36 -14.52 -33.67 -0.58
N ILE D 37 -15.49 -33.03 0.05
CA ILE D 37 -15.87 -31.66 -0.31
C ILE D 37 -15.60 -30.74 0.89
N THR D 38 -14.78 -29.73 0.68
CA THR D 38 -14.40 -28.83 1.76
C THR D 38 -15.01 -27.45 1.50
N VAL D 39 -15.75 -26.95 2.49
CA VAL D 39 -16.57 -25.76 2.30
C VAL D 39 -15.83 -24.51 2.79
N VAL D 40 -15.83 -23.46 1.97
CA VAL D 40 -15.21 -22.21 2.34
C VAL D 40 -16.21 -21.06 2.18
N TRP D 41 -16.02 -19.99 2.93
CA TRP D 41 -16.82 -18.77 2.75
C TRP D 41 -16.58 -18.20 1.33
N GLY D 42 -17.46 -17.31 0.88
CA GLY D 42 -17.27 -16.63 -0.42
C GLY D 42 -18.55 -15.95 -0.88
N ASN D 43 -19.22 -16.55 -1.86
CA ASN D 43 -20.54 -16.09 -2.30
C ASN D 43 -21.69 -16.42 -1.37
N VAL D 44 -21.53 -17.48 -0.57
CA VAL D 44 -22.44 -17.72 0.52
C VAL D 44 -21.67 -18.13 1.75
N GLU D 45 -22.29 -17.86 2.89
CA GLU D 45 -21.70 -18.18 4.17
CA GLU D 45 -21.80 -18.20 4.21
C GLU D 45 -21.60 -19.72 4.36
N VAL D 46 -20.54 -20.14 5.05
CA VAL D 46 -20.25 -21.58 5.27
C VAL D 46 -21.45 -22.40 5.71
N ASN D 47 -22.24 -21.89 6.64
CA ASN D 47 -23.47 -22.58 7.04
C ASN D 47 -24.43 -22.81 5.89
N GLN D 48 -24.59 -21.81 5.03
CA GLN D 48 -25.47 -21.93 3.88
C GLN D 48 -24.82 -22.87 2.85
N GLY D 49 -23.50 -22.80 2.75
CA GLY D 49 -22.75 -23.68 1.87
C GLY D 49 -22.96 -25.14 2.22
N MET D 50 -22.78 -25.45 3.49
CA MET D 50 -23.05 -26.80 3.98
C MET D 50 -24.43 -27.28 3.54
N GLU D 51 -25.44 -26.44 3.69
CA GLU D 51 -26.81 -26.78 3.28
C GLU D 51 -26.91 -27.05 1.77
N ASN D 52 -26.21 -26.22 0.98
CA ASN D 52 -26.19 -26.41 -0.47
C ASN D 52 -25.56 -27.74 -0.88
N ILE D 53 -24.37 -28.06 -0.36
CA ILE D 53 -23.70 -29.33 -0.65
C ILE D 53 -24.60 -30.52 -0.27
N GLY D 54 -25.28 -30.39 0.87
CA GLY D 54 -26.18 -31.44 1.34
C GLY D 54 -27.29 -31.69 0.34
N LYS D 55 -27.86 -30.61 -0.20
CA LYS D 55 -28.96 -30.73 -1.15
C LYS D 55 -28.48 -31.34 -2.47
N LEU D 56 -27.27 -30.96 -2.89
CA LEU D 56 -26.64 -31.53 -4.08
C LEU D 56 -26.30 -33.02 -3.93
N LEU D 57 -25.81 -33.42 -2.76
CA LEU D 57 -25.51 -34.84 -2.54
C LEU D 57 -26.79 -35.71 -2.37
N ASP D 58 -27.86 -35.13 -1.85
CA ASP D 58 -29.17 -35.81 -1.78
C ASP D 58 -29.62 -36.29 -3.17
N LEU D 59 -29.50 -35.38 -4.15
CA LEU D 59 -29.80 -35.65 -5.54
C LEU D 59 -29.10 -36.91 -6.05
N TYR D 60 -27.83 -37.09 -5.69
CA TYR D 60 -27.03 -38.22 -6.16
C TYR D 60 -27.07 -39.42 -5.24
N ASP D 61 -27.64 -39.22 -4.06
CA ASP D 61 -27.57 -40.17 -2.94
C ASP D 61 -26.14 -40.59 -2.63
N ALA D 62 -25.22 -39.64 -2.75
CA ALA D 62 -23.80 -39.90 -2.55
C ALA D 62 -23.44 -39.77 -1.08
N ASP D 63 -22.58 -40.67 -0.59
CA ASP D 63 -22.10 -40.60 0.79
C ASP D 63 -20.74 -39.91 0.95
N ILE D 64 -20.43 -39.01 0.03
CA ILE D 64 -19.20 -38.23 0.08
C ILE D 64 -19.20 -37.34 1.35
N PRO D 65 -18.11 -37.38 2.15
CA PRO D 65 -18.10 -36.51 3.32
C PRO D 65 -17.78 -35.04 2.97
N PHE D 66 -18.44 -34.10 3.65
CA PHE D 66 -18.17 -32.66 3.47
C PHE D 66 -17.97 -31.92 4.80
N PHE D 67 -17.14 -30.89 4.77
CA PHE D 67 -16.55 -30.29 5.97
C PHE D 67 -16.63 -28.75 5.97
N ARG D 68 -16.97 -28.20 7.14
CA ARG D 68 -16.95 -26.74 7.38
C ARG D 68 -15.53 -26.23 7.47
N GLY D 69 -15.25 -25.19 6.67
CA GLY D 69 -13.95 -24.53 6.71
C GLY D 69 -14.04 -23.10 7.21
N ALA D 70 -13.16 -22.25 6.71
CA ALA D 70 -13.05 -20.87 7.20
C ALA D 70 -14.25 -19.97 6.83
N GLU D 71 -14.70 -19.20 7.83
CA GLU D 71 -15.84 -18.30 7.69
C GLU D 71 -15.45 -16.93 7.20
N GLY D 72 -14.15 -16.67 7.11
CA GLY D 72 -13.64 -15.44 6.56
C GLY D 72 -12.22 -15.60 6.06
N PRO D 73 -11.64 -14.51 5.56
CA PRO D 73 -10.29 -14.54 4.99
C PRO D 73 -9.24 -15.00 6.00
N LEU D 74 -8.10 -15.43 5.46
CA LEU D 74 -6.93 -15.73 6.25
C LEU D 74 -6.54 -14.56 7.19
N VAL D 75 -6.63 -13.33 6.67
CA VAL D 75 -6.27 -12.15 7.39
C VAL D 75 -7.30 -11.02 7.25
N GLY D 76 -7.97 -10.66 8.33
CA GLY D 76 -8.87 -9.49 8.33
C GLY D 76 -10.28 -9.78 7.84
N GLU D 77 -11.15 -8.78 7.97
CA GLU D 77 -12.50 -8.73 7.42
C GLU D 77 -12.50 -8.87 5.88
N ARG D 78 -13.52 -9.54 5.34
CA ARG D 78 -13.72 -9.63 3.91
C ARG D 78 -13.81 -8.22 3.27
N GLU D 79 -13.21 -8.09 2.10
CA GLU D 79 -13.19 -6.81 1.41
C GLU D 79 -14.00 -6.94 0.13
N THR D 80 -14.66 -8.08 -0.02
CA THR D 80 -15.60 -8.32 -1.08
C THR D 80 -17.03 -8.38 -0.52
N VAL D 81 -17.99 -8.37 -1.44
CA VAL D 81 -19.41 -8.38 -1.14
C VAL D 81 -19.97 -9.66 -1.76
N GLN D 82 -21.01 -10.24 -1.16
CA GLN D 82 -21.69 -11.42 -1.75
C GLN D 82 -22.47 -11.00 -3.00
N TRP D 83 -22.22 -11.70 -4.10
CA TRP D 83 -22.75 -11.31 -5.42
C TRP D 83 -24.28 -11.36 -5.51
N GLY D 84 -24.88 -12.51 -5.17
CA GLY D 84 -26.34 -12.70 -5.21
C GLY D 84 -26.91 -13.05 -6.59
N GLY D 85 -26.04 -13.38 -7.53
CA GLY D 85 -26.45 -13.71 -8.91
C GLY D 85 -27.23 -15.00 -9.00
N PHE D 86 -26.89 -15.96 -8.14
CA PHE D 86 -27.64 -17.22 -8.05
C PHE D 86 -28.82 -17.18 -7.10
N GLY D 87 -29.04 -16.05 -6.44
CA GLY D 87 -30.14 -15.88 -5.47
C GLY D 87 -29.64 -15.71 -4.05
N SER D 88 -30.55 -15.50 -3.10
CA SER D 88 -30.12 -15.18 -1.73
C SER D 88 -29.31 -16.29 -1.02
N ASP D 89 -29.53 -17.53 -1.41
CA ASP D 89 -28.78 -18.67 -0.86
C ASP D 89 -27.68 -19.21 -1.81
N GLY D 90 -27.47 -18.47 -2.90
CA GLY D 90 -26.52 -18.82 -3.95
C GLY D 90 -26.86 -20.11 -4.67
N PHE D 91 -28.10 -20.55 -4.55
CA PHE D 91 -28.46 -21.91 -4.98
C PHE D 91 -29.83 -21.96 -5.61
N GLY D 92 -30.31 -20.79 -6.02
CA GLY D 92 -31.58 -20.67 -6.71
C GLY D 92 -32.82 -20.24 -5.93
N ASP D 93 -32.70 -20.10 -4.60
CA ASP D 93 -33.86 -19.95 -3.70
C ASP D 93 -35.00 -20.83 -4.19
N ALA D 94 -34.71 -22.12 -4.36
CA ALA D 94 -35.53 -23.03 -5.17
C ALA D 94 -36.52 -23.87 -4.38
N GLY D 95 -36.37 -23.90 -3.06
CA GLY D 95 -37.20 -24.75 -2.21
C GLY D 95 -36.79 -26.21 -2.20
N PHE D 96 -35.53 -26.51 -2.47
CA PHE D 96 -35.04 -27.89 -2.30
C PHE D 96 -35.30 -28.39 -0.88
N PRO D 97 -35.67 -29.68 -0.73
CA PRO D 97 -35.84 -30.15 0.65
C PRO D 97 -34.49 -30.11 1.38
N PRO D 98 -34.48 -29.58 2.62
CA PRO D 98 -33.28 -29.54 3.47
C PRO D 98 -32.72 -30.95 3.66
N SER D 99 -31.39 -31.02 3.74
CA SER D 99 -30.69 -32.29 3.75
C SER D 99 -30.41 -32.80 5.16
N GLN D 100 -30.60 -34.10 5.34
CA GLN D 100 -30.30 -34.74 6.60
C GLN D 100 -28.82 -35.09 6.67
N ARG D 101 -28.10 -34.92 5.57
CA ARG D 101 -26.67 -35.24 5.51
C ARG D 101 -25.79 -34.29 6.35
N VAL D 102 -26.24 -33.04 6.50
CA VAL D 102 -25.48 -32.00 7.15
C VAL D 102 -25.08 -32.35 8.60
N ALA D 103 -26.07 -32.73 9.41
CA ALA D 103 -25.81 -33.07 10.83
C ALA D 103 -24.92 -34.29 11.02
N LEU D 104 -24.89 -35.18 10.02
CA LEU D 104 -24.09 -36.41 10.07
C LEU D 104 -22.60 -36.16 9.90
N GLN D 105 -22.24 -35.01 9.34
CA GLN D 105 -20.87 -34.75 8.92
C GLN D 105 -19.96 -34.54 10.11
N PRO D 106 -18.68 -34.95 9.99
CA PRO D 106 -17.68 -34.77 11.05
C PRO D 106 -17.43 -33.28 11.38
N LYS D 107 -16.95 -33.01 12.60
CA LYS D 107 -16.73 -31.62 13.08
C LYS D 107 -15.42 -31.02 12.63
N ARG D 108 -14.47 -31.88 12.27
CA ARG D 108 -13.17 -31.47 11.70
C ARG D 108 -13.25 -30.24 10.78
N HIS D 109 -12.46 -29.21 11.08
CA HIS D 109 -12.25 -28.08 10.18
C HIS D 109 -11.77 -28.61 8.82
N ALA D 110 -12.23 -27.98 7.74
CA ALA D 110 -11.84 -28.40 6.38
C ALA D 110 -10.32 -28.46 6.15
N ALA D 111 -9.58 -27.56 6.77
CA ALA D 111 -8.13 -27.54 6.62
C ALA D 111 -7.54 -28.82 7.17
N LEU D 112 -8.02 -29.24 8.33
CA LEU D 112 -7.46 -30.44 8.95
C LEU D 112 -7.86 -31.69 8.19
N GLU D 113 -8.96 -31.61 7.45
CA GLU D 113 -9.42 -32.72 6.64
C GLU D 113 -8.57 -32.88 5.39
N ILE D 114 -8.16 -31.76 4.77
CA ILE D 114 -7.25 -31.81 3.63
C ILE D 114 -6.02 -32.59 4.05
N LEU D 115 -5.49 -32.26 5.23
CA LEU D 115 -4.28 -32.87 5.77
C LEU D 115 -4.47 -34.35 6.04
N LYS D 116 -5.62 -34.72 6.59
CA LYS D 116 -5.95 -36.11 6.88
C LYS D 116 -6.01 -36.94 5.60
N ILE D 117 -6.73 -36.45 4.59
CA ILE D 117 -6.79 -37.09 3.28
C ILE D 117 -5.40 -37.25 2.64
N LEU D 118 -4.60 -36.18 2.66
CA LEU D 118 -3.23 -36.25 2.13
C LEU D 118 -2.38 -37.25 2.90
N GLU D 119 -2.61 -37.33 4.20
CA GLU D 119 -1.84 -38.19 5.06
C GLU D 119 -2.16 -39.64 4.73
N GLU D 120 -3.44 -39.90 4.45
CA GLU D 120 -3.90 -41.27 4.19
C GLU D 120 -3.78 -41.69 2.72
N ALA D 121 -3.53 -40.72 1.84
CA ALA D 121 -3.39 -40.94 0.40
C ALA D 121 -2.29 -41.94 0.05
N GLU D 122 -2.54 -42.80 -0.93
CA GLU D 122 -1.52 -43.76 -1.40
C GLU D 122 -1.31 -43.61 -2.91
N PRO D 123 -0.41 -42.69 -3.33
CA PRO D 123 -0.20 -42.45 -4.76
C PRO D 123 0.51 -43.61 -5.46
N SER D 124 -0.03 -43.97 -6.62
CA SER D 124 0.56 -44.96 -7.51
C SER D 124 0.30 -44.43 -8.92
N ASP D 125 0.63 -45.22 -9.92
CA ASP D 125 0.35 -44.84 -11.31
C ASP D 125 -1.10 -45.10 -11.71
N ASP D 126 -1.81 -45.94 -10.96
CA ASP D 126 -3.25 -46.18 -11.14
C ASP D 126 -4.13 -45.11 -10.47
N VAL D 127 -3.65 -44.51 -9.38
CA VAL D 127 -4.47 -43.65 -8.52
C VAL D 127 -3.74 -42.34 -8.30
N VAL D 128 -4.27 -41.25 -8.85
CA VAL D 128 -3.66 -39.93 -8.67
C VAL D 128 -4.62 -39.00 -7.91
N TYR D 129 -4.11 -38.17 -6.99
CA TYR D 129 -4.94 -37.25 -6.15
C TYR D 129 -4.83 -35.82 -6.64
N GLN D 130 -5.94 -35.11 -6.67
CA GLN D 130 -5.97 -33.73 -7.16
C GLN D 130 -6.82 -32.86 -6.28
N LEU D 131 -6.37 -31.63 -6.05
CA LEU D 131 -7.16 -30.64 -5.35
C LEU D 131 -7.64 -29.63 -6.38
N VAL D 132 -8.95 -29.44 -6.44
CA VAL D 132 -9.54 -28.40 -7.27
C VAL D 132 -10.17 -27.37 -6.35
N ALA D 133 -9.78 -26.10 -6.49
CA ALA D 133 -10.26 -25.05 -5.60
C ALA D 133 -11.16 -24.11 -6.33
N LEU D 134 -12.41 -24.02 -5.86
CA LEU D 134 -13.47 -23.28 -6.55
C LEU D 134 -13.96 -22.02 -5.80
N GLY D 135 -13.17 -21.55 -4.85
CA GLY D 135 -13.57 -20.39 -4.05
C GLY D 135 -12.35 -19.72 -3.47
N PRO D 136 -12.54 -18.83 -2.51
CA PRO D 136 -11.37 -18.23 -1.92
C PRO D 136 -10.47 -19.34 -1.39
N LEU D 137 -9.16 -19.12 -1.42
CA LEU D 137 -8.20 -20.15 -1.07
C LEU D 137 -7.92 -20.34 0.41
N THR D 138 -8.73 -19.77 1.29
CA THR D 138 -8.45 -19.79 2.73
C THR D 138 -8.15 -21.18 3.29
N ASN D 139 -9.03 -22.17 3.06
CA ASN D 139 -8.80 -23.52 3.60
C ASN D 139 -7.48 -24.12 3.13
N VAL D 140 -7.15 -23.94 1.85
CA VAL D 140 -5.94 -24.50 1.24
C VAL D 140 -4.67 -23.84 1.82
N ALA D 141 -4.68 -22.51 1.96
CA ALA D 141 -3.56 -21.80 2.54
C ALA D 141 -3.34 -22.26 3.97
N LEU D 142 -4.43 -22.38 4.72
CA LEU D 142 -4.38 -22.77 6.12
C LEU D 142 -3.79 -24.16 6.30
N ALA D 143 -4.23 -25.10 5.47
CA ALA D 143 -3.61 -26.43 5.45
C ALA D 143 -2.12 -26.39 5.06
N LEU D 144 -1.78 -25.63 4.00
CA LEU D 144 -0.38 -25.45 3.56
C LEU D 144 0.59 -24.93 4.60
N ARG D 145 0.20 -23.92 5.38
CA ARG D 145 1.12 -23.43 6.41
C ARG D 145 1.21 -24.41 7.59
N LEU D 146 0.20 -25.25 7.82
CA LEU D 146 0.28 -26.23 8.91
C LEU D 146 1.17 -27.44 8.63
N ASN D 147 1.13 -27.97 7.41
CA ASN D 147 1.91 -29.15 7.04
C ASN D 147 2.19 -29.12 5.56
N PRO D 148 3.15 -28.26 5.14
CA PRO D 148 3.41 -28.04 3.70
C PRO D 148 3.85 -29.30 2.94
N ASP D 149 4.59 -30.19 3.63
CA ASP D 149 5.20 -31.36 3.01
C ASP D 149 4.23 -32.33 2.35
N LEU D 150 3.06 -32.50 2.96
CA LEU D 150 2.06 -33.48 2.52
C LEU D 150 1.48 -33.13 1.15
N PHE D 151 1.67 -31.87 0.73
CA PHE D 151 1.09 -31.42 -0.53
C PHE D 151 1.83 -31.95 -1.75
N SER D 152 2.99 -32.56 -1.53
CA SER D 152 3.71 -33.21 -2.60
C SER D 152 3.04 -34.53 -3.00
N LYS D 153 2.11 -35.01 -2.19
CA LYS D 153 1.37 -36.23 -2.51
C LYS D 153 0.36 -36.00 -3.64
N LEU D 154 0.09 -34.74 -3.97
CA LEU D 154 -0.87 -34.42 -5.04
C LEU D 154 -0.20 -34.43 -6.39
N GLY D 155 -0.87 -35.04 -7.36
CA GLY D 155 -0.47 -34.96 -8.76
C GLY D 155 0.60 -35.95 -9.12
N THR D 156 1.21 -35.71 -10.28
CA THR D 156 2.26 -36.53 -10.82
C THR D 156 3.30 -35.54 -11.36
N ASP D 157 4.42 -36.01 -11.91
CA ASP D 157 5.34 -35.13 -12.62
C ASP D 157 4.65 -34.57 -13.86
N THR D 158 3.56 -35.22 -14.25
CA THR D 158 2.84 -34.95 -15.49
C THR D 158 1.44 -34.37 -15.25
N ILE D 159 0.74 -34.90 -14.24
CA ILE D 159 -0.63 -34.49 -13.90
C ILE D 159 -0.61 -33.49 -12.75
N PRO D 160 -1.26 -32.32 -12.94
CA PRO D 160 -1.32 -31.26 -11.93
C PRO D 160 -2.00 -31.71 -10.65
N GLY D 161 -1.37 -31.41 -9.52
CA GLY D 161 -1.94 -31.68 -8.21
C GLY D 161 -2.95 -30.63 -7.77
N ILE D 162 -2.81 -29.40 -8.25
CA ILE D 162 -3.76 -28.36 -7.86
C ILE D 162 -4.23 -27.52 -9.03
N VAL D 163 -5.54 -27.46 -9.20
CA VAL D 163 -6.18 -26.60 -10.18
C VAL D 163 -7.08 -25.62 -9.42
N ILE D 164 -6.99 -24.33 -9.74
CA ILE D 164 -7.75 -23.31 -9.00
C ILE D 164 -8.57 -22.43 -9.94
N MET D 165 -9.82 -22.13 -9.57
CA MET D 165 -10.56 -21.12 -10.31
C MET D 165 -10.31 -19.83 -9.55
N ASN D 166 -9.52 -18.94 -10.18
CA ASN D 166 -8.86 -17.84 -9.46
C ASN D 166 -8.17 -16.86 -10.43
N GLY D 167 -8.35 -15.57 -10.16
CA GLY D 167 -7.60 -14.53 -10.84
C GLY D 167 -8.02 -14.21 -12.25
N THR D 168 -7.21 -13.38 -12.90
CA THR D 168 -7.41 -12.97 -14.28
C THR D 168 -6.15 -13.25 -15.10
N SER D 169 -6.27 -13.27 -16.43
CA SER D 169 -5.10 -13.25 -17.28
C SER D 169 -4.90 -11.89 -17.92
N GLU D 170 -5.86 -11.00 -17.74
CA GLU D 170 -5.89 -9.69 -18.46
C GLU D 170 -6.31 -8.56 -17.54
N SER D 171 -6.33 -8.86 -16.24
CA SER D 171 -6.89 -8.00 -15.20
C SER D 171 -8.20 -7.28 -15.56
N LYS D 172 -9.09 -7.98 -16.28
CA LYS D 172 -10.50 -7.65 -16.31
C LYS D 172 -11.14 -8.14 -15.01
N GLY D 173 -10.99 -7.37 -13.93
CA GLY D 173 -11.50 -7.76 -12.61
C GLY D 173 -13.02 -7.67 -12.58
N ASN D 174 -13.66 -8.65 -11.93
CA ASN D 174 -15.11 -8.65 -11.76
C ASN D 174 -15.53 -8.37 -10.31
N SER D 175 -14.54 -8.02 -9.48
CA SER D 175 -14.77 -7.75 -8.06
C SER D 175 -14.36 -6.33 -7.74
N ASN D 176 -13.11 -5.97 -8.02
CA ASN D 176 -12.74 -4.55 -8.23
C ASN D 176 -12.27 -4.42 -9.68
N MET D 177 -11.70 -3.29 -10.09
CA MET D 177 -11.36 -3.09 -11.48
C MET D 177 -10.35 -4.14 -11.97
N ALA D 178 -9.49 -4.65 -11.08
CA ALA D 178 -8.36 -5.48 -11.50
C ALA D 178 -8.48 -6.94 -11.09
N ALA D 179 -9.21 -7.20 -10.01
CA ALA D 179 -9.15 -8.50 -9.35
C ALA D 179 -10.42 -9.33 -9.52
N GLU D 180 -10.22 -10.63 -9.70
CA GLU D 180 -11.32 -11.57 -9.79
C GLU D 180 -11.81 -11.86 -8.35
N PHE D 181 -13.10 -12.15 -8.20
CA PHE D 181 -13.73 -12.44 -6.89
C PHE D 181 -12.98 -13.37 -5.90
N ASN D 182 -12.71 -14.60 -6.29
CA ASN D 182 -12.03 -15.52 -5.39
C ASN D 182 -10.70 -14.97 -4.93
N SER D 183 -9.91 -14.44 -5.88
CA SER D 183 -8.61 -13.81 -5.57
C SER D 183 -8.80 -12.64 -4.61
N HIS D 184 -9.72 -11.74 -4.96
CA HIS D 184 -9.95 -10.55 -4.15
C HIS D 184 -10.41 -10.95 -2.75
N CYS D 185 -11.22 -12.02 -2.65
CA CYS D 185 -11.72 -12.50 -1.36
C CYS D 185 -10.58 -12.81 -0.43
N ASP D 186 -9.49 -13.38 -0.96
CA ASP D 186 -8.39 -13.73 -0.07
C ASP D 186 -7.06 -13.70 -0.79
N PRO D 187 -6.48 -12.50 -0.91
CA PRO D 187 -5.24 -12.34 -1.65
C PRO D 187 -4.07 -13.01 -0.92
N GLU D 188 -4.04 -12.89 0.41
CA GLU D 188 -3.01 -13.55 1.20
C GLU D 188 -3.01 -15.07 0.94
N ALA D 189 -4.20 -15.68 0.91
CA ALA D 189 -4.25 -17.11 0.69
C ALA D 189 -3.69 -17.48 -0.68
N GLY D 190 -3.93 -16.64 -1.68
CA GLY D 190 -3.39 -16.84 -3.03
C GLY D 190 -1.86 -16.81 -3.07
N VAL D 191 -1.26 -15.83 -2.38
CA VAL D 191 0.17 -15.78 -2.27
C VAL D 191 0.71 -17.09 -1.65
N VAL D 192 0.08 -17.58 -0.60
CA VAL D 192 0.57 -18.80 0.06
C VAL D 192 0.53 -19.98 -0.94
N VAL D 193 -0.58 -20.11 -1.67
CA VAL D 193 -0.72 -21.17 -2.68
C VAL D 193 0.33 -21.04 -3.80
N LEU D 194 0.52 -19.81 -4.31
CA LEU D 194 1.42 -19.62 -5.44
C LEU D 194 2.92 -19.60 -5.05
N GLN D 195 3.22 -19.20 -3.84
CA GLN D 195 4.60 -19.17 -3.38
C GLN D 195 5.09 -20.51 -2.83
N HIS D 196 4.18 -21.47 -2.64
CA HIS D 196 4.52 -22.75 -2.05
C HIS D 196 5.57 -23.50 -2.86
N LYS D 197 6.59 -23.97 -2.15
CA LYS D 197 7.66 -24.80 -2.72
C LYS D 197 7.26 -26.24 -2.57
N GLY D 198 7.31 -26.99 -3.66
CA GLY D 198 7.17 -28.45 -3.59
C GLY D 198 5.93 -29.05 -4.25
N TRP D 199 5.23 -28.26 -5.04
CA TRP D 199 4.20 -28.82 -5.95
C TRP D 199 4.94 -29.69 -6.97
N LYS D 200 4.36 -30.82 -7.32
CA LYS D 200 4.96 -31.66 -8.35
C LYS D 200 4.80 -31.03 -9.73
N CYS D 201 3.74 -30.25 -9.90
CA CYS D 201 3.47 -29.52 -11.13
C CYS D 201 3.03 -28.13 -10.77
N PRO D 202 3.33 -27.14 -11.64
CA PRO D 202 2.89 -25.76 -11.42
C PRO D 202 1.38 -25.69 -11.18
N VAL D 203 0.96 -24.73 -10.36
CA VAL D 203 -0.45 -24.50 -10.12
C VAL D 203 -1.09 -24.18 -11.47
N GLN D 204 -2.23 -24.78 -11.76
CA GLN D 204 -2.99 -24.41 -12.99
C GLN D 204 -3.98 -23.31 -12.64
N LEU D 205 -3.84 -22.17 -13.32
CA LEU D 205 -4.66 -21.00 -13.00
C LEU D 205 -5.81 -20.90 -14.00
N VAL D 206 -6.98 -21.39 -13.59
CA VAL D 206 -8.16 -21.25 -14.46
C VAL D 206 -8.84 -19.91 -14.12
N ASN D 207 -8.45 -18.89 -14.88
CA ASN D 207 -8.77 -17.52 -14.57
C ASN D 207 -10.09 -17.11 -15.21
N TRP D 208 -10.57 -15.93 -14.86
CA TRP D 208 -11.83 -15.41 -15.36
C TRP D 208 -11.95 -15.37 -16.86
N GLU D 209 -11.01 -14.72 -17.54
CA GLU D 209 -11.13 -14.54 -19.01
C GLU D 209 -11.20 -15.84 -19.79
N VAL D 210 -10.43 -16.84 -19.35
CA VAL D 210 -10.48 -18.10 -20.07
C VAL D 210 -11.84 -18.82 -19.89
N THR D 211 -12.50 -18.59 -18.76
CA THR D 211 -13.83 -19.16 -18.58
C THR D 211 -14.89 -18.37 -19.37
N VAL D 212 -14.73 -17.04 -19.43
CA VAL D 212 -15.60 -16.22 -20.28
C VAL D 212 -15.58 -16.69 -21.74
N ASN D 213 -14.42 -17.16 -22.20
CA ASN D 213 -14.26 -17.55 -23.62
C ASN D 213 -14.62 -19.01 -23.83
N SER D 214 -15.06 -19.67 -22.76
CA SER D 214 -15.64 -21.02 -22.88
C SER D 214 -16.97 -21.11 -22.11
N PRO D 215 -17.99 -20.39 -22.59
CA PRO D 215 -19.27 -20.35 -21.89
C PRO D 215 -20.24 -21.36 -22.49
N MET D 216 -21.46 -21.42 -21.94
CA MET D 216 -22.53 -22.06 -22.69
C MET D 216 -23.48 -20.99 -23.23
N THR D 217 -24.17 -21.33 -24.30
CA THR D 217 -25.19 -20.49 -24.87
C THR D 217 -26.49 -20.70 -24.09
N TRP D 218 -27.34 -19.69 -24.01
CA TRP D 218 -28.64 -19.88 -23.38
C TRP D 218 -29.47 -20.87 -24.17
N GLY D 219 -29.26 -20.89 -25.49
CA GLY D 219 -29.85 -21.91 -26.36
C GLY D 219 -29.39 -23.30 -25.99
N PHE D 220 -28.09 -23.49 -25.80
CA PHE D 220 -27.55 -24.78 -25.33
C PHE D 220 -28.19 -25.16 -24.00
N TYR D 221 -28.21 -24.20 -23.06
CA TYR D 221 -28.85 -24.39 -21.78
C TYR D 221 -30.28 -24.89 -21.90
N ASP D 222 -31.07 -24.23 -22.74
CA ASP D 222 -32.47 -24.65 -22.95
C ASP D 222 -32.55 -26.14 -23.28
N LYS D 223 -31.70 -26.61 -24.20
CA LYS D 223 -31.60 -28.04 -24.55
C LYS D 223 -31.08 -28.90 -23.40
N LEU D 224 -30.10 -28.39 -22.65
CA LEU D 224 -29.56 -29.11 -21.50
C LEU D 224 -30.68 -29.54 -20.52
N VAL D 225 -31.59 -28.61 -20.27
CA VAL D 225 -32.58 -28.71 -19.21
C VAL D 225 -33.91 -29.18 -19.83
N ASN D 226 -33.83 -29.48 -21.13
CA ASN D 226 -34.90 -30.18 -21.86
C ASN D 226 -36.19 -29.38 -21.94
N ARG D 227 -36.06 -28.10 -22.26
CA ARG D 227 -37.23 -27.29 -22.60
C ARG D 227 -37.84 -27.61 -23.99
N GLN D 239 -38.49 -34.12 -18.83
CA GLN D 239 -37.43 -33.83 -17.87
C GLN D 239 -37.05 -34.99 -16.92
N ASN D 240 -35.77 -35.53 -17.08
CA ASN D 240 -35.25 -36.46 -16.01
C ASN D 240 -34.94 -35.62 -14.78
N LYS D 241 -34.55 -36.31 -13.67
CA LYS D 241 -34.38 -35.62 -12.42
C LYS D 241 -33.16 -34.69 -12.27
N TRP D 242 -32.19 -34.87 -13.19
CA TRP D 242 -30.97 -33.96 -13.14
C TRP D 242 -31.19 -32.56 -13.78
N GLN D 243 -31.96 -32.58 -14.85
CA GLN D 243 -32.30 -31.36 -15.56
C GLN D 243 -33.19 -30.50 -14.69
N GLU D 244 -34.14 -31.14 -13.99
CA GLU D 244 -35.03 -30.41 -13.09
C GLU D 244 -34.21 -29.62 -12.06
N PHE D 245 -33.22 -30.27 -11.47
CA PHE D 245 -32.40 -29.65 -10.47
C PHE D 245 -31.60 -28.47 -11.05
N ILE D 246 -31.00 -28.67 -12.23
CA ILE D 246 -30.27 -27.61 -12.90
C ILE D 246 -31.17 -26.43 -13.24
N GLU D 247 -32.37 -26.70 -13.74
CA GLU D 247 -33.31 -25.59 -14.03
C GLU D 247 -33.62 -24.76 -12.78
N LYS D 248 -33.90 -25.44 -11.67
CA LYS D 248 -34.17 -24.75 -10.40
C LYS D 248 -32.96 -23.97 -9.82
N LEU D 249 -31.77 -24.52 -9.98
CA LEU D 249 -30.53 -23.97 -9.46
C LEU D 249 -30.17 -22.64 -10.14
N PHE D 250 -30.45 -22.59 -11.45
CA PHE D 250 -30.05 -21.48 -12.33
C PHE D 250 -31.17 -20.46 -12.58
N GLN D 251 -32.33 -20.66 -11.94
CA GLN D 251 -33.53 -19.85 -12.24
C GLN D 251 -33.35 -18.36 -11.93
N ARG D 252 -32.72 -18.04 -10.80
CA ARG D 252 -32.45 -16.65 -10.46
CA ARG D 252 -32.48 -16.64 -10.49
C ARG D 252 -31.39 -16.05 -11.39
N LEU D 253 -30.25 -16.76 -11.53
CA LEU D 253 -29.20 -16.33 -12.46
C LEU D 253 -29.78 -16.05 -13.83
N GLU D 254 -30.67 -16.92 -14.28
CA GLU D 254 -31.34 -16.76 -15.57
C GLU D 254 -32.19 -15.48 -15.64
N ALA D 255 -33.01 -15.23 -14.62
CA ALA D 255 -33.83 -14.01 -14.61
C ALA D 255 -32.98 -12.73 -14.55
N PHE D 256 -31.87 -12.77 -13.82
CA PHE D 256 -30.98 -11.63 -13.64
C PHE D 256 -30.12 -11.31 -14.86
N THR D 257 -29.67 -12.33 -15.59
CA THR D 257 -28.67 -12.08 -16.63
C THR D 257 -29.15 -12.35 -18.05
N ARG D 258 -30.07 -13.31 -18.21
CA ARG D 258 -30.64 -13.57 -19.54
C ARG D 258 -31.77 -12.59 -19.83
N VAL D 277 -26.30 -13.32 -24.58
CA VAL D 277 -26.55 -14.60 -25.21
C VAL D 277 -25.81 -15.77 -24.54
N THR D 278 -24.74 -15.48 -23.79
CA THR D 278 -23.91 -16.54 -23.19
C THR D 278 -23.96 -16.57 -21.65
N CYS D 279 -23.80 -17.77 -21.12
CA CYS D 279 -23.75 -18.00 -19.69
C CYS D 279 -22.39 -18.58 -19.31
N VAL D 280 -21.69 -17.88 -18.41
CA VAL D 280 -20.34 -18.24 -18.01
C VAL D 280 -20.44 -19.10 -16.77
N VAL D 281 -19.85 -20.29 -16.82
CA VAL D 281 -19.88 -21.22 -15.70
C VAL D 281 -18.44 -21.54 -15.25
N PRO D 282 -17.74 -20.58 -14.61
CA PRO D 282 -16.29 -20.67 -14.35
C PRO D 282 -15.80 -21.92 -13.63
N ASP D 283 -16.37 -22.27 -12.47
CA ASP D 283 -15.92 -23.43 -11.72
C ASP D 283 -15.98 -24.72 -12.55
N ALA D 284 -16.99 -24.87 -13.41
CA ALA D 284 -17.12 -26.08 -14.22
C ALA D 284 -15.96 -26.18 -15.19
N VAL D 285 -15.48 -25.02 -15.67
CA VAL D 285 -14.30 -25.00 -16.55
C VAL D 285 -13.07 -25.48 -15.77
N ALA D 286 -12.97 -25.06 -14.53
CA ALA D 286 -11.83 -25.45 -13.70
C ALA D 286 -11.82 -26.97 -13.52
N VAL D 287 -12.98 -27.56 -13.21
CA VAL D 287 -13.05 -29.00 -12.98
C VAL D 287 -12.70 -29.74 -14.26
N LEU D 288 -13.13 -29.20 -15.41
CA LEU D 288 -12.81 -29.80 -16.70
C LEU D 288 -11.30 -29.83 -16.94
N VAL D 289 -10.63 -28.71 -16.63
CA VAL D 289 -9.18 -28.63 -16.78
C VAL D 289 -8.45 -29.70 -15.94
N ALA D 290 -8.95 -29.91 -14.73
CA ALA D 290 -8.33 -30.85 -13.77
C ALA D 290 -8.43 -32.27 -14.28
N ILE D 291 -9.60 -32.65 -14.80
CA ILE D 291 -9.81 -34.05 -15.12
C ILE D 291 -9.67 -34.42 -16.61
N ARG D 292 -9.75 -33.43 -17.49
CA ARG D 292 -9.42 -33.66 -18.88
C ARG D 292 -8.36 -32.68 -19.36
N PRO D 293 -7.07 -32.98 -19.08
CA PRO D 293 -5.98 -32.02 -19.37
C PRO D 293 -5.86 -31.68 -20.87
N GLU D 294 -6.35 -32.56 -21.71
CA GLU D 294 -6.40 -32.33 -23.16
C GLU D 294 -7.35 -31.18 -23.59
N SER D 295 -8.19 -30.72 -22.65
CA SER D 295 -9.09 -29.60 -22.90
C SER D 295 -8.34 -28.27 -22.86
N VAL D 296 -7.10 -28.28 -22.40
CA VAL D 296 -6.29 -27.07 -22.42
C VAL D 296 -5.71 -26.91 -23.82
N LEU D 297 -6.27 -26.02 -24.63
CA LEU D 297 -5.75 -25.77 -25.99
C LEU D 297 -4.57 -24.80 -26.03
N ASP D 298 -4.46 -23.95 -25.01
CA ASP D 298 -3.39 -22.97 -24.96
C ASP D 298 -3.14 -22.51 -23.53
N SER D 299 -1.87 -22.31 -23.19
CA SER D 299 -1.50 -21.82 -21.87
C SER D 299 -0.11 -21.23 -21.88
N PHE D 300 0.22 -20.53 -20.80
CA PHE D 300 1.52 -19.90 -20.65
C PHE D 300 2.09 -20.14 -19.25
N LEU D 301 3.20 -20.86 -19.19
CA LEU D 301 3.88 -21.19 -17.96
C LEU D 301 4.89 -20.10 -17.60
N THR D 302 4.66 -19.43 -16.47
CA THR D 302 5.54 -18.34 -16.05
C THR D 302 5.43 -18.12 -14.55
N TYR D 303 5.94 -16.98 -14.07
CA TYR D 303 5.83 -16.63 -12.66
C TYR D 303 4.59 -15.81 -12.42
N VAL D 304 3.81 -16.24 -11.42
CA VAL D 304 2.59 -15.54 -11.08
C VAL D 304 2.52 -15.31 -9.58
N THR D 305 1.97 -14.16 -9.18
CA THR D 305 1.68 -13.88 -7.77
C THR D 305 0.45 -13.00 -7.61
N VAL D 306 0.01 -12.80 -6.36
CA VAL D 306 -1.15 -11.94 -6.10
C VAL D 306 -0.73 -10.65 -5.37
N GLU D 307 -1.18 -9.49 -5.83
CA GLU D 307 -0.96 -8.22 -5.15
C GLU D 307 -1.66 -8.18 -3.79
N LEU D 308 -0.96 -7.77 -2.75
CA LEU D 308 -1.60 -7.70 -1.43
C LEU D 308 -1.87 -6.27 -1.00
N HIS D 309 -1.11 -5.31 -1.57
CA HIS D 309 -0.99 -3.95 -0.96
C HIS D 309 -1.56 -2.78 -1.76
N GLY D 310 -2.04 -3.01 -2.97
CA GLY D 310 -2.59 -1.89 -3.73
C GLY D 310 -3.96 -1.44 -3.21
N ARG D 311 -4.34 -0.22 -3.55
CA ARG D 311 -5.63 0.37 -3.24
C ARG D 311 -6.66 -0.16 -4.27
N GLU D 312 -6.43 0.12 -5.56
CA GLU D 312 -7.32 -0.39 -6.59
C GLU D 312 -6.98 -1.81 -7.04
N THR D 313 -5.79 -2.29 -6.74
CA THR D 313 -5.30 -3.58 -7.25
C THR D 313 -5.11 -4.70 -6.22
N ARG D 314 -5.61 -4.54 -4.99
CA ARG D 314 -5.56 -5.62 -4.03
C ARG D 314 -6.27 -6.82 -4.64
N GLY D 315 -5.63 -8.00 -4.62
CA GLY D 315 -6.21 -9.19 -5.24
C GLY D 315 -5.89 -9.37 -6.73
N ALA D 316 -5.24 -8.39 -7.36
CA ALA D 316 -4.84 -8.53 -8.76
C ALA D 316 -3.87 -9.70 -8.95
N THR D 317 -3.99 -10.35 -10.10
CA THR D 317 -3.09 -11.39 -10.55
C THR D 317 -2.00 -10.73 -11.33
N CYS D 318 -0.75 -10.91 -10.88
CA CYS D 318 0.44 -10.32 -11.52
C CYS D 318 1.13 -11.44 -12.21
N ILE D 319 1.40 -11.24 -13.50
CA ILE D 319 1.91 -12.28 -14.37
C ILE D 319 3.19 -11.77 -15.00
N ASP D 320 4.28 -12.53 -14.89
CA ASP D 320 5.55 -12.18 -15.54
C ASP D 320 5.47 -12.57 -17.04
N TRP D 321 4.86 -11.74 -17.87
CA TRP D 321 4.71 -12.10 -19.28
C TRP D 321 6.03 -12.14 -20.07
N TYR D 322 6.98 -11.31 -19.68
CA TYR D 322 8.19 -11.15 -20.47
C TYR D 322 9.45 -11.72 -19.80
N GLY D 323 9.33 -12.10 -18.53
CA GLY D 323 10.45 -12.59 -17.75
C GLY D 323 11.21 -13.73 -18.41
N THR D 324 12.54 -13.61 -18.44
CA THR D 324 13.41 -14.69 -18.93
C THR D 324 13.90 -15.46 -17.73
N GLU D 325 14.29 -16.71 -17.95
CA GLU D 325 14.97 -17.53 -16.92
C GLU D 325 16.09 -16.73 -16.19
N GLN D 326 16.85 -15.95 -16.96
CA GLN D 326 17.84 -15.05 -16.38
C GLN D 326 17.25 -13.81 -15.66
N SER D 327 16.11 -13.28 -16.11
CA SER D 327 15.47 -12.18 -15.39
C SER D 327 14.97 -12.66 -14.01
N MET D 328 14.33 -13.82 -14.04
CA MET D 328 13.69 -14.47 -12.89
C MET D 328 14.68 -14.86 -11.80
N ALA D 329 15.75 -15.56 -12.19
CA ALA D 329 16.83 -15.91 -11.26
C ALA D 329 17.18 -14.69 -10.40
N LYS D 330 17.54 -13.58 -11.06
CA LYS D 330 17.88 -12.33 -10.39
C LYS D 330 16.85 -11.87 -9.34
N LYS D 331 15.56 -12.00 -9.63
CA LYS D 331 14.52 -11.50 -8.74
C LYS D 331 13.90 -12.61 -7.90
N GLY D 332 14.60 -13.74 -7.81
CA GLY D 332 14.08 -14.96 -7.19
C GLY D 332 12.65 -15.37 -7.60
N ARG D 333 12.33 -15.27 -8.89
CA ARG D 333 11.10 -15.87 -9.42
C ARG D 333 11.37 -17.23 -10.03
N TRP D 334 10.31 -17.95 -10.38
CA TRP D 334 10.47 -19.25 -11.05
C TRP D 334 9.16 -19.56 -11.75
N ARG D 335 9.16 -20.52 -12.67
CA ARG D 335 7.89 -20.82 -13.37
C ARG D 335 6.96 -21.66 -12.45
N ASN D 336 6.16 -20.95 -11.65
CA ASN D 336 5.32 -21.57 -10.62
C ASN D 336 3.86 -21.72 -11.03
N CYS D 337 3.49 -21.21 -12.19
CA CYS D 337 2.08 -21.15 -12.55
C CYS D 337 1.79 -21.26 -14.05
N ASN D 338 0.88 -22.18 -14.39
CA ASN D 338 0.43 -22.30 -15.76
C ASN D 338 -0.87 -21.54 -16.00
N VAL D 339 -0.75 -20.40 -16.68
CA VAL D 339 -1.89 -19.52 -16.95
C VAL D 339 -2.65 -20.12 -18.14
N ILE D 340 -3.86 -20.62 -17.88
CA ILE D 340 -4.65 -21.26 -18.92
C ILE D 340 -5.26 -20.14 -19.77
N THR D 341 -5.04 -20.16 -21.08
CA THR D 341 -5.55 -19.08 -21.92
C THR D 341 -6.59 -19.49 -22.92
N LYS D 342 -6.70 -20.80 -23.22
CA LYS D 342 -7.80 -21.31 -24.05
C LYS D 342 -8.20 -22.73 -23.68
N VAL D 343 -9.50 -22.89 -23.38
CA VAL D 343 -10.11 -24.19 -23.17
C VAL D 343 -10.96 -24.61 -24.36
N ASP D 344 -10.94 -25.90 -24.68
CA ASP D 344 -11.73 -26.50 -25.75
C ASP D 344 -13.22 -26.44 -25.41
N ASN D 345 -13.94 -25.49 -25.99
CA ASN D 345 -15.38 -25.32 -25.71
C ASN D 345 -16.21 -26.56 -26.01
N GLU D 346 -15.92 -27.20 -27.13
CA GLU D 346 -16.58 -28.44 -27.55
C GLU D 346 -16.50 -29.51 -26.47
N MET D 347 -15.32 -29.68 -25.88
CA MET D 347 -15.12 -30.67 -24.81
C MET D 347 -15.88 -30.29 -23.55
N PHE D 348 -16.00 -29.00 -23.31
CA PHE D 348 -16.74 -28.48 -22.17
C PHE D 348 -18.24 -28.77 -22.31
N LEU D 349 -18.80 -28.47 -23.48
CA LEU D 349 -20.23 -28.69 -23.73
C LEU D 349 -20.59 -30.15 -23.59
N LYS D 350 -19.73 -31.01 -24.13
CA LYS D 350 -19.94 -32.45 -24.05
C LYS D 350 -19.97 -32.94 -22.60
N ALA D 351 -19.07 -32.40 -21.78
CA ALA D 351 -19.02 -32.72 -20.36
C ALA D 351 -20.28 -32.28 -19.62
N LEU D 352 -20.80 -31.10 -19.96
CA LEU D 352 -22.08 -30.64 -19.40
C LEU D 352 -23.19 -31.56 -19.88
N ARG D 353 -23.19 -31.89 -21.17
CA ARG D 353 -24.13 -32.83 -21.76
C ARG D 353 -24.08 -34.15 -21.01
N ASP D 354 -22.88 -34.58 -20.63
CA ASP D 354 -22.73 -35.83 -19.89
C ASP D 354 -23.36 -35.79 -18.51
N ILE D 355 -23.47 -34.61 -17.90
CA ILE D 355 -24.11 -34.48 -16.59
C ILE D 355 -25.57 -34.94 -16.65
N VAL D 356 -26.31 -34.49 -17.66
CA VAL D 356 -27.75 -34.77 -17.72
C VAL D 356 -28.09 -36.15 -18.27
N GLU D 357 -27.09 -36.87 -18.80
CA GLU D 357 -27.28 -38.23 -19.32
C GLU D 357 -26.71 -39.30 -18.38
N TYR D 358 -26.31 -38.90 -17.18
CA TYR D 358 -25.62 -39.79 -16.26
C TYR D 358 -26.55 -40.85 -15.70
N VAL D 359 -26.10 -42.10 -15.73
CA VAL D 359 -26.77 -43.16 -15.03
C VAL D 359 -25.72 -43.70 -14.07
N ALA D 360 -26.07 -43.75 -12.78
CA ALA D 360 -25.15 -44.18 -11.69
C ALA D 360 -24.55 -45.57 -11.89
CA CA E . -3.64 25.76 9.25
C1 BTB F . -3.98 20.47 12.21
O1 BTB F . -3.51 19.42 13.07
C2 BTB F . -4.88 21.54 12.85
C3 BTB F . -4.00 22.34 13.79
O3 BTB F . -3.52 23.59 13.23
C4 BTB F . -5.40 22.51 11.79
O4 BTB F . -5.21 21.97 10.50
N BTB F . -6.09 21.03 13.54
C5 BTB F . -7.38 21.02 12.85
C6 BTB F . -7.46 19.67 12.11
O6 BTB F . -8.59 19.75 11.26
C7 BTB F . -6.05 20.59 14.95
C8 BTB F . -7.28 19.75 15.30
O8 BTB F . -6.98 18.36 15.00
CA CA G . 11.26 -12.62 21.82
C1 BTB H . 11.87 -6.28 21.13
O1 BTB H . 11.56 -5.56 19.94
C2 BTB H . 13.08 -7.19 20.87
C3 BTB H . 13.53 -7.80 22.20
O3 BTB H . 12.53 -8.69 22.62
C4 BTB H . 12.54 -8.16 19.80
O4 BTB H . 12.87 -9.52 19.98
N BTB H . 14.28 -6.47 20.41
C5 BTB H . 15.31 -7.17 19.62
C6 BTB H . 15.30 -6.53 18.23
O6 BTB H . 15.02 -7.54 17.25
C7 BTB H . 14.39 -5.04 20.74
C8 BTB H . 15.75 -4.50 20.29
O8 BTB H . 16.64 -5.02 21.28
CA CA I . 8.67 7.82 -25.53
C1 BTB J . 6.55 1.45 -24.45
O1 BTB J . 6.30 1.19 -23.07
C2 BTB J . 7.92 2.09 -24.62
C3 BTB J . 7.98 2.65 -26.05
O3 BTB J . 7.22 3.83 -26.17
C4 BTB J . 8.06 3.16 -23.53
O4 BTB J . 8.99 4.20 -23.88
N BTB J . 9.03 1.11 -24.59
C5 BTB J . 10.44 1.50 -24.47
C6 BTB J . 10.82 1.82 -23.02
O6 BTB J . 10.34 0.81 -22.15
C7 BTB J . 8.73 -0.30 -24.85
C8 BTB J . 9.01 -1.13 -23.60
O8 BTB J . 9.66 -2.32 -24.00
CA CA K . -17.28 -20.88 -6.54
C1 BTB L . -17.93 -17.02 -10.59
O1 BTB L . -17.27 -18.21 -10.16
C2 BTB L . -17.60 -15.81 -9.71
C3 BTB L . -17.88 -16.12 -8.24
O3 BTB L . -17.15 -17.25 -7.78
C4 BTB L . -16.15 -15.33 -9.84
O4 BTB L . -15.45 -15.91 -10.94
N BTB L . -18.46 -14.70 -10.18
C5 BTB L . -18.09 -14.00 -11.43
C6 BTB L . -19.21 -13.05 -11.85
O6 BTB L . -18.89 -11.72 -11.42
C7 BTB L . -19.71 -14.37 -9.44
C8 BTB L . -19.44 -13.37 -8.29
O8 BTB L . -18.09 -12.92 -8.32
#